data_6PCC
#
_entry.id   6PCC
#
_cell.length_a   111.393
_cell.length_b   116.397
_cell.length_c   127.902
_cell.angle_alpha   90.00
_cell.angle_beta   90.00
_cell.angle_gamma   90.00
#
_symmetry.space_group_name_H-M   'P 21 21 21'
#
loop_
_entity.id
_entity.type
_entity.pdbx_description
1 polymer 'Beta-ketoadipyl-CoA thiolase'
2 non-polymer 'COENZYME A'
3 non-polymer hexanal
4 non-polymer GLYCEROL
5 water water
#
_entity_poly.entity_id   1
_entity_poly.type   'polypeptide(L)'
_entity_poly.pdbx_seq_one_letter_code
;MHHHHHHSSGVDLGTENLYHQGSMHDVFICDAIRTPIGRFGGALASVRADDLAAVPLKALIERNPGVQWDQVDEVFFGCA
NQAGEDNRNVARMALLLAGLPESIPGVTLNRLCASGMDAVGTAFRAIASGEMELVIAGGVESMSRAPFVMGKAESAYSRN
MKLEDTTIGWRFINPLMKSQYGVDSMPETADNVADDYQVSRADQDAFALRSQQKAAAAQAAGFFAEEIVPVRIAHKKGEI
IVERDEHLRPETTLEALTKLKPVNGPDKTVTAGNASGVNDGAAAMILASAAAVKKHGLTPRARVLGMASGGVAPRVMGIG
PVPAVRKLTERLGIAVSDFDVIELNEAFASQGLAVLRELGVADDAPQVNPNGGAIALGAPLGMSGARLVLTALHQLEKSG
GRKGLATM(CSO)VGVGQGLALAIERV
;
_entity_poly.pdbx_strand_id   A,B,C,D
#
# COMPACT_ATOMS: atom_id res chain seq x y z
N GLN A 21 -41.02 -13.94 -35.67
CA GLN A 21 -39.50 -13.89 -35.76
C GLN A 21 -39.03 -13.68 -37.20
N GLY A 22 -38.20 -12.63 -37.44
CA GLY A 22 -37.72 -12.24 -38.76
C GLY A 22 -36.29 -12.70 -39.10
N SER A 23 -35.73 -12.21 -40.22
CA SER A 23 -34.42 -12.61 -40.75
C SER A 23 -33.29 -12.11 -39.87
N MET A 24 -32.17 -12.87 -39.81
CA MET A 24 -30.90 -12.35 -39.30
C MET A 24 -30.30 -11.38 -40.30
N HIS A 25 -29.50 -10.43 -39.82
CA HIS A 25 -28.92 -9.40 -40.67
C HIS A 25 -27.44 -9.71 -40.82
N ASP A 26 -26.92 -9.46 -42.03
CA ASP A 26 -25.51 -9.66 -42.34
C ASP A 26 -24.71 -8.58 -41.61
N VAL A 27 -23.44 -8.89 -41.27
CA VAL A 27 -22.66 -7.91 -40.53
C VAL A 27 -21.29 -7.74 -41.17
N PHE A 28 -20.91 -6.48 -41.37
CA PHE A 28 -19.67 -6.15 -42.06
C PHE A 28 -18.71 -5.41 -41.13
N ILE A 29 -17.45 -5.89 -41.14
CA ILE A 29 -16.33 -5.11 -40.62
C ILE A 29 -15.94 -4.08 -41.69
N CYS A 30 -15.80 -2.82 -41.27
CA CYS A 30 -15.36 -1.78 -42.19
C CYS A 30 -13.93 -1.35 -41.81
N ASP A 31 -13.70 -0.05 -41.56
CA ASP A 31 -12.36 0.45 -41.27
C ASP A 31 -11.86 -0.11 -39.94
N ALA A 32 -10.56 -0.39 -39.86
CA ALA A 32 -9.94 -0.81 -38.60
C ALA A 32 -8.57 -0.15 -38.44
N ILE A 33 -8.11 -0.02 -37.18
CA ILE A 33 -6.88 0.69 -36.90
C ILE A 33 -6.40 0.30 -35.51
N ARG A 34 -5.09 0.50 -35.25
CA ARG A 34 -4.49 0.19 -33.96
C ARG A 34 -3.33 1.14 -33.69
N THR A 35 -2.96 1.24 -32.41
CA THR A 35 -1.72 1.85 -32.00
C THR A 35 -0.59 0.87 -32.26
N PRO A 36 0.70 1.30 -32.17
CA PRO A 36 1.81 0.36 -32.08
C PRO A 36 1.65 -0.43 -30.78
N ILE A 37 2.37 -1.56 -30.68
CA ILE A 37 2.47 -2.26 -29.40
C ILE A 37 3.80 -1.93 -28.75
N GLY A 38 3.71 -1.43 -27.51
CA GLY A 38 4.87 -1.03 -26.73
C GLY A 38 5.31 -2.13 -25.75
N ARG A 39 6.61 -2.14 -25.43
CA ARG A 39 7.21 -3.00 -24.42
C ARG A 39 6.76 -2.52 -23.04
N PHE A 40 6.69 -3.46 -22.09
CA PHE A 40 6.53 -3.14 -20.68
C PHE A 40 7.58 -2.09 -20.30
N GLY A 41 7.11 -0.98 -19.70
CA GLY A 41 7.97 0.10 -19.26
C GLY A 41 8.60 0.88 -20.42
N GLY A 42 8.18 0.56 -21.65
CA GLY A 42 8.73 1.15 -22.88
C GLY A 42 7.96 2.35 -23.41
N ALA A 43 7.80 2.41 -24.74
CA ALA A 43 7.40 3.60 -25.49
C ALA A 43 6.02 4.14 -25.11
N LEU A 44 5.09 3.27 -24.67
CA LEU A 44 3.75 3.74 -24.38
C LEU A 44 3.49 3.76 -22.86
N ALA A 45 4.53 3.49 -22.05
CA ALA A 45 4.30 3.32 -20.61
C ALA A 45 3.71 4.54 -19.93
N SER A 46 3.89 5.76 -20.50
CA SER A 46 3.35 6.94 -19.86
C SER A 46 1.88 7.18 -20.20
N VAL A 47 1.30 6.34 -21.07
CA VAL A 47 -0.03 6.62 -21.57
C VAL A 47 -1.07 5.82 -20.79
N ARG A 48 -1.96 6.54 -20.12
CA ARG A 48 -3.10 5.99 -19.41
C ARG A 48 -3.94 5.12 -20.34
N ALA A 49 -4.44 4.01 -19.79
CA ALA A 49 -5.17 3.03 -20.57
C ALA A 49 -6.41 3.64 -21.24
N ASP A 50 -7.08 4.56 -20.53
CA ASP A 50 -8.29 5.16 -21.08
C ASP A 50 -7.94 6.11 -22.24
N ASP A 51 -6.87 6.91 -22.09
CA ASP A 51 -6.38 7.75 -23.16
C ASP A 51 -5.87 6.88 -24.31
N LEU A 52 -5.23 5.74 -23.98
CA LEU A 52 -4.68 4.88 -25.02
C LEU A 52 -5.82 4.30 -25.88
N ALA A 53 -6.88 3.84 -25.21
CA ALA A 53 -8.03 3.28 -25.91
C ALA A 53 -8.64 4.34 -26.83
N ALA A 54 -8.58 5.60 -26.40
CA ALA A 54 -9.16 6.70 -27.20
C ALA A 54 -8.38 6.90 -28.48
N VAL A 55 -7.11 6.46 -28.52
CA VAL A 55 -6.30 6.75 -29.69
C VAL A 55 -6.91 6.18 -30.98
N PRO A 56 -7.19 4.86 -31.07
CA PRO A 56 -7.80 4.33 -32.29
C PRO A 56 -9.19 4.87 -32.55
N LEU A 57 -9.93 5.28 -31.49
CA LEU A 57 -11.28 5.83 -31.71
C LEU A 57 -11.20 7.18 -32.42
N LYS A 58 -10.28 8.05 -31.97
CA LYS A 58 -10.10 9.33 -32.62
C LYS A 58 -9.66 9.14 -34.07
N ALA A 59 -8.86 8.10 -34.36
CA ALA A 59 -8.40 7.88 -35.72
C ALA A 59 -9.56 7.42 -36.60
N LEU A 60 -10.41 6.52 -36.07
CA LEU A 60 -11.58 6.11 -36.84
C LEU A 60 -12.44 7.33 -37.21
N ILE A 61 -12.58 8.31 -36.29
CA ILE A 61 -13.33 9.52 -36.58
C ILE A 61 -12.66 10.26 -37.73
N GLU A 62 -11.37 10.54 -37.58
CA GLU A 62 -10.61 11.22 -38.62
C GLU A 62 -10.73 10.49 -39.97
N ARG A 63 -10.73 9.15 -39.97
CA ARG A 63 -10.53 8.42 -41.22
C ARG A 63 -11.85 8.14 -41.94
N ASN A 64 -13.01 8.37 -41.31
CA ASN A 64 -14.29 8.09 -41.95
C ASN A 64 -15.21 9.30 -41.82
N PRO A 65 -14.97 10.37 -42.61
CA PRO A 65 -15.77 11.60 -42.50
C PRO A 65 -17.24 11.46 -42.88
N GLY A 66 -17.58 10.43 -43.67
CA GLY A 66 -18.94 10.15 -44.10
C GLY A 66 -19.88 9.72 -42.97
N VAL A 67 -19.32 9.28 -41.83
CA VAL A 67 -20.11 8.69 -40.77
C VAL A 67 -20.80 9.82 -39.98
N GLN A 68 -22.07 9.65 -39.66
CA GLN A 68 -22.75 10.52 -38.70
C GLN A 68 -22.60 9.92 -37.29
N TRP A 69 -21.63 10.43 -36.51
CA TRP A 69 -21.12 9.76 -35.32
C TRP A 69 -22.17 9.54 -34.24
N ASP A 70 -23.20 10.41 -34.21
CA ASP A 70 -24.24 10.32 -33.20
C ASP A 70 -25.16 9.13 -33.47
N GLN A 71 -24.84 8.35 -34.51
CA GLN A 71 -25.62 7.15 -34.82
C GLN A 71 -24.91 5.87 -34.35
N VAL A 72 -23.70 5.97 -33.78
CA VAL A 72 -23.09 4.78 -33.18
C VAL A 72 -23.99 4.24 -32.07
N ASP A 73 -24.41 2.98 -32.20
CA ASP A 73 -25.28 2.31 -31.24
C ASP A 73 -24.54 1.92 -29.94
N GLU A 74 -23.25 1.57 -30.03
CA GLU A 74 -22.51 1.06 -28.87
C GLU A 74 -21.03 1.02 -29.22
N VAL A 75 -20.18 1.31 -28.23
CA VAL A 75 -18.77 0.97 -28.30
C VAL A 75 -18.52 -0.22 -27.35
N PHE A 76 -18.06 -1.35 -27.90
CA PHE A 76 -17.69 -2.54 -27.15
C PHE A 76 -16.15 -2.67 -27.10
N PHE A 77 -15.58 -2.72 -25.90
CA PHE A 77 -14.13 -2.81 -25.76
C PHE A 77 -13.76 -3.93 -24.79
N GLY A 78 -12.73 -4.70 -25.16
CA GLY A 78 -12.14 -5.72 -24.29
C GLY A 78 -11.02 -5.12 -23.44
N CYS A 79 -10.92 -5.61 -22.18
CA CYS A 79 -9.94 -5.16 -21.21
C CYS A 79 -9.89 -6.21 -20.09
N ALA A 80 -8.71 -6.81 -19.87
CA ALA A 80 -8.56 -7.92 -18.94
C ALA A 80 -8.47 -7.48 -17.49
N ASN A 81 -8.06 -6.21 -17.25
CA ASN A 81 -7.64 -5.81 -15.90
C ASN A 81 -8.71 -4.98 -15.20
N GLN A 82 -8.84 -3.69 -15.56
CA GLN A 82 -9.94 -2.85 -15.10
C GLN A 82 -9.78 -2.42 -13.64
N ALA A 83 -8.56 -2.55 -13.08
CA ALA A 83 -8.31 -2.06 -11.74
C ALA A 83 -7.61 -0.70 -11.76
N GLY A 84 -7.04 -0.33 -12.93
CA GLY A 84 -6.18 0.84 -13.06
C GLY A 84 -6.89 2.03 -13.68
N GLU A 85 -6.22 2.74 -14.60
CA GLU A 85 -6.85 3.88 -15.28
C GLU A 85 -7.91 3.38 -16.26
N ASP A 86 -7.98 2.04 -16.41
CA ASP A 86 -8.99 1.37 -17.20
C ASP A 86 -10.22 1.01 -16.34
N ASN A 87 -10.35 1.58 -15.13
CA ASN A 87 -11.42 1.15 -14.24
C ASN A 87 -12.76 1.78 -14.65
N ARG A 88 -13.83 1.08 -14.24
N ARG A 88 -13.84 1.13 -14.21
CA ARG A 88 -15.20 1.57 -14.27
CA ARG A 88 -15.20 1.67 -14.29
C ARG A 88 -15.64 1.82 -15.71
C ARG A 88 -15.64 1.85 -15.74
N ASN A 89 -15.45 0.79 -16.54
CA ASN A 89 -16.00 0.74 -17.89
C ASN A 89 -15.17 1.61 -18.83
N VAL A 90 -13.97 1.10 -19.17
CA VAL A 90 -13.03 1.85 -19.98
C VAL A 90 -13.65 2.17 -21.35
N ALA A 91 -14.57 1.33 -21.84
CA ALA A 91 -15.16 1.58 -23.15
C ALA A 91 -15.80 2.97 -23.18
N ARG A 92 -16.57 3.27 -22.12
CA ARG A 92 -17.32 4.49 -22.01
C ARG A 92 -16.35 5.66 -21.73
N MET A 93 -15.35 5.42 -20.88
CA MET A 93 -14.32 6.42 -20.59
C MET A 93 -13.65 6.83 -21.91
N ALA A 94 -13.22 5.84 -22.70
CA ALA A 94 -12.46 6.10 -23.92
C ALA A 94 -13.31 6.85 -24.94
N LEU A 95 -14.59 6.47 -25.09
CA LEU A 95 -15.34 7.12 -26.16
C LEU A 95 -15.53 8.60 -25.86
N LEU A 96 -15.77 8.94 -24.57
CA LEU A 96 -15.88 10.32 -24.15
C LEU A 96 -14.57 11.07 -24.40
N LEU A 97 -13.45 10.43 -24.08
CA LEU A 97 -12.16 11.07 -24.25
C LEU A 97 -11.87 11.26 -25.74
N ALA A 98 -12.43 10.37 -26.57
CA ALA A 98 -12.13 10.35 -28.01
C ALA A 98 -12.89 11.48 -28.70
N GLY A 99 -13.83 12.10 -27.96
CA GLY A 99 -14.66 13.18 -28.47
C GLY A 99 -15.92 12.68 -29.18
N LEU A 100 -16.32 11.41 -28.99
CA LEU A 100 -17.63 10.97 -29.48
C LEU A 100 -18.71 11.53 -28.57
N PRO A 101 -19.94 11.80 -29.06
CA PRO A 101 -20.95 12.48 -28.25
C PRO A 101 -21.36 11.62 -27.06
N GLU A 102 -21.88 12.30 -26.01
CA GLU A 102 -22.21 11.67 -24.74
C GLU A 102 -23.39 10.71 -24.86
N SER A 103 -24.10 10.78 -26.01
CA SER A 103 -25.27 9.97 -26.29
C SER A 103 -24.89 8.54 -26.68
N ILE A 104 -23.60 8.29 -26.93
CA ILE A 104 -23.13 6.97 -27.34
C ILE A 104 -22.82 6.11 -26.10
N PRO A 105 -23.49 4.95 -25.94
CA PRO A 105 -23.22 3.99 -24.84
C PRO A 105 -21.93 3.21 -25.05
N GLY A 106 -21.33 2.72 -23.96
CA GLY A 106 -20.19 1.82 -24.07
C GLY A 106 -20.25 0.70 -23.03
N VAL A 107 -19.55 -0.41 -23.30
CA VAL A 107 -19.55 -1.54 -22.37
C VAL A 107 -18.21 -2.25 -22.55
N THR A 108 -17.68 -2.81 -21.47
CA THR A 108 -16.35 -3.41 -21.47
C THR A 108 -16.47 -4.92 -21.24
N LEU A 109 -15.74 -5.73 -22.02
CA LEU A 109 -15.82 -7.18 -21.90
C LEU A 109 -14.48 -7.73 -21.42
N ASN A 110 -14.55 -8.85 -20.68
CA ASN A 110 -13.38 -9.43 -20.06
C ASN A 110 -13.45 -10.94 -20.20
N ARG A 111 -12.72 -11.45 -21.20
CA ARG A 111 -12.31 -12.84 -21.28
C ARG A 111 -10.79 -12.83 -21.43
N LEU A 112 -10.12 -12.07 -20.54
CA LEU A 112 -8.66 -12.09 -20.46
C LEU A 112 -8.06 -11.84 -21.84
N CYS A 113 -7.13 -12.70 -22.32
CA CYS A 113 -6.40 -12.39 -23.54
C CYS A 113 -7.31 -12.40 -24.76
N ALA A 114 -8.56 -12.90 -24.62
CA ALA A 114 -9.50 -12.95 -25.72
C ALA A 114 -10.49 -11.77 -25.74
N SER A 115 -10.38 -10.83 -24.77
CA SER A 115 -11.33 -9.76 -24.57
C SER A 115 -11.63 -8.98 -25.86
N GLY A 116 -10.59 -8.65 -26.62
CA GLY A 116 -10.79 -7.81 -27.80
C GLY A 116 -11.53 -8.52 -28.93
N MET A 117 -11.36 -9.84 -29.05
CA MET A 117 -12.06 -10.64 -30.04
C MET A 117 -13.50 -10.84 -29.58
N ASP A 118 -13.70 -11.01 -28.27
CA ASP A 118 -15.04 -11.07 -27.68
C ASP A 118 -15.85 -9.81 -28.00
N ALA A 119 -15.20 -8.64 -27.97
CA ALA A 119 -15.79 -7.35 -28.37
C ALA A 119 -16.32 -7.40 -29.81
N VAL A 120 -15.52 -7.93 -30.73
CA VAL A 120 -15.93 -8.05 -32.13
C VAL A 120 -17.13 -8.99 -32.26
N GLY A 121 -17.04 -10.20 -31.67
CA GLY A 121 -18.12 -11.15 -31.84
C GLY A 121 -19.40 -10.69 -31.14
N THR A 122 -19.27 -9.97 -30.02
CA THR A 122 -20.42 -9.48 -29.27
C THR A 122 -21.08 -8.38 -30.11
N ALA A 123 -20.27 -7.47 -30.65
CA ALA A 123 -20.77 -6.48 -31.60
C ALA A 123 -21.56 -7.15 -32.73
N PHE A 124 -20.94 -8.14 -33.41
CA PHE A 124 -21.56 -8.94 -34.47
C PHE A 124 -22.94 -9.47 -34.09
N ARG A 125 -23.07 -10.08 -32.91
CA ARG A 125 -24.33 -10.65 -32.46
C ARG A 125 -25.40 -9.58 -32.25
N ALA A 126 -24.98 -8.38 -31.79
CA ALA A 126 -25.93 -7.31 -31.53
C ALA A 126 -26.55 -6.85 -32.86
N ILE A 127 -25.73 -6.79 -33.91
CA ILE A 127 -26.20 -6.38 -35.23
C ILE A 127 -26.97 -7.52 -35.90
N ALA A 128 -26.41 -8.74 -35.83
CA ALA A 128 -27.04 -9.89 -36.46
C ALA A 128 -28.47 -10.07 -35.93
N SER A 129 -28.67 -9.81 -34.64
CA SER A 129 -29.97 -10.01 -34.03
C SER A 129 -30.88 -8.80 -34.22
N GLY A 130 -30.43 -7.83 -35.02
CA GLY A 130 -31.23 -6.64 -35.38
C GLY A 130 -31.37 -5.61 -34.26
N GLU A 131 -30.56 -5.74 -33.19
CA GLU A 131 -30.72 -4.81 -32.08
C GLU A 131 -29.92 -3.52 -32.30
N MET A 132 -28.96 -3.53 -33.23
CA MET A 132 -28.10 -2.37 -33.51
C MET A 132 -27.79 -2.33 -35.01
N GLU A 133 -27.31 -1.17 -35.51
CA GLU A 133 -26.94 -0.99 -36.91
C GLU A 133 -25.46 -0.66 -37.10
N LEU A 134 -24.91 0.20 -36.22
CA LEU A 134 -23.55 0.71 -36.39
C LEU A 134 -22.83 0.73 -35.03
N VAL A 135 -21.69 0.03 -34.95
CA VAL A 135 -21.04 -0.17 -33.66
C VAL A 135 -19.54 -0.07 -33.85
N ILE A 136 -18.83 0.20 -32.74
CA ILE A 136 -17.38 0.09 -32.71
C ILE A 136 -17.01 -1.00 -31.73
N ALA A 137 -16.04 -1.84 -32.12
CA ALA A 137 -15.52 -2.90 -31.27
C ALA A 137 -13.99 -2.79 -31.23
N GLY A 138 -13.42 -2.94 -30.03
CA GLY A 138 -11.97 -2.88 -29.91
C GLY A 138 -11.50 -3.45 -28.58
N GLY A 139 -10.26 -3.08 -28.20
CA GLY A 139 -9.65 -3.56 -26.97
C GLY A 139 -8.40 -2.73 -26.66
N VAL A 140 -8.04 -2.77 -25.38
CA VAL A 140 -6.94 -2.01 -24.79
C VAL A 140 -6.37 -2.83 -23.63
N GLU A 141 -5.06 -2.74 -23.47
CA GLU A 141 -4.44 -3.07 -22.20
C GLU A 141 -3.24 -2.15 -22.03
N SER A 142 -3.11 -1.52 -20.86
CA SER A 142 -1.80 -1.01 -20.47
C SER A 142 -1.23 -1.88 -19.36
N MET A 143 -0.44 -2.88 -19.72
CA MET A 143 0.14 -3.77 -18.72
C MET A 143 1.27 -3.05 -17.97
N SER A 144 1.95 -2.11 -18.63
CA SER A 144 2.88 -1.20 -17.95
C SER A 144 2.24 -0.59 -16.70
N ARG A 145 1.02 -0.09 -16.87
CA ARG A 145 0.40 0.73 -15.83
C ARG A 145 -0.52 -0.06 -14.91
N ALA A 146 -0.57 -1.39 -15.04
CA ALA A 146 -1.44 -2.21 -14.18
C ALA A 146 -1.08 -1.91 -12.73
N PRO A 147 -2.06 -1.59 -11.84
CA PRO A 147 -1.77 -1.19 -10.46
C PRO A 147 -1.52 -2.40 -9.56
N PHE A 148 -1.13 -2.13 -8.31
CA PHE A 148 -1.17 -3.10 -7.22
C PHE A 148 -2.52 -3.00 -6.53
N VAL A 149 -2.96 -4.12 -5.92
CA VAL A 149 -4.22 -4.17 -5.21
C VAL A 149 -3.97 -4.66 -3.78
N MET A 150 -4.77 -4.15 -2.84
CA MET A 150 -4.65 -4.55 -1.46
C MET A 150 -6.04 -4.82 -0.90
N GLY A 151 -6.30 -6.06 -0.46
CA GLY A 151 -7.57 -6.38 0.16
C GLY A 151 -7.82 -5.54 1.41
N LYS A 152 -9.09 -5.27 1.73
CA LYS A 152 -9.43 -4.58 2.96
C LYS A 152 -9.08 -5.47 4.17
N ALA A 153 -8.80 -4.81 5.31
CA ALA A 153 -8.66 -5.52 6.57
C ALA A 153 -9.99 -6.19 6.90
N GLU A 154 -9.94 -7.38 7.52
N GLU A 154 -9.90 -7.37 7.52
CA GLU A 154 -11.14 -8.08 7.94
CA GLU A 154 -11.02 -8.19 7.94
C GLU A 154 -11.47 -7.76 9.40
C GLU A 154 -11.12 -8.20 9.47
N SER A 155 -10.49 -7.19 10.10
CA SER A 155 -10.61 -6.94 11.54
C SER A 155 -9.85 -5.68 11.93
N ALA A 156 -10.20 -5.08 13.07
CA ALA A 156 -9.52 -3.92 13.60
C ALA A 156 -8.09 -4.33 13.94
N TYR A 157 -7.11 -3.52 13.51
CA TYR A 157 -5.70 -3.74 13.85
C TYR A 157 -5.21 -5.06 13.27
N SER A 158 -5.76 -5.46 12.12
CA SER A 158 -5.28 -6.65 11.42
C SER A 158 -3.80 -6.46 11.08
N ARG A 159 -3.01 -7.54 11.26
CA ARG A 159 -1.59 -7.58 10.94
C ARG A 159 -1.36 -8.22 9.56
N ASN A 160 -2.45 -8.45 8.81
CA ASN A 160 -2.35 -9.23 7.57
C ASN A 160 -2.77 -8.41 6.35
N MET A 161 -2.08 -7.33 6.06
CA MET A 161 -2.40 -6.58 4.86
C MET A 161 -1.32 -6.93 3.85
N LYS A 162 -1.68 -6.97 2.55
CA LYS A 162 -0.79 -7.45 1.50
C LYS A 162 -1.02 -6.70 0.18
N LEU A 163 0.06 -6.37 -0.54
CA LEU A 163 0.01 -5.80 -1.88
C LEU A 163 0.25 -6.90 -2.90
N GLU A 164 -0.52 -6.88 -4.00
CA GLU A 164 -0.27 -7.81 -5.10
C GLU A 164 -0.33 -7.08 -6.44
N ASP A 165 0.54 -7.54 -7.34
CA ASP A 165 0.72 -6.97 -8.67
C ASP A 165 -0.36 -7.50 -9.62
N THR A 166 -1.00 -6.62 -10.39
CA THR A 166 -2.06 -7.06 -11.28
C THR A 166 -1.60 -7.11 -12.74
N THR A 167 -0.29 -6.99 -12.97
CA THR A 167 0.24 -6.86 -14.31
C THR A 167 -0.23 -8.05 -15.16
N ILE A 168 -0.11 -9.26 -14.61
CA ILE A 168 -0.60 -10.46 -15.27
C ILE A 168 -0.69 -11.58 -14.26
N GLY A 169 -1.63 -12.50 -14.42
CA GLY A 169 -1.57 -13.74 -13.66
C GLY A 169 -2.34 -13.64 -12.32
N TRP A 170 -2.14 -14.64 -11.45
CA TRP A 170 -2.98 -14.84 -10.29
C TRP A 170 -2.78 -13.76 -9.23
N ARG A 171 -3.91 -13.28 -8.70
CA ARG A 171 -3.91 -12.58 -7.42
C ARG A 171 -5.22 -12.86 -6.70
N PHE A 172 -5.26 -12.58 -5.39
CA PHE A 172 -6.36 -12.98 -4.52
C PHE A 172 -6.73 -14.45 -4.77
N ILE A 173 -5.73 -15.36 -4.74
CA ILE A 173 -5.94 -16.77 -4.97
C ILE A 173 -6.97 -17.33 -4.01
N ASN A 174 -7.95 -18.08 -4.56
CA ASN A 174 -8.94 -18.82 -3.81
C ASN A 174 -8.35 -20.19 -3.47
N PRO A 175 -8.27 -20.59 -2.18
CA PRO A 175 -7.81 -21.93 -1.81
C PRO A 175 -8.54 -23.02 -2.59
N LEU A 176 -9.86 -22.86 -2.77
CA LEU A 176 -10.71 -23.82 -3.47
C LEU A 176 -10.30 -23.96 -4.94
N MET A 177 -9.95 -22.85 -5.59
CA MET A 177 -9.47 -22.90 -6.98
C MET A 177 -8.13 -23.67 -7.05
N LYS A 178 -7.21 -23.32 -6.13
CA LYS A 178 -5.90 -23.94 -6.07
C LYS A 178 -6.01 -25.45 -5.85
N SER A 179 -6.83 -25.87 -4.87
N SER A 179 -6.88 -25.90 -4.93
CA SER A 179 -7.01 -27.30 -4.60
CA SER A 179 -6.98 -27.32 -4.59
C SER A 179 -7.46 -28.03 -5.86
C SER A 179 -7.68 -28.16 -5.65
N GLN A 180 -8.54 -27.55 -6.46
CA GLN A 180 -9.23 -28.32 -7.47
C GLN A 180 -8.52 -28.26 -8.83
N TYR A 181 -8.04 -27.08 -9.23
CA TYR A 181 -7.61 -26.87 -10.61
C TYR A 181 -6.16 -26.41 -10.65
N GLY A 182 -5.62 -26.07 -9.49
CA GLY A 182 -4.30 -25.46 -9.39
C GLY A 182 -4.35 -23.98 -9.77
N VAL A 183 -3.25 -23.27 -9.48
CA VAL A 183 -3.11 -21.89 -9.92
C VAL A 183 -1.77 -21.72 -10.65
N ASP A 184 -1.56 -22.55 -11.68
CA ASP A 184 -0.35 -22.50 -12.50
C ASP A 184 -0.25 -21.10 -13.12
N SER A 185 0.99 -20.63 -13.22
CA SER A 185 1.22 -19.39 -13.93
C SER A 185 1.05 -19.71 -15.41
N MET A 186 0.89 -18.67 -16.24
CA MET A 186 0.69 -18.88 -17.66
C MET A 186 1.91 -19.56 -18.27
N PRO A 187 3.17 -19.12 -18.02
CA PRO A 187 4.31 -19.93 -18.46
C PRO A 187 4.27 -21.39 -17.96
N GLU A 188 3.79 -21.61 -16.72
CA GLU A 188 3.70 -22.97 -16.20
C GLU A 188 2.73 -23.80 -17.03
N THR A 189 1.56 -23.22 -17.36
CA THR A 189 0.59 -23.91 -18.20
C THR A 189 1.20 -24.22 -19.56
N ALA A 190 2.06 -23.31 -20.07
CA ALA A 190 2.72 -23.58 -21.34
C ALA A 190 3.74 -24.72 -21.22
N ASP A 191 4.44 -24.84 -20.07
CA ASP A 191 5.27 -26.01 -19.86
C ASP A 191 4.43 -27.29 -19.84
N ASN A 192 3.21 -27.21 -19.24
CA ASN A 192 2.31 -28.34 -19.08
C ASN A 192 1.87 -28.82 -20.46
N VAL A 193 1.55 -27.84 -21.33
CA VAL A 193 1.19 -28.14 -22.70
C VAL A 193 2.38 -28.79 -23.42
N ALA A 194 3.59 -28.22 -23.25
CA ALA A 194 4.80 -28.78 -23.87
C ALA A 194 4.95 -30.26 -23.47
N ASP A 195 4.79 -30.56 -22.17
CA ASP A 195 4.93 -31.93 -21.68
C ASP A 195 3.83 -32.86 -22.20
N ASP A 196 2.57 -32.48 -21.98
CA ASP A 196 1.41 -33.30 -22.25
C ASP A 196 1.23 -33.53 -23.75
N TYR A 197 1.62 -32.56 -24.60
CA TYR A 197 1.41 -32.73 -26.03
C TYR A 197 2.73 -33.01 -26.74
N GLN A 198 3.82 -33.09 -25.96
CA GLN A 198 5.16 -33.40 -26.45
C GLN A 198 5.60 -32.44 -27.55
N VAL A 199 5.72 -31.16 -27.16
CA VAL A 199 6.23 -30.13 -28.06
C VAL A 199 7.62 -29.78 -27.56
N SER A 200 8.65 -30.16 -28.35
CA SER A 200 10.06 -30.04 -27.98
C SER A 200 10.51 -28.58 -27.97
N ARG A 201 11.49 -28.31 -27.08
CA ARG A 201 12.17 -27.03 -27.05
C ARG A 201 12.56 -26.60 -28.46
N ALA A 202 13.12 -27.55 -29.24
CA ALA A 202 13.68 -27.21 -30.54
C ALA A 202 12.58 -26.67 -31.45
N ASP A 203 11.45 -27.38 -31.44
CA ASP A 203 10.32 -27.02 -32.27
C ASP A 203 9.75 -25.67 -31.84
N GLN A 204 9.75 -25.42 -30.53
CA GLN A 204 9.28 -24.14 -29.99
C GLN A 204 10.18 -23.01 -30.49
N ASP A 205 11.51 -23.22 -30.44
CA ASP A 205 12.43 -22.15 -30.82
C ASP A 205 12.32 -21.90 -32.32
N ALA A 206 12.15 -22.95 -33.11
CA ALA A 206 12.04 -22.77 -34.56
C ALA A 206 10.76 -21.97 -34.87
N PHE A 207 9.70 -22.23 -34.10
CA PHE A 207 8.44 -21.52 -34.31
C PHE A 207 8.61 -20.03 -33.98
N ALA A 208 9.29 -19.76 -32.86
CA ALA A 208 9.55 -18.42 -32.37
C ALA A 208 10.41 -17.67 -33.39
N LEU A 209 11.35 -18.39 -34.03
CA LEU A 209 12.27 -17.75 -34.97
C LEU A 209 11.50 -17.28 -36.20
N ARG A 210 10.64 -18.17 -36.71
CA ARG A 210 9.86 -17.86 -37.89
C ARG A 210 8.95 -16.66 -37.60
N SER A 211 8.48 -16.55 -36.35
CA SER A 211 7.63 -15.43 -35.99
C SER A 211 8.42 -14.12 -36.06
N GLN A 212 9.62 -14.10 -35.45
CA GLN A 212 10.51 -12.94 -35.58
C GLN A 212 10.81 -12.62 -37.05
N GLN A 213 11.15 -13.63 -37.86
CA GLN A 213 11.53 -13.41 -39.25
C GLN A 213 10.36 -12.81 -40.03
N LYS A 214 9.18 -13.43 -39.88
CA LYS A 214 8.01 -13.01 -40.65
C LYS A 214 7.58 -11.59 -40.25
N ALA A 215 7.62 -11.27 -38.95
CA ALA A 215 7.24 -9.94 -38.48
C ALA A 215 8.21 -8.88 -38.99
N ALA A 216 9.51 -9.20 -38.99
CA ALA A 216 10.55 -8.30 -39.46
C ALA A 216 10.28 -7.93 -40.93
N ALA A 217 9.96 -8.94 -41.75
CA ALA A 217 9.66 -8.79 -43.16
C ALA A 217 8.39 -7.94 -43.33
N ALA A 218 7.33 -8.26 -42.55
CA ALA A 218 6.11 -7.45 -42.64
C ALA A 218 6.40 -5.99 -42.24
N GLN A 219 7.24 -5.79 -41.21
CA GLN A 219 7.51 -4.41 -40.81
C GLN A 219 8.22 -3.66 -41.92
N ALA A 220 9.28 -4.26 -42.47
CA ALA A 220 10.04 -3.68 -43.57
C ALA A 220 9.13 -3.45 -44.77
N ALA A 221 8.20 -4.36 -45.02
CA ALA A 221 7.26 -4.23 -46.13
C ALA A 221 6.30 -3.07 -45.92
N GLY A 222 6.21 -2.52 -44.70
CA GLY A 222 5.23 -1.47 -44.41
C GLY A 222 3.82 -2.01 -44.12
N PHE A 223 3.69 -3.32 -43.87
CA PHE A 223 2.41 -3.94 -43.60
C PHE A 223 1.83 -3.45 -42.27
N PHE A 224 2.66 -3.39 -41.20
CA PHE A 224 2.13 -2.91 -39.93
C PHE A 224 1.81 -1.42 -40.02
N ALA A 225 2.60 -0.67 -40.81
CA ALA A 225 2.33 0.75 -40.98
C ALA A 225 0.92 1.01 -41.53
N GLU A 226 0.37 0.09 -42.33
CA GLU A 226 -0.97 0.30 -42.85
C GLU A 226 -2.01 0.16 -41.74
N GLU A 227 -1.68 -0.55 -40.66
CA GLU A 227 -2.62 -0.82 -39.57
C GLU A 227 -2.53 0.24 -38.46
N ILE A 228 -1.49 1.07 -38.47
CA ILE A 228 -1.04 1.81 -37.30
C ILE A 228 -1.38 3.30 -37.42
N VAL A 229 -1.90 3.87 -36.32
CA VAL A 229 -1.84 5.30 -36.09
C VAL A 229 -0.87 5.60 -34.95
N PRO A 230 -0.14 6.73 -35.02
CA PRO A 230 0.90 7.04 -34.04
C PRO A 230 0.27 7.40 -32.69
N VAL A 231 1.02 7.22 -31.60
CA VAL A 231 0.60 7.73 -30.30
C VAL A 231 1.49 8.92 -29.91
N ARG A 232 0.89 10.00 -29.40
CA ARG A 232 1.66 11.18 -29.02
C ARG A 232 2.08 11.05 -27.56
N ILE A 233 3.35 11.39 -27.27
CA ILE A 233 3.95 11.22 -25.95
C ILE A 233 4.48 12.56 -25.46
N ALA A 234 4.14 12.93 -24.21
CA ALA A 234 4.65 14.14 -23.59
C ALA A 234 6.15 14.05 -23.41
N HIS A 235 6.84 15.13 -23.78
CA HIS A 235 8.28 15.22 -23.62
C HIS A 235 8.69 16.66 -23.37
N LYS A 236 9.75 16.84 -22.59
CA LYS A 236 10.41 18.13 -22.48
C LYS A 236 10.92 18.54 -23.86
N LYS A 237 10.67 19.81 -24.21
CA LYS A 237 11.11 20.38 -25.47
C LYS A 237 10.20 19.94 -26.61
N GLY A 238 9.05 19.32 -26.30
CA GLY A 238 8.06 19.03 -27.32
C GLY A 238 7.73 17.54 -27.43
N GLU A 239 6.44 17.25 -27.60
CA GLU A 239 5.95 15.88 -27.62
C GLU A 239 6.55 15.13 -28.81
N ILE A 240 6.70 13.82 -28.62
CA ILE A 240 7.20 12.96 -29.68
C ILE A 240 6.10 12.00 -30.11
N ILE A 241 6.34 11.26 -31.20
CA ILE A 241 5.37 10.27 -31.65
C ILE A 241 6.02 8.90 -31.58
N VAL A 242 5.19 7.89 -31.29
CA VAL A 242 5.56 6.49 -31.38
C VAL A 242 4.80 5.91 -32.58
N GLU A 243 5.53 5.36 -33.56
CA GLU A 243 4.95 4.97 -34.84
C GLU A 243 5.08 3.47 -35.08
N ARG A 244 6.07 2.83 -34.44
CA ARG A 244 6.46 1.47 -34.81
C ARG A 244 6.27 0.55 -33.61
N ASP A 245 5.86 -0.71 -33.85
CA ASP A 245 5.82 -1.75 -32.83
C ASP A 245 7.23 -1.96 -32.24
N GLU A 246 7.31 -2.06 -30.89
CA GLU A 246 8.56 -1.96 -30.14
C GLU A 246 9.09 -3.34 -29.76
N HIS A 247 8.24 -4.37 -29.75
CA HIS A 247 8.61 -5.65 -29.17
C HIS A 247 9.51 -6.47 -30.10
N LEU A 248 9.52 -6.15 -31.41
CA LEU A 248 10.12 -7.04 -32.39
C LEU A 248 11.62 -7.23 -32.07
N ARG A 249 12.13 -8.46 -32.25
CA ARG A 249 13.58 -8.68 -32.17
C ARG A 249 14.09 -9.24 -33.49
N PRO A 250 14.19 -8.41 -34.56
CA PRO A 250 14.44 -8.90 -35.91
C PRO A 250 15.76 -9.64 -36.05
N GLU A 251 16.69 -9.43 -35.11
CA GLU A 251 18.00 -10.06 -35.25
C GLU A 251 18.03 -11.45 -34.60
N THR A 252 16.90 -11.93 -34.09
CA THR A 252 16.87 -13.19 -33.36
C THR A 252 17.45 -14.31 -34.23
N THR A 253 18.27 -15.18 -33.61
CA THR A 253 18.76 -16.40 -34.26
C THR A 253 18.43 -17.62 -33.39
N LEU A 254 18.29 -18.78 -34.05
CA LEU A 254 18.10 -20.07 -33.38
C LEU A 254 19.14 -20.22 -32.27
N GLU A 255 20.37 -19.79 -32.56
CA GLU A 255 21.45 -19.90 -31.59
C GLU A 255 21.13 -19.11 -30.31
N ALA A 256 20.64 -17.87 -30.44
CA ALA A 256 20.33 -17.13 -29.22
C ALA A 256 19.14 -17.75 -28.48
N LEU A 257 18.13 -18.24 -29.22
CA LEU A 257 16.96 -18.88 -28.62
C LEU A 257 17.41 -20.10 -27.83
N THR A 258 18.41 -20.82 -28.37
CA THR A 258 18.81 -22.12 -27.86
C THR A 258 19.50 -21.94 -26.51
N LYS A 259 20.12 -20.76 -26.31
CA LYS A 259 20.93 -20.53 -25.13
C LYS A 259 20.11 -19.97 -23.97
N LEU A 260 18.86 -19.56 -24.22
CA LEU A 260 18.09 -18.97 -23.12
C LEU A 260 17.73 -20.02 -22.08
N LYS A 261 17.67 -19.61 -20.81
CA LYS A 261 17.24 -20.49 -19.74
C LYS A 261 15.71 -20.46 -19.65
N PRO A 262 15.05 -21.61 -19.33
CA PRO A 262 13.59 -21.62 -19.25
C PRO A 262 13.12 -20.80 -18.05
N VAL A 263 11.90 -20.24 -18.17
CA VAL A 263 11.31 -19.42 -17.12
C VAL A 263 11.19 -20.20 -15.82
N ASN A 264 10.86 -21.49 -15.89
CA ASN A 264 10.39 -22.18 -14.69
C ASN A 264 11.37 -23.24 -14.20
N GLY A 265 12.66 -23.06 -14.47
CA GLY A 265 13.63 -23.99 -13.92
C GLY A 265 14.26 -24.83 -15.02
N PRO A 266 15.39 -25.50 -14.71
CA PRO A 266 16.31 -26.00 -15.75
C PRO A 266 15.82 -27.16 -16.59
N ASP A 267 14.77 -27.86 -16.13
CA ASP A 267 14.24 -29.04 -16.80
C ASP A 267 13.08 -28.70 -17.74
N LYS A 268 12.73 -27.41 -17.88
CA LYS A 268 11.50 -26.98 -18.56
C LYS A 268 11.84 -26.53 -19.98
N THR A 269 10.89 -25.95 -20.74
CA THR A 269 11.12 -25.67 -22.15
C THR A 269 10.72 -24.24 -22.54
N VAL A 270 9.76 -23.65 -21.84
CA VAL A 270 9.31 -22.31 -22.13
C VAL A 270 10.32 -21.26 -21.64
N THR A 271 10.71 -20.34 -22.52
CA THR A 271 11.64 -19.26 -22.21
C THR A 271 11.03 -17.93 -22.64
N ALA A 272 11.65 -16.81 -22.23
CA ALA A 272 11.19 -15.50 -22.66
C ALA A 272 11.28 -15.37 -24.18
N GLY A 273 12.17 -16.13 -24.82
CA GLY A 273 12.33 -16.12 -26.27
C GLY A 273 11.22 -16.87 -27.02
N ASN A 274 10.52 -17.83 -26.40
CA ASN A 274 9.50 -18.56 -27.13
C ASN A 274 8.09 -18.30 -26.56
N ALA A 275 7.97 -17.20 -25.81
CA ALA A 275 6.73 -16.74 -25.22
C ALA A 275 6.40 -15.34 -25.72
N SER A 276 5.10 -15.02 -25.78
CA SER A 276 4.64 -13.65 -25.92
C SER A 276 5.17 -12.81 -24.76
N GLY A 277 5.21 -11.49 -24.93
CA GLY A 277 5.58 -10.62 -23.82
C GLY A 277 4.37 -9.99 -23.12
N VAL A 278 4.69 -9.09 -22.16
CA VAL A 278 3.77 -8.22 -21.46
C VAL A 278 3.88 -6.85 -22.13
N ASN A 279 2.76 -6.26 -22.56
CA ASN A 279 2.81 -5.14 -23.50
C ASN A 279 1.63 -4.17 -23.34
N ASP A 280 1.72 -3.01 -24.04
CA ASP A 280 0.70 -1.97 -24.06
C ASP A 280 0.21 -1.74 -25.50
N GLY A 281 -1.10 -1.44 -25.65
CA GLY A 281 -1.61 -1.11 -26.98
C GLY A 281 -3.14 -1.04 -27.02
N ALA A 282 -3.71 -0.53 -28.13
CA ALA A 282 -5.15 -0.45 -28.30
C ALA A 282 -5.49 -0.57 -29.77
N ALA A 283 -6.71 -1.03 -30.08
CA ALA A 283 -7.19 -1.23 -31.45
C ALA A 283 -8.70 -1.10 -31.47
N ALA A 284 -9.25 -0.73 -32.63
CA ALA A 284 -10.70 -0.60 -32.78
C ALA A 284 -11.11 -0.67 -34.25
N MET A 285 -12.38 -1.04 -34.51
CA MET A 285 -12.87 -1.21 -35.87
C MET A 285 -14.38 -1.02 -35.87
N ILE A 286 -14.92 -0.62 -37.04
CA ILE A 286 -16.35 -0.41 -37.24
C ILE A 286 -16.98 -1.71 -37.73
N LEU A 287 -18.15 -2.05 -37.16
CA LEU A 287 -19.03 -3.06 -37.70
C LEU A 287 -20.36 -2.38 -37.99
N ALA A 288 -21.01 -2.81 -39.09
CA ALA A 288 -22.24 -2.20 -39.59
C ALA A 288 -23.09 -3.21 -40.34
N SER A 289 -24.42 -3.02 -40.29
CA SER A 289 -25.35 -3.74 -41.13
C SER A 289 -25.27 -3.17 -42.54
N ALA A 290 -25.85 -3.86 -43.55
CA ALA A 290 -25.87 -3.35 -44.92
C ALA A 290 -26.47 -1.94 -45.01
N ALA A 291 -27.59 -1.69 -44.30
CA ALA A 291 -28.23 -0.38 -44.31
C ALA A 291 -27.30 0.70 -43.74
N ALA A 292 -26.63 0.39 -42.62
CA ALA A 292 -25.66 1.32 -42.07
C ALA A 292 -24.46 1.52 -43.00
N VAL A 293 -23.97 0.44 -43.64
CA VAL A 293 -22.86 0.56 -44.60
C VAL A 293 -23.25 1.61 -45.65
N LYS A 294 -24.46 1.48 -46.19
CA LYS A 294 -24.94 2.40 -47.22
C LYS A 294 -25.06 3.82 -46.66
N LYS A 295 -25.77 3.98 -45.54
CA LYS A 295 -26.17 5.28 -45.00
C LYS A 295 -24.95 6.09 -44.58
N HIS A 296 -23.86 5.43 -44.13
CA HIS A 296 -22.73 6.17 -43.60
C HIS A 296 -21.55 6.20 -44.57
N GLY A 297 -21.76 5.72 -45.81
CA GLY A 297 -20.70 5.69 -46.79
C GLY A 297 -19.44 4.92 -46.37
N LEU A 298 -19.62 3.80 -45.65
CA LEU A 298 -18.51 2.95 -45.26
C LEU A 298 -18.18 1.99 -46.39
N THR A 299 -16.92 1.50 -46.39
CA THR A 299 -16.47 0.42 -47.27
C THR A 299 -16.65 -0.91 -46.53
N PRO A 300 -17.58 -1.80 -46.96
CA PRO A 300 -17.67 -3.12 -46.34
C PRO A 300 -16.40 -3.88 -46.72
N ARG A 301 -15.67 -4.43 -45.73
CA ARG A 301 -14.44 -5.11 -46.10
C ARG A 301 -14.55 -6.62 -45.92
N ALA A 302 -15.33 -7.04 -44.91
CA ALA A 302 -15.61 -8.45 -44.70
C ALA A 302 -16.98 -8.61 -44.03
N ARG A 303 -17.52 -9.82 -44.17
CA ARG A 303 -18.70 -10.26 -43.46
C ARG A 303 -18.19 -11.05 -42.26
N VAL A 304 -18.83 -10.87 -41.09
CA VAL A 304 -18.54 -11.75 -39.98
C VAL A 304 -19.35 -13.04 -40.15
N LEU A 305 -18.70 -14.19 -39.97
CA LEU A 305 -19.40 -15.46 -40.17
C LEU A 305 -19.92 -15.98 -38.83
N GLY A 306 -19.08 -15.92 -37.79
CA GLY A 306 -19.52 -16.31 -36.46
C GLY A 306 -18.38 -16.39 -35.45
N MET A 307 -18.75 -16.61 -34.18
CA MET A 307 -17.77 -16.75 -33.10
C MET A 307 -18.14 -17.96 -32.24
N ALA A 308 -17.13 -18.71 -31.80
CA ALA A 308 -17.45 -19.71 -30.79
C ALA A 308 -16.37 -19.70 -29.71
N SER A 309 -16.76 -20.14 -28.49
CA SER A 309 -15.86 -20.28 -27.35
C SER A 309 -15.86 -21.74 -26.87
N GLY A 310 -14.79 -22.09 -26.15
CA GLY A 310 -14.63 -23.42 -25.60
C GLY A 310 -13.81 -23.36 -24.31
N GLY A 311 -13.99 -24.36 -23.45
CA GLY A 311 -13.25 -24.46 -22.20
C GLY A 311 -12.37 -25.71 -22.17
N VAL A 312 -11.26 -25.62 -21.43
CA VAL A 312 -10.32 -26.71 -21.21
C VAL A 312 -9.85 -26.65 -19.75
N ALA A 313 -9.02 -27.63 -19.36
CA ALA A 313 -8.40 -27.60 -18.04
C ALA A 313 -7.58 -26.32 -17.90
N PRO A 314 -7.76 -25.52 -16.81
CA PRO A 314 -6.86 -24.39 -16.54
C PRO A 314 -5.38 -24.71 -16.72
N ARG A 315 -4.94 -25.88 -16.25
CA ARG A 315 -3.53 -26.23 -16.24
C ARG A 315 -2.96 -26.39 -17.66
N VAL A 316 -3.81 -26.58 -18.69
CA VAL A 316 -3.38 -26.59 -20.07
C VAL A 316 -4.14 -25.57 -20.92
N MET A 317 -4.22 -24.34 -20.41
CA MET A 317 -5.04 -23.28 -21.00
C MET A 317 -4.72 -23.05 -22.48
N GLY A 318 -3.45 -23.27 -22.87
CA GLY A 318 -3.00 -23.03 -24.24
C GLY A 318 -3.73 -23.83 -25.33
N ILE A 319 -4.33 -24.98 -24.97
CA ILE A 319 -4.99 -25.83 -25.95
C ILE A 319 -6.45 -25.39 -26.16
N GLY A 320 -6.90 -24.39 -25.36
CA GLY A 320 -8.24 -23.83 -25.45
C GLY A 320 -8.72 -23.53 -26.88
N PRO A 321 -7.88 -23.05 -27.82
CA PRO A 321 -8.36 -22.83 -29.20
C PRO A 321 -8.97 -24.05 -29.87
N VAL A 322 -8.57 -25.26 -29.43
CA VAL A 322 -8.99 -26.46 -30.16
C VAL A 322 -10.51 -26.63 -30.09
N PRO A 323 -11.14 -26.73 -28.89
CA PRO A 323 -12.61 -26.83 -28.81
C PRO A 323 -13.34 -25.65 -29.46
N ALA A 324 -12.78 -24.45 -29.32
CA ALA A 324 -13.38 -23.25 -29.88
C ALA A 324 -13.44 -23.33 -31.40
N VAL A 325 -12.31 -23.68 -32.03
CA VAL A 325 -12.27 -23.80 -33.48
C VAL A 325 -13.18 -24.94 -33.94
N ARG A 326 -13.17 -26.06 -33.21
CA ARG A 326 -13.97 -27.18 -33.68
C ARG A 326 -15.45 -26.80 -33.60
N LYS A 327 -15.87 -26.22 -32.47
CA LYS A 327 -17.24 -25.78 -32.30
C LYS A 327 -17.63 -24.83 -33.44
N LEU A 328 -16.79 -23.83 -33.71
CA LEU A 328 -17.14 -22.84 -34.74
C LEU A 328 -17.27 -23.48 -36.11
N THR A 329 -16.20 -24.14 -36.57
CA THR A 329 -16.14 -24.60 -37.95
C THR A 329 -17.20 -25.69 -38.18
N GLU A 330 -17.51 -26.50 -37.16
CA GLU A 330 -18.51 -27.55 -37.28
C GLU A 330 -19.90 -26.93 -37.52
N ARG A 331 -20.26 -25.90 -36.73
CA ARG A 331 -21.54 -25.25 -36.90
C ARG A 331 -21.62 -24.53 -38.25
N LEU A 332 -20.53 -23.89 -38.68
CA LEU A 332 -20.55 -23.20 -39.96
C LEU A 332 -20.39 -24.16 -41.15
N GLY A 333 -19.98 -25.42 -40.93
CA GLY A 333 -19.70 -26.33 -42.04
C GLY A 333 -18.54 -25.87 -42.91
N ILE A 334 -17.42 -25.47 -42.29
CA ILE A 334 -16.21 -25.05 -42.96
C ILE A 334 -15.07 -25.87 -42.38
N ALA A 335 -14.21 -26.40 -43.24
CA ALA A 335 -13.08 -27.15 -42.73
C ALA A 335 -11.98 -26.16 -42.38
N VAL A 336 -11.16 -26.50 -41.39
CA VAL A 336 -10.01 -25.68 -41.01
C VAL A 336 -9.15 -25.37 -42.25
N SER A 337 -9.00 -26.38 -43.12
CA SER A 337 -8.16 -26.30 -44.32
C SER A 337 -8.74 -25.37 -45.38
N ASP A 338 -9.98 -24.88 -45.17
CA ASP A 338 -10.63 -23.99 -46.12
C ASP A 338 -10.18 -22.53 -45.90
N PHE A 339 -9.57 -22.22 -44.75
CA PHE A 339 -9.28 -20.83 -44.45
C PHE A 339 -8.01 -20.37 -45.17
N ASP A 340 -8.05 -19.16 -45.75
CA ASP A 340 -6.93 -18.57 -46.47
C ASP A 340 -5.96 -17.92 -45.49
N VAL A 341 -6.42 -17.52 -44.31
CA VAL A 341 -5.48 -17.09 -43.28
C VAL A 341 -5.94 -17.65 -41.95
N ILE A 342 -4.98 -18.06 -41.14
CA ILE A 342 -5.29 -18.37 -39.76
C ILE A 342 -4.39 -17.46 -38.95
N GLU A 343 -5.02 -16.54 -38.22
CA GLU A 343 -4.32 -15.80 -37.19
C GLU A 343 -4.51 -16.56 -35.87
N LEU A 344 -3.45 -17.28 -35.49
CA LEU A 344 -3.41 -18.03 -34.23
C LEU A 344 -2.53 -17.28 -33.25
N ASN A 345 -3.14 -16.91 -32.11
CA ASN A 345 -2.48 -16.15 -31.07
C ASN A 345 -1.25 -16.90 -30.58
N GLU A 346 -0.11 -16.20 -30.48
CA GLU A 346 1.14 -16.82 -30.04
C GLU A 346 1.42 -16.49 -28.57
N ALA A 347 0.55 -16.90 -27.65
CA ALA A 347 0.83 -16.77 -26.22
C ALA A 347 2.17 -17.45 -25.89
N PHE A 348 2.34 -18.67 -26.43
CA PHE A 348 3.57 -19.44 -26.28
C PHE A 348 3.73 -20.34 -27.50
N ALA A 349 4.98 -20.57 -27.91
CA ALA A 349 5.22 -21.43 -29.06
C ALA A 349 4.66 -22.82 -28.77
N SER A 350 4.75 -23.22 -27.49
CA SER A 350 4.34 -24.57 -27.15
C SER A 350 2.86 -24.80 -27.47
N GLN A 351 2.02 -23.84 -27.04
CA GLN A 351 0.58 -24.01 -27.24
C GLN A 351 0.22 -23.75 -28.70
N GLY A 352 0.95 -22.81 -29.32
CA GLY A 352 0.72 -22.49 -30.72
C GLY A 352 0.91 -23.75 -31.56
N LEU A 353 2.02 -24.45 -31.29
CA LEU A 353 2.31 -25.70 -31.97
C LEU A 353 1.31 -26.79 -31.59
N ALA A 354 0.96 -26.88 -30.30
CA ALA A 354 0.12 -28.00 -29.91
C ALA A 354 -1.27 -27.86 -30.55
N VAL A 355 -1.72 -26.60 -30.73
CA VAL A 355 -3.03 -26.36 -31.30
C VAL A 355 -3.07 -26.80 -32.78
N LEU A 356 -2.06 -26.36 -33.54
CA LEU A 356 -1.95 -26.65 -34.96
C LEU A 356 -1.94 -28.16 -35.20
N ARG A 357 -1.19 -28.87 -34.33
CA ARG A 357 -1.03 -30.31 -34.43
C ARG A 357 -2.37 -31.01 -34.20
N GLU A 358 -3.11 -30.56 -33.19
CA GLU A 358 -4.44 -31.09 -32.94
C GLU A 358 -5.38 -30.79 -34.09
N LEU A 359 -5.21 -29.66 -34.77
CA LEU A 359 -6.15 -29.26 -35.80
C LEU A 359 -5.71 -29.83 -37.17
N GLY A 360 -4.58 -30.55 -37.18
CA GLY A 360 -4.12 -31.19 -38.41
C GLY A 360 -3.46 -30.23 -39.39
N VAL A 361 -2.93 -29.12 -38.85
CA VAL A 361 -2.29 -28.11 -39.68
C VAL A 361 -0.78 -28.12 -39.40
N ALA A 362 0.05 -28.12 -40.47
CA ALA A 362 1.49 -28.20 -40.35
C ALA A 362 2.03 -27.09 -39.44
N ASP A 363 3.10 -27.38 -38.70
CA ASP A 363 3.77 -26.41 -37.84
C ASP A 363 4.18 -25.12 -38.58
N ASP A 364 4.34 -25.16 -39.92
CA ASP A 364 4.88 -24.00 -40.66
C ASP A 364 3.99 -23.67 -41.86
N ALA A 365 2.72 -24.08 -41.77
CA ALA A 365 1.73 -23.86 -42.82
C ALA A 365 1.73 -22.40 -43.30
N PRO A 366 1.81 -22.14 -44.63
CA PRO A 366 2.04 -20.78 -45.12
C PRO A 366 0.88 -19.86 -44.76
N GLN A 367 -0.31 -20.43 -44.56
CA GLN A 367 -1.47 -19.59 -44.26
C GLN A 367 -1.53 -19.18 -42.79
N VAL A 368 -0.65 -19.75 -41.95
CA VAL A 368 -0.66 -19.48 -40.51
C VAL A 368 0.27 -18.31 -40.16
N ASN A 369 -0.31 -17.27 -39.57
CA ASN A 369 0.47 -16.14 -39.07
C ASN A 369 1.51 -15.73 -40.12
N PRO A 370 1.11 -15.38 -41.36
CA PRO A 370 2.08 -15.06 -42.41
C PRO A 370 2.91 -13.80 -42.10
N ASN A 371 2.48 -13.01 -41.11
CA ASN A 371 3.23 -11.80 -40.79
C ASN A 371 3.81 -11.85 -39.36
N GLY A 372 3.93 -13.06 -38.80
CA GLY A 372 4.35 -13.29 -37.43
C GLY A 372 3.20 -13.03 -36.46
N GLY A 373 3.49 -13.11 -35.15
CA GLY A 373 2.47 -12.86 -34.13
C GLY A 373 3.09 -12.46 -32.79
N ALA A 374 2.34 -12.74 -31.70
CA ALA A 374 2.60 -12.19 -30.37
C ALA A 374 4.02 -12.44 -29.87
N ILE A 375 4.71 -13.49 -30.35
CA ILE A 375 6.10 -13.67 -29.91
C ILE A 375 6.93 -12.45 -30.33
N ALA A 376 6.73 -11.97 -31.56
CA ALA A 376 7.49 -10.83 -32.06
C ALA A 376 6.83 -9.53 -31.65
N LEU A 377 5.50 -9.52 -31.78
CA LEU A 377 4.69 -8.30 -31.69
C LEU A 377 4.35 -7.93 -30.24
N GLY A 378 4.26 -8.91 -29.35
CA GLY A 378 3.80 -8.68 -27.99
C GLY A 378 2.27 -8.81 -27.88
N ALA A 379 1.71 -8.69 -26.67
CA ALA A 379 0.32 -9.08 -26.52
C ALA A 379 -0.32 -8.37 -25.35
N PRO A 380 -0.75 -7.09 -25.53
CA PRO A 380 -1.53 -6.40 -24.49
C PRO A 380 -2.86 -7.14 -24.45
N LEU A 381 -3.19 -7.72 -23.29
CA LEU A 381 -4.25 -8.73 -23.24
C LEU A 381 -5.52 -8.25 -23.95
N GLY A 382 -6.12 -7.15 -23.46
CA GLY A 382 -7.36 -6.61 -24.00
C GLY A 382 -7.33 -6.31 -25.50
N MET A 383 -6.17 -5.88 -26.01
CA MET A 383 -6.08 -5.43 -27.40
C MET A 383 -5.91 -6.61 -28.35
N SER A 384 -5.28 -7.70 -27.90
CA SER A 384 -4.74 -8.72 -28.82
C SER A 384 -5.79 -9.33 -29.75
N GLY A 385 -6.98 -9.61 -29.19
CA GLY A 385 -8.00 -10.29 -29.98
C GLY A 385 -8.54 -9.41 -31.09
N ALA A 386 -8.60 -8.09 -30.84
CA ALA A 386 -9.02 -7.10 -31.83
C ALA A 386 -7.95 -6.99 -32.92
N ARG A 387 -6.66 -6.97 -32.53
CA ARG A 387 -5.59 -6.97 -33.51
C ARG A 387 -5.71 -8.19 -34.44
N LEU A 388 -5.93 -9.39 -33.86
CA LEU A 388 -5.93 -10.62 -34.63
C LEU A 388 -7.00 -10.53 -35.70
N VAL A 389 -8.17 -9.97 -35.35
CA VAL A 389 -9.28 -9.91 -36.29
C VAL A 389 -8.95 -8.95 -37.42
N LEU A 390 -8.43 -7.75 -37.06
CA LEU A 390 -8.24 -6.76 -38.10
C LEU A 390 -7.08 -7.18 -39.02
N THR A 391 -6.08 -7.86 -38.46
CA THR A 391 -4.87 -8.20 -39.21
C THR A 391 -5.19 -9.36 -40.15
N ALA A 392 -6.04 -10.28 -39.69
CA ALA A 392 -6.51 -11.36 -40.54
C ALA A 392 -7.17 -10.77 -41.79
N LEU A 393 -8.08 -9.80 -41.61
CA LEU A 393 -8.79 -9.15 -42.69
C LEU A 393 -7.78 -8.43 -43.61
N HIS A 394 -6.86 -7.69 -43.00
CA HIS A 394 -5.79 -7.02 -43.71
C HIS A 394 -5.05 -7.99 -44.63
N GLN A 395 -4.68 -9.15 -44.08
CA GLN A 395 -3.92 -10.15 -44.82
C GLN A 395 -4.72 -10.73 -45.99
N LEU A 396 -6.03 -11.01 -45.76
CA LEU A 396 -6.94 -11.44 -46.83
C LEU A 396 -6.93 -10.41 -47.97
N GLU A 397 -6.95 -9.12 -47.62
CA GLU A 397 -6.93 -8.08 -48.64
C GLU A 397 -5.65 -8.15 -49.46
N LYS A 398 -4.50 -8.26 -48.79
CA LYS A 398 -3.23 -8.29 -49.50
C LYS A 398 -3.13 -9.53 -50.39
N SER A 399 -3.64 -10.66 -49.91
CA SER A 399 -3.40 -11.92 -50.57
C SER A 399 -4.50 -12.27 -51.56
N GLY A 400 -5.65 -11.56 -51.51
CA GLY A 400 -6.83 -11.91 -52.28
C GLY A 400 -7.51 -13.17 -51.75
N GLY A 401 -7.11 -13.65 -50.57
CA GLY A 401 -7.84 -14.77 -49.97
C GLY A 401 -9.30 -14.42 -49.65
N ARG A 402 -10.10 -15.45 -49.34
CA ARG A 402 -11.52 -15.30 -49.06
C ARG A 402 -11.80 -15.40 -47.56
N LYS A 403 -11.65 -16.60 -46.98
CA LYS A 403 -12.04 -16.81 -45.59
C LYS A 403 -10.83 -16.74 -44.65
N GLY A 404 -11.06 -16.12 -43.47
CA GLY A 404 -10.03 -16.13 -42.45
C GLY A 404 -10.56 -16.57 -41.08
N LEU A 405 -9.64 -17.18 -40.33
CA LEU A 405 -9.92 -17.62 -38.98
C LEU A 405 -8.96 -16.92 -38.02
N ALA A 406 -9.50 -16.36 -36.93
CA ALA A 406 -8.68 -15.84 -35.86
C ALA A 406 -9.07 -16.56 -34.58
N THR A 407 -8.05 -16.99 -33.83
CA THR A 407 -8.38 -17.78 -32.65
C THR A 407 -7.30 -17.60 -31.57
N MET A 408 -7.71 -17.69 -30.32
CA MET A 408 -6.72 -17.51 -29.24
C MET A 408 -7.09 -18.26 -27.97
N VAL A 410 -6.92 -18.39 -23.54
CA VAL A 410 -7.47 -17.56 -22.47
C VAL A 410 -6.98 -18.17 -21.17
N GLY A 411 -6.43 -17.35 -20.29
CA GLY A 411 -6.07 -17.87 -18.98
C GLY A 411 -7.25 -18.53 -18.26
N VAL A 412 -6.91 -19.52 -17.41
CA VAL A 412 -7.87 -20.30 -16.63
C VAL A 412 -8.70 -21.20 -17.55
N GLY A 413 -8.15 -21.50 -18.73
CA GLY A 413 -8.61 -22.59 -19.57
C GLY A 413 -9.77 -22.23 -20.50
N GLN A 414 -9.57 -21.26 -21.42
CA GLN A 414 -10.53 -21.11 -22.52
C GLN A 414 -9.86 -20.90 -23.86
N GLY A 415 -10.71 -20.92 -24.90
CA GLY A 415 -10.37 -20.56 -26.26
C GLY A 415 -11.53 -19.81 -26.93
N LEU A 416 -11.20 -18.98 -27.91
CA LEU A 416 -12.16 -18.19 -28.66
C LEU A 416 -11.73 -18.18 -30.13
N ALA A 417 -12.71 -18.27 -31.04
CA ALA A 417 -12.45 -18.38 -32.47
C ALA A 417 -13.48 -17.53 -33.21
N LEU A 418 -13.03 -16.76 -34.19
CA LEU A 418 -13.91 -15.94 -34.99
C LEU A 418 -13.52 -16.08 -36.47
N ALA A 419 -14.53 -16.35 -37.34
CA ALA A 419 -14.35 -16.47 -38.78
C ALA A 419 -14.93 -15.27 -39.53
N ILE A 420 -14.18 -14.80 -40.54
CA ILE A 420 -14.63 -13.71 -41.40
C ILE A 420 -14.50 -14.13 -42.86
N GLU A 421 -15.07 -13.31 -43.76
CA GLU A 421 -15.00 -13.55 -45.20
C GLU A 421 -14.95 -12.22 -45.95
N ARG A 422 -13.87 -12.03 -46.69
CA ARG A 422 -13.60 -10.82 -47.45
C ARG A 422 -14.74 -10.54 -48.42
N VAL A 423 -15.02 -9.24 -48.59
CA VAL A 423 -15.95 -8.56 -49.49
C VAL A 423 -17.39 -8.70 -49.00
N SER B 23 33.95 15.64 41.43
CA SER B 23 33.70 16.25 40.09
C SER B 23 32.39 15.72 39.48
N MET B 24 32.18 14.40 39.45
CA MET B 24 30.86 13.89 39.05
C MET B 24 29.82 14.31 40.07
N HIS B 25 28.61 14.60 39.59
CA HIS B 25 27.50 14.98 40.45
C HIS B 25 26.61 13.77 40.69
N ASP B 26 26.12 13.62 41.93
CA ASP B 26 25.12 12.61 42.25
C ASP B 26 23.83 12.92 41.50
N VAL B 27 23.08 11.88 41.10
CA VAL B 27 21.83 11.98 40.38
C VAL B 27 20.76 11.18 41.11
N PHE B 28 19.58 11.79 41.34
CA PHE B 28 18.51 11.10 42.05
C PHE B 28 17.28 10.90 41.17
N ILE B 29 16.74 9.68 41.20
CA ILE B 29 15.40 9.44 40.68
C ILE B 29 14.39 9.94 41.72
N CYS B 30 13.43 10.75 41.25
CA CYS B 30 12.38 11.28 42.10
C CYS B 30 11.06 10.63 41.69
N ASP B 31 10.02 11.43 41.46
CA ASP B 31 8.72 10.85 41.14
C ASP B 31 8.79 10.04 39.84
N ALA B 32 7.96 8.98 39.78
CA ALA B 32 7.84 8.10 38.62
C ALA B 32 6.40 7.61 38.51
N ILE B 33 5.91 7.42 37.28
CA ILE B 33 4.53 7.04 37.03
C ILE B 33 4.42 6.35 35.67
N ARG B 34 3.39 5.48 35.51
CA ARG B 34 3.16 4.78 34.25
C ARG B 34 1.65 4.70 33.96
N THR B 35 1.34 4.49 32.67
CA THR B 35 0.03 4.06 32.23
C THR B 35 -0.11 2.59 32.61
N PRO B 36 -1.34 2.02 32.62
CA PRO B 36 -1.51 0.55 32.58
C PRO B 36 -0.93 0.01 31.27
N ILE B 37 -0.68 -1.31 31.21
CA ILE B 37 -0.23 -1.97 29.99
C ILE B 37 -1.42 -2.67 29.34
N GLY B 38 -1.73 -2.29 28.10
CA GLY B 38 -2.86 -2.85 27.35
C GLY B 38 -2.45 -3.99 26.41
N ARG B 39 -3.42 -4.87 26.10
CA ARG B 39 -3.22 -5.99 25.19
C ARG B 39 -3.21 -5.44 23.78
N PHE B 40 -2.53 -6.13 22.84
CA PHE B 40 -2.62 -5.80 21.43
C PHE B 40 -4.09 -5.76 21.02
N GLY B 41 -4.54 -4.63 20.44
CA GLY B 41 -5.92 -4.52 19.99
C GLY B 41 -6.90 -4.32 21.15
N GLY B 42 -6.38 -4.12 22.36
CA GLY B 42 -7.18 -4.07 23.58
C GLY B 42 -7.46 -2.65 24.08
N ALA B 43 -7.31 -2.45 25.41
CA ALA B 43 -7.82 -1.27 26.09
C ALA B 43 -7.25 0.06 25.57
N LEU B 44 -6.00 0.09 25.11
CA LEU B 44 -5.38 1.36 24.72
C LEU B 44 -5.17 1.46 23.21
N ALA B 45 -5.74 0.53 22.44
CA ALA B 45 -5.47 0.42 21.00
C ALA B 45 -5.86 1.68 20.21
N SER B 46 -6.79 2.49 20.74
CA SER B 46 -7.23 3.72 20.08
C SER B 46 -6.31 4.90 20.38
N VAL B 47 -5.37 4.73 21.32
CA VAL B 47 -4.56 5.86 21.77
C VAL B 47 -3.26 5.96 20.98
N ARG B 48 -3.08 7.08 20.27
CA ARG B 48 -1.86 7.37 19.51
C ARG B 48 -0.64 7.32 20.44
N ALA B 49 0.47 6.75 19.93
CA ALA B 49 1.70 6.63 20.69
C ALA B 49 2.13 7.97 21.28
N ASP B 50 2.03 9.08 20.52
CA ASP B 50 2.45 10.39 21.03
C ASP B 50 1.54 10.86 22.18
N ASP B 51 0.22 10.68 21.99
CA ASP B 51 -0.74 11.00 23.03
C ASP B 51 -0.50 10.10 24.24
N LEU B 52 -0.23 8.80 24.01
CA LEU B 52 0.02 7.89 25.12
C LEU B 52 1.25 8.30 25.94
N ALA B 53 2.34 8.64 25.23
CA ALA B 53 3.55 9.15 25.87
C ALA B 53 3.24 10.36 26.77
N ALA B 54 2.29 11.19 26.32
CA ALA B 54 2.00 12.43 27.02
C ALA B 54 1.29 12.16 28.35
N VAL B 55 0.69 10.97 28.51
CA VAL B 55 -0.11 10.70 29.71
C VAL B 55 0.73 10.73 30.97
N PRO B 56 1.86 10.01 31.08
CA PRO B 56 2.71 10.11 32.28
C PRO B 56 3.33 11.50 32.47
N LEU B 57 3.56 12.23 31.37
CA LEU B 57 4.19 13.52 31.49
C LEU B 57 3.22 14.47 32.18
N LYS B 58 1.96 14.49 31.72
CA LYS B 58 0.96 15.37 32.30
C LYS B 58 0.77 14.99 33.77
N ALA B 59 0.85 13.70 34.10
CA ALA B 59 0.71 13.27 35.49
C ALA B 59 1.87 13.78 36.36
N LEU B 60 3.09 13.74 35.81
CA LEU B 60 4.23 14.27 36.53
C LEU B 60 4.00 15.74 36.89
N ILE B 61 3.37 16.50 35.98
CA ILE B 61 3.08 17.91 36.27
C ILE B 61 2.12 17.97 37.47
N GLU B 62 1.02 17.21 37.40
CA GLU B 62 -0.02 17.20 38.42
C GLU B 62 0.57 16.76 39.77
N ARG B 63 1.55 15.85 39.75
CA ARG B 63 2.06 15.19 40.95
C ARG B 63 3.17 15.99 41.61
N ASN B 64 3.73 16.99 40.93
CA ASN B 64 4.92 17.65 41.45
C ASN B 64 4.74 19.16 41.39
N PRO B 65 3.89 19.75 42.29
CA PRO B 65 3.54 21.16 42.19
C PRO B 65 4.66 22.18 42.41
N GLY B 66 5.80 21.77 42.96
CA GLY B 66 6.85 22.72 43.27
C GLY B 66 7.81 22.97 42.10
N VAL B 67 7.70 22.17 41.03
CA VAL B 67 8.59 22.27 39.88
C VAL B 67 8.29 23.56 39.12
N GLN B 68 9.34 24.30 38.75
CA GLN B 68 9.21 25.34 37.73
C GLN B 68 9.49 24.65 36.38
N TRP B 69 8.45 24.37 35.62
CA TRP B 69 8.52 23.43 34.49
C TRP B 69 9.44 23.93 33.38
N ASP B 70 9.60 25.25 33.25
CA ASP B 70 10.47 25.75 32.21
C ASP B 70 11.95 25.54 32.53
N GLN B 71 12.26 24.86 33.64
N GLN B 71 12.28 24.87 33.65
CA GLN B 71 13.65 24.58 34.01
CA GLN B 71 13.67 24.57 33.99
C GLN B 71 14.06 23.16 33.60
C GLN B 71 14.00 23.09 33.78
N VAL B 72 13.11 22.35 33.10
CA VAL B 72 13.42 20.98 32.72
C VAL B 72 14.40 21.05 31.55
N ASP B 73 15.56 20.41 31.67
CA ASP B 73 16.62 20.57 30.67
C ASP B 73 16.43 19.68 29.42
N GLU B 74 15.73 18.54 29.57
CA GLU B 74 15.59 17.56 28.48
C GLU B 74 14.54 16.51 28.85
N VAL B 75 13.74 16.11 27.87
CA VAL B 75 12.94 14.89 27.96
C VAL B 75 13.61 13.79 27.11
N PHE B 76 13.96 12.66 27.74
CA PHE B 76 14.58 11.56 27.03
C PHE B 76 13.57 10.42 27.03
N PHE B 77 13.20 9.93 25.83
CA PHE B 77 12.20 8.86 25.77
C PHE B 77 12.71 7.72 24.91
N GLY B 78 12.43 6.49 25.37
CA GLY B 78 12.71 5.30 24.61
C GLY B 78 11.52 4.95 23.72
N CYS B 79 11.79 4.55 22.47
CA CYS B 79 10.76 4.09 21.53
C CYS B 79 11.41 3.21 20.44
N ALA B 80 10.92 1.97 20.26
CA ALA B 80 11.58 0.98 19.40
C ALA B 80 11.24 1.14 17.92
N ASN B 81 10.08 1.72 17.61
CA ASN B 81 9.52 1.66 16.26
C ASN B 81 9.78 2.97 15.52
N GLN B 82 8.96 4.00 15.83
CA GLN B 82 9.17 5.37 15.35
C GLN B 82 8.71 5.54 13.89
N ALA B 83 7.93 4.56 13.36
CA ALA B 83 7.43 4.63 11.98
C ALA B 83 6.01 5.19 11.94
N GLY B 84 5.30 5.09 13.09
CA GLY B 84 3.89 5.43 13.24
C GLY B 84 3.64 6.82 13.80
N GLU B 85 2.61 6.95 14.65
CA GLU B 85 2.28 8.23 15.27
C GLU B 85 3.36 8.61 16.30
N ASP B 86 4.34 7.72 16.51
CA ASP B 86 5.54 7.93 17.31
C ASP B 86 6.72 8.43 16.46
N ASN B 87 6.48 8.79 15.19
CA ASN B 87 7.51 9.23 14.25
C ASN B 87 8.02 10.64 14.57
N ARG B 88 9.27 10.90 14.14
N ARG B 88 9.28 10.89 14.18
CA ARG B 88 9.90 12.21 14.17
CA ARG B 88 9.89 12.21 14.16
C ARG B 88 10.05 12.73 15.60
C ARG B 88 10.13 12.76 15.58
N ASN B 89 10.63 11.89 16.48
CA ASN B 89 11.13 12.27 17.80
C ASN B 89 9.97 12.43 18.76
N VAL B 90 9.46 11.27 19.20
CA VAL B 90 8.23 11.20 19.95
C VAL B 90 8.42 11.92 21.30
N ALA B 91 9.66 11.99 21.81
CA ALA B 91 9.94 12.70 23.06
C ALA B 91 9.45 14.14 22.98
N ARG B 92 9.77 14.80 21.88
CA ARG B 92 9.43 16.20 21.69
C ARG B 92 7.94 16.35 21.38
N MET B 93 7.37 15.43 20.59
CA MET B 93 5.94 15.48 20.30
C MET B 93 5.18 15.38 21.62
N ALA B 94 5.60 14.42 22.45
CA ALA B 94 4.96 14.09 23.71
C ALA B 94 4.99 15.24 24.72
N LEU B 95 6.15 15.90 24.89
CA LEU B 95 6.25 17.00 25.84
C LEU B 95 5.33 18.17 25.45
N LEU B 96 5.23 18.44 24.14
CA LEU B 96 4.36 19.49 23.66
C LEU B 96 2.90 19.12 23.89
N LEU B 97 2.51 17.87 23.56
CA LEU B 97 1.14 17.44 23.79
C LEU B 97 0.78 17.44 25.28
N ALA B 98 1.78 17.23 26.16
CA ALA B 98 1.55 17.16 27.59
C ALA B 98 1.31 18.55 28.18
N GLY B 99 1.59 19.60 27.40
CA GLY B 99 1.39 20.93 27.94
C GLY B 99 2.67 21.50 28.57
N LEU B 100 3.82 20.84 28.37
CA LEU B 100 5.08 21.38 28.89
C LEU B 100 5.53 22.55 28.03
N PRO B 101 6.26 23.56 28.55
CA PRO B 101 6.67 24.71 27.73
C PRO B 101 7.48 24.30 26.50
N GLU B 102 7.37 25.09 25.42
CA GLU B 102 7.98 24.72 24.15
C GLU B 102 9.49 24.91 24.23
N SER B 103 9.95 25.55 25.29
CA SER B 103 11.38 25.78 25.47
C SER B 103 12.12 24.51 25.89
N ILE B 104 11.39 23.43 26.26
CA ILE B 104 12.02 22.20 26.75
C ILE B 104 12.34 21.28 25.57
N PRO B 105 13.62 20.89 25.39
CA PRO B 105 14.01 19.97 24.32
C PRO B 105 13.70 18.50 24.62
N GLY B 106 13.77 17.67 23.58
CA GLY B 106 13.43 16.26 23.71
C GLY B 106 14.19 15.45 22.68
N VAL B 107 14.52 14.19 23.02
CA VAL B 107 15.30 13.32 22.16
C VAL B 107 14.79 11.90 22.45
N THR B 108 14.76 11.06 21.40
CA THR B 108 14.19 9.72 21.45
C THR B 108 15.31 8.69 21.28
N LEU B 109 15.31 7.64 22.12
CA LEU B 109 16.36 6.63 22.07
C LEU B 109 15.79 5.27 21.65
N ASN B 110 16.59 4.50 20.90
CA ASN B 110 16.14 3.21 20.38
C ASN B 110 17.22 2.20 20.68
N ARG B 111 16.98 1.37 21.70
CA ARG B 111 17.71 0.13 21.84
C ARG B 111 16.70 -1.02 21.96
N LEU B 112 15.70 -1.01 21.06
CA LEU B 112 14.59 -1.96 21.06
C LEU B 112 13.96 -2.06 22.46
N CYS B 113 13.84 -3.28 23.02
CA CYS B 113 13.14 -3.45 24.29
C CYS B 113 13.87 -2.73 25.44
N ALA B 114 15.15 -2.37 25.28
CA ALA B 114 15.87 -1.76 26.38
C ALA B 114 15.73 -0.24 26.30
N SER B 115 15.00 0.27 25.29
CA SER B 115 15.01 1.70 24.97
C SER B 115 14.68 2.57 26.20
N GLY B 116 13.64 2.21 26.95
CA GLY B 116 13.25 3.04 28.10
C GLY B 116 14.30 3.02 29.22
N MET B 117 14.99 1.89 29.38
CA MET B 117 16.07 1.83 30.36
C MET B 117 17.22 2.73 29.89
N ASP B 118 17.47 2.78 28.57
CA ASP B 118 18.55 3.59 28.01
C ASP B 118 18.26 5.08 28.29
N ALA B 119 16.99 5.45 28.19
CA ALA B 119 16.56 6.81 28.45
C ALA B 119 16.97 7.25 29.87
N VAL B 120 16.73 6.39 30.86
CA VAL B 120 17.09 6.67 32.24
C VAL B 120 18.61 6.82 32.35
N GLY B 121 19.34 5.81 31.82
CA GLY B 121 20.79 5.79 31.90
C GLY B 121 21.45 7.02 31.27
N THR B 122 20.96 7.39 30.07
CA THR B 122 21.41 8.57 29.33
C THR B 122 21.12 9.85 30.12
N ALA B 123 19.90 9.94 30.64
CA ALA B 123 19.50 11.03 31.51
C ALA B 123 20.51 11.19 32.67
N PHE B 124 20.86 10.04 33.28
CA PHE B 124 21.79 9.96 34.38
C PHE B 124 23.16 10.51 34.00
N ARG B 125 23.67 10.13 32.82
CA ARG B 125 25.00 10.53 32.43
C ARG B 125 25.00 12.03 32.13
N ALA B 126 23.86 12.55 31.67
CA ALA B 126 23.77 13.98 31.38
C ALA B 126 23.92 14.81 32.67
N ILE B 127 23.30 14.34 33.76
CA ILE B 127 23.29 15.13 34.99
C ILE B 127 24.62 14.92 35.72
N ALA B 128 25.07 13.66 35.76
CA ALA B 128 26.31 13.26 36.39
C ALA B 128 27.50 14.03 35.80
N SER B 129 27.46 14.26 34.48
CA SER B 129 28.55 14.96 33.81
C SER B 129 28.45 16.48 33.99
N GLY B 130 27.42 16.95 34.71
CA GLY B 130 27.18 18.37 34.95
C GLY B 130 26.62 19.14 33.75
N GLU B 131 26.11 18.44 32.72
CA GLU B 131 25.61 19.16 31.56
C GLU B 131 24.14 19.54 31.74
N MET B 132 23.47 18.97 32.74
CA MET B 132 22.08 19.26 33.06
C MET B 132 21.84 19.08 34.57
N GLU B 133 20.65 19.50 35.01
CA GLU B 133 20.27 19.50 36.42
C GLU B 133 18.94 18.79 36.63
N LEU B 134 17.97 18.99 35.72
CA LEU B 134 16.63 18.45 35.91
C LEU B 134 16.13 17.86 34.59
N VAL B 135 15.70 16.60 34.61
CA VAL B 135 15.33 15.96 33.35
C VAL B 135 14.19 14.98 33.57
N ILE B 136 13.50 14.63 32.47
CA ILE B 136 12.52 13.56 32.50
C ILE B 136 13.03 12.43 31.60
N ALA B 137 12.91 11.18 32.09
CA ALA B 137 13.24 10.02 31.28
C ALA B 137 12.06 9.05 31.30
N GLY B 138 11.75 8.44 30.16
CA GLY B 138 10.64 7.50 30.07
C GLY B 138 10.75 6.69 28.78
N GLY B 139 9.60 6.10 28.40
CA GLY B 139 9.48 5.37 27.14
C GLY B 139 8.00 5.15 26.77
N VAL B 140 7.76 4.80 25.50
CA VAL B 140 6.44 4.48 24.99
C VAL B 140 6.58 3.40 23.90
N GLU B 141 5.50 2.62 23.74
CA GLU B 141 5.29 1.82 22.55
C GLU B 141 3.79 1.60 22.39
N SER B 142 3.27 1.90 21.20
CA SER B 142 1.95 1.40 20.86
C SER B 142 2.14 0.33 19.79
N MET B 143 2.14 -0.94 20.20
CA MET B 143 2.38 -2.00 19.24
C MET B 143 1.08 -2.27 18.46
N SER B 144 -0.07 -2.02 19.11
CA SER B 144 -1.36 -2.08 18.45
C SER B 144 -1.34 -1.25 17.17
N ARG B 145 -0.87 0.00 17.28
CA ARG B 145 -0.95 0.93 16.16
C ARG B 145 0.33 0.92 15.30
N ALA B 146 1.24 -0.03 15.53
CA ALA B 146 2.42 -0.10 14.65
C ALA B 146 1.98 -0.10 13.18
N PRO B 147 2.55 0.75 12.31
CA PRO B 147 2.08 0.83 10.91
C PRO B 147 2.66 -0.28 10.02
N PHE B 148 2.13 -0.39 8.80
CA PHE B 148 2.78 -1.16 7.74
C PHE B 148 3.79 -0.26 7.03
N VAL B 149 4.86 -0.85 6.46
CA VAL B 149 5.81 -0.05 5.72
C VAL B 149 5.95 -0.65 4.31
N MET B 150 6.29 0.24 3.36
CA MET B 150 6.47 -0.13 1.96
C MET B 150 7.70 0.57 1.40
N GLY B 151 8.65 -0.19 0.87
CA GLY B 151 9.82 0.43 0.27
C GLY B 151 9.44 1.25 -0.98
N LYS B 152 10.25 2.27 -1.33
CA LYS B 152 10.05 2.96 -2.59
C LYS B 152 10.39 2.03 -3.76
N ALA B 153 9.75 2.23 -4.93
CA ALA B 153 10.15 1.57 -6.17
C ALA B 153 11.60 1.90 -6.49
N GLU B 154 12.39 0.92 -6.93
N GLU B 154 12.37 0.91 -6.94
CA GLU B 154 13.76 1.26 -7.32
CA GLU B 154 13.76 1.10 -7.32
C GLU B 154 13.85 1.69 -8.78
C GLU B 154 13.93 1.19 -8.84
N SER B 155 12.80 1.36 -9.55
CA SER B 155 12.79 1.58 -10.99
C SER B 155 11.37 1.98 -11.41
N ALA B 156 11.26 2.77 -12.46
CA ALA B 156 9.98 3.15 -13.02
C ALA B 156 9.19 1.88 -13.37
N TYR B 157 7.91 1.86 -13.02
CA TYR B 157 7.00 0.76 -13.32
C TYR B 157 7.41 -0.54 -12.62
N SER B 158 8.12 -0.42 -11.48
CA SER B 158 8.54 -1.57 -10.69
C SER B 158 7.37 -2.52 -10.37
N ARG B 159 7.61 -3.82 -10.55
CA ARG B 159 6.60 -4.82 -10.21
C ARG B 159 6.81 -5.35 -8.79
N ASN B 160 7.77 -4.79 -8.05
CA ASN B 160 8.18 -5.34 -6.76
C ASN B 160 7.89 -4.33 -5.67
N MET B 161 6.61 -4.17 -5.33
N MET B 161 6.61 -4.08 -5.40
CA MET B 161 6.21 -3.37 -4.20
CA MET B 161 6.24 -3.37 -4.20
C MET B 161 5.55 -4.29 -3.15
C MET B 161 5.78 -4.41 -3.17
N LYS B 162 5.90 -4.07 -1.88
CA LYS B 162 5.60 -5.04 -0.82
C LYS B 162 5.31 -4.28 0.47
N LEU B 163 4.32 -4.75 1.23
CA LEU B 163 4.02 -4.22 2.57
C LEU B 163 4.62 -5.15 3.63
N GLU B 164 5.20 -4.57 4.69
N GLU B 164 5.10 -4.55 4.73
CA GLU B 164 5.61 -5.37 5.84
CA GLU B 164 5.67 -5.28 5.84
C GLU B 164 5.01 -4.76 7.11
C GLU B 164 5.07 -4.74 7.15
N ASP B 165 4.68 -5.63 8.06
CA ASP B 165 4.15 -5.29 9.37
C ASP B 165 5.32 -4.84 10.27
N THR B 166 5.18 -3.70 10.97
CA THR B 166 6.21 -3.26 11.91
C THR B 166 5.86 -3.54 13.38
N THR B 167 4.82 -4.33 13.65
CA THR B 167 4.35 -4.61 15.01
C THR B 167 5.51 -5.08 15.90
N ILE B 168 6.29 -6.04 15.40
CA ILE B 168 7.46 -6.57 16.10
C ILE B 168 8.29 -7.38 15.09
N GLY B 169 9.61 -7.39 15.29
CA GLY B 169 10.45 -8.35 14.58
C GLY B 169 10.98 -7.83 13.24
N TRP B 170 11.67 -8.72 12.51
CA TRP B 170 12.39 -8.39 11.31
C TRP B 170 11.47 -7.77 10.25
N ARG B 171 11.92 -6.65 9.67
CA ARG B 171 11.42 -6.21 8.37
C ARG B 171 12.54 -5.60 7.55
N PHE B 172 12.35 -5.56 6.21
CA PHE B 172 13.40 -5.14 5.29
C PHE B 172 14.69 -5.88 5.64
N ILE B 173 14.61 -7.21 5.67
CA ILE B 173 15.72 -8.07 6.01
C ILE B 173 16.87 -7.81 5.03
N ASN B 174 18.09 -7.68 5.56
CA ASN B 174 19.31 -7.54 4.79
C ASN B 174 19.86 -8.94 4.50
N PRO B 175 20.04 -9.34 3.23
CA PRO B 175 20.64 -10.65 2.95
C PRO B 175 21.97 -10.89 3.65
N LEU B 176 22.78 -9.83 3.87
CA LEU B 176 24.08 -10.00 4.50
C LEU B 176 23.92 -10.29 5.98
N MET B 177 22.89 -9.70 6.62
CA MET B 177 22.61 -10.01 8.01
C MET B 177 22.17 -11.47 8.12
N LYS B 178 21.24 -11.89 7.24
CA LYS B 178 20.67 -13.22 7.31
C LYS B 178 21.76 -14.28 7.12
N SER B 179 22.65 -14.05 6.15
CA SER B 179 23.67 -15.06 5.88
C SER B 179 24.74 -15.16 6.98
N GLN B 180 25.08 -14.07 7.69
CA GLN B 180 26.15 -14.17 8.66
C GLN B 180 25.62 -14.54 10.04
N TYR B 181 24.47 -13.97 10.42
CA TYR B 181 23.96 -13.97 11.79
C TYR B 181 22.58 -14.60 11.89
N GLY B 182 21.94 -14.80 10.73
CA GLY B 182 20.55 -15.27 10.70
C GLY B 182 19.57 -14.13 10.98
N VAL B 183 18.29 -14.38 10.71
CA VAL B 183 17.20 -13.49 11.05
C VAL B 183 16.13 -14.27 11.83
N ASP B 184 16.52 -14.92 12.93
CA ASP B 184 15.59 -15.66 13.76
C ASP B 184 14.58 -14.69 14.37
N SER B 185 13.32 -15.13 14.47
CA SER B 185 12.30 -14.38 15.18
C SER B 185 12.67 -14.33 16.66
N MET B 186 12.05 -13.42 17.41
CA MET B 186 12.31 -13.36 18.84
C MET B 186 12.01 -14.72 19.49
N PRO B 187 10.83 -15.37 19.25
CA PRO B 187 10.56 -16.66 19.87
C PRO B 187 11.56 -17.74 19.48
N GLU B 188 11.97 -17.77 18.20
CA GLU B 188 13.05 -18.67 17.80
C GLU B 188 14.31 -18.47 18.63
N THR B 189 14.79 -17.21 18.83
CA THR B 189 15.95 -16.99 19.68
C THR B 189 15.74 -17.59 21.07
N ALA B 190 14.51 -17.54 21.58
CA ALA B 190 14.21 -18.01 22.92
C ALA B 190 14.23 -19.55 22.96
N ASP B 191 13.79 -20.19 21.87
CA ASP B 191 13.95 -21.62 21.65
C ASP B 191 15.43 -22.00 21.56
N ASN B 192 16.26 -21.14 20.92
CA ASN B 192 17.69 -21.39 20.82
C ASN B 192 18.34 -21.36 22.21
N VAL B 193 17.88 -20.45 23.08
CA VAL B 193 18.46 -20.34 24.41
C VAL B 193 18.05 -21.56 25.24
N ALA B 194 16.77 -21.92 25.18
CA ALA B 194 16.27 -23.14 25.82
C ALA B 194 17.17 -24.33 25.47
N ASP B 195 17.44 -24.50 24.17
CA ASP B 195 18.26 -25.60 23.67
C ASP B 195 19.70 -25.47 24.16
N ASP B 196 20.34 -24.34 23.86
CA ASP B 196 21.78 -24.24 24.10
C ASP B 196 22.07 -24.24 25.60
N TYR B 197 21.17 -23.72 26.45
CA TYR B 197 21.44 -23.57 27.88
C TYR B 197 20.64 -24.57 28.73
N GLN B 198 19.91 -25.50 28.07
CA GLN B 198 19.16 -26.60 28.67
C GLN B 198 18.18 -26.08 29.72
N VAL B 199 17.18 -25.34 29.24
CA VAL B 199 16.10 -24.83 30.06
C VAL B 199 14.86 -25.57 29.61
N SER B 200 14.30 -26.41 30.49
CA SER B 200 13.24 -27.30 30.08
C SER B 200 11.94 -26.53 30.00
N ARG B 201 11.02 -27.05 29.18
CA ARG B 201 9.62 -26.66 29.12
C ARG B 201 8.98 -26.58 30.50
N ALA B 202 9.31 -27.54 31.38
CA ALA B 202 8.64 -27.59 32.68
C ALA B 202 9.10 -26.41 33.55
N ASP B 203 10.41 -26.16 33.54
CA ASP B 203 10.96 -25.05 34.31
C ASP B 203 10.40 -23.74 33.78
N GLN B 204 10.29 -23.65 32.45
CA GLN B 204 9.78 -22.44 31.82
C GLN B 204 8.34 -22.20 32.29
N ASP B 205 7.54 -23.26 32.29
CA ASP B 205 6.14 -23.12 32.66
C ASP B 205 6.02 -22.72 34.13
N ALA B 206 6.88 -23.29 34.99
CA ALA B 206 6.82 -23.02 36.42
C ALA B 206 7.18 -21.56 36.69
N PHE B 207 8.20 -21.09 35.95
CA PHE B 207 8.60 -19.68 35.97
C PHE B 207 7.42 -18.81 35.56
N ALA B 208 6.76 -19.16 34.45
CA ALA B 208 5.64 -18.37 33.96
C ALA B 208 4.54 -18.36 35.02
N LEU B 209 4.28 -19.51 35.66
CA LEU B 209 3.18 -19.57 36.61
C LEU B 209 3.47 -18.64 37.81
N ARG B 210 4.72 -18.63 38.27
CA ARG B 210 5.08 -17.77 39.39
C ARG B 210 4.94 -16.30 38.97
N SER B 211 5.24 -15.98 37.70
CA SER B 211 5.09 -14.61 37.26
C SER B 211 3.64 -14.17 37.41
N GLN B 212 2.70 -14.94 36.80
CA GLN B 212 1.27 -14.70 36.87
C GLN B 212 0.81 -14.61 38.33
N GLN B 213 1.32 -15.50 39.20
CA GLN B 213 0.85 -15.55 40.57
C GLN B 213 1.30 -14.31 41.33
N LYS B 214 2.60 -14.00 41.21
CA LYS B 214 3.17 -12.84 41.86
C LYS B 214 2.46 -11.55 41.42
N ALA B 215 2.11 -11.47 40.12
CA ALA B 215 1.52 -10.28 39.55
C ALA B 215 0.09 -10.13 40.03
N ALA B 216 -0.62 -11.26 40.17
CA ALA B 216 -2.01 -11.22 40.61
C ALA B 216 -2.10 -10.74 42.07
N ALA B 217 -1.11 -11.15 42.88
CA ALA B 217 -1.00 -10.78 44.29
C ALA B 217 -0.72 -9.29 44.41
N ALA B 218 0.24 -8.80 43.62
CA ALA B 218 0.63 -7.40 43.63
C ALA B 218 -0.53 -6.50 43.19
N GLN B 219 -1.28 -6.94 42.17
CA GLN B 219 -2.41 -6.17 41.69
C GLN B 219 -3.43 -6.01 42.81
N ALA B 220 -3.70 -7.12 43.53
CA ALA B 220 -4.66 -7.18 44.62
C ALA B 220 -4.22 -6.33 45.81
N ALA B 221 -2.90 -6.25 46.02
CA ALA B 221 -2.32 -5.46 47.09
C ALA B 221 -2.33 -3.95 46.76
N GLY B 222 -2.70 -3.60 45.52
CA GLY B 222 -2.69 -2.21 45.07
C GLY B 222 -1.29 -1.70 44.74
N PHE B 223 -0.32 -2.63 44.61
CA PHE B 223 1.04 -2.28 44.23
C PHE B 223 1.12 -1.58 42.87
N PHE B 224 0.47 -2.12 41.82
CA PHE B 224 0.48 -1.50 40.50
C PHE B 224 -0.30 -0.18 40.48
N ALA B 225 -1.43 -0.15 41.20
CA ALA B 225 -2.24 1.06 41.38
C ALA B 225 -1.37 2.26 41.76
N GLU B 226 -0.43 2.06 42.69
CA GLU B 226 0.47 3.12 43.14
C GLU B 226 1.35 3.63 42.01
N GLU B 227 1.57 2.81 40.97
CA GLU B 227 2.45 3.21 39.89
C GLU B 227 1.65 3.80 38.73
N ILE B 228 0.33 3.63 38.74
CA ILE B 228 -0.46 3.84 37.53
C ILE B 228 -1.19 5.18 37.54
N VAL B 229 -1.18 5.84 36.38
CA VAL B 229 -2.11 6.92 36.15
C VAL B 229 -3.08 6.42 35.09
N PRO B 230 -4.40 6.64 35.23
CA PRO B 230 -5.35 6.10 34.24
C PRO B 230 -5.30 6.79 32.88
N VAL B 231 -5.73 6.07 31.83
CA VAL B 231 -5.88 6.66 30.50
C VAL B 231 -7.37 6.79 30.19
N ARG B 232 -7.77 7.98 29.74
CA ARG B 232 -9.18 8.32 29.56
C ARG B 232 -9.44 8.34 28.06
N ILE B 233 -10.43 7.55 27.62
CA ILE B 233 -10.77 7.39 26.21
C ILE B 233 -12.23 7.82 26.01
N ALA B 234 -12.43 8.88 25.20
CA ALA B 234 -13.72 9.55 25.07
C ALA B 234 -14.73 8.70 24.29
N HIS B 235 -16.01 8.91 24.64
CA HIS B 235 -17.22 8.29 24.11
C HIS B 235 -16.92 6.96 23.39
N GLU B 239 -17.40 8.01 28.26
CA GLU B 239 -15.91 7.88 28.22
C GLU B 239 -15.49 6.72 29.10
N ILE B 240 -14.37 6.07 28.72
CA ILE B 240 -13.88 4.90 29.43
C ILE B 240 -12.57 5.28 30.14
N ILE B 241 -12.48 4.91 31.42
CA ILE B 241 -11.24 5.01 32.18
C ILE B 241 -10.53 3.66 32.15
N VAL B 242 -9.29 3.65 31.66
CA VAL B 242 -8.44 2.47 31.72
C VAL B 242 -7.46 2.65 32.88
N GLU B 243 -7.57 1.76 33.88
CA GLU B 243 -6.82 1.90 35.11
C GLU B 243 -6.10 0.64 35.55
N ARG B 244 -6.37 -0.51 34.91
CA ARG B 244 -5.71 -1.73 35.34
C ARG B 244 -4.90 -2.32 34.19
N ASP B 245 -3.75 -2.95 34.51
CA ASP B 245 -2.97 -3.77 33.59
C ASP B 245 -3.84 -4.90 33.06
N GLU B 246 -3.92 -5.04 31.72
CA GLU B 246 -4.93 -5.83 31.02
C GLU B 246 -4.41 -7.24 30.71
N HIS B 247 -3.08 -7.41 30.66
CA HIS B 247 -2.49 -8.61 30.08
C HIS B 247 -2.50 -9.77 31.07
N LEU B 248 -2.73 -9.49 32.37
CA LEU B 248 -2.58 -10.49 33.43
C LEU B 248 -3.49 -11.67 33.13
N ARG B 249 -3.01 -12.88 33.46
N ARG B 249 -3.01 -12.89 33.41
CA ARG B 249 -3.83 -14.09 33.37
CA ARG B 249 -3.87 -14.06 33.39
C ARG B 249 -3.86 -14.76 34.74
C ARG B 249 -3.83 -14.73 34.75
N PRO B 250 -4.55 -14.18 35.76
CA PRO B 250 -4.47 -14.68 37.14
C PRO B 250 -5.00 -16.09 37.40
N GLU B 251 -5.81 -16.62 36.47
CA GLU B 251 -6.38 -17.96 36.58
C GLU B 251 -5.41 -19.01 36.02
N THR B 252 -4.27 -18.59 35.45
CA THR B 252 -3.24 -19.49 34.95
C THR B 252 -2.91 -20.59 35.96
N THR B 253 -2.94 -21.85 35.49
CA THR B 253 -2.48 -23.01 36.23
C THR B 253 -1.37 -23.70 35.45
N LEU B 254 -0.58 -24.54 36.12
CA LEU B 254 0.51 -25.28 35.47
C LEU B 254 -0.08 -26.25 34.43
N GLU B 255 -1.30 -26.71 34.71
CA GLU B 255 -2.00 -27.64 33.85
C GLU B 255 -2.40 -26.95 32.55
N ALA B 256 -2.82 -25.69 32.64
CA ALA B 256 -3.23 -24.96 31.45
C ALA B 256 -2.01 -24.68 30.55
N LEU B 257 -0.87 -24.34 31.18
CA LEU B 257 0.36 -23.98 30.48
C LEU B 257 0.93 -25.22 29.79
N THR B 258 0.68 -26.38 30.40
CA THR B 258 1.14 -27.67 29.92
C THR B 258 0.46 -28.02 28.59
N LYS B 259 -0.82 -27.63 28.46
CA LYS B 259 -1.63 -27.94 27.29
C LYS B 259 -1.16 -27.14 26.06
N LEU B 260 -0.58 -25.96 26.29
CA LEU B 260 -0.20 -25.03 25.22
C LEU B 260 0.79 -25.67 24.25
N LYS B 261 0.65 -25.31 22.97
CA LYS B 261 1.49 -25.76 21.87
C LYS B 261 2.64 -24.76 21.70
N PRO B 262 3.89 -25.22 21.50
CA PRO B 262 4.99 -24.30 21.21
C PRO B 262 4.73 -23.49 19.94
N VAL B 263 5.19 -22.23 19.95
CA VAL B 263 5.05 -21.32 18.83
C VAL B 263 5.71 -21.89 17.58
N ASN B 264 6.90 -22.50 17.73
CA ASN B 264 7.72 -22.88 16.60
C ASN B 264 7.65 -24.37 16.24
N GLY B 265 6.66 -25.10 16.76
CA GLY B 265 6.44 -26.48 16.35
C GLY B 265 6.49 -27.44 17.53
N PRO B 266 6.20 -28.75 17.33
CA PRO B 266 5.98 -29.68 18.45
C PRO B 266 7.22 -30.00 19.30
N ASP B 267 8.41 -29.78 18.74
CA ASP B 267 9.68 -30.17 19.34
C ASP B 267 10.41 -28.98 19.96
N LYS B 268 9.71 -27.84 20.07
CA LYS B 268 10.30 -26.65 20.68
C LYS B 268 9.69 -26.49 22.08
N THR B 269 10.01 -25.40 22.80
CA THR B 269 9.55 -25.30 24.19
C THR B 269 8.86 -23.99 24.53
N VAL B 270 9.05 -22.96 23.69
CA VAL B 270 8.52 -21.61 23.95
C VAL B 270 7.06 -21.58 23.50
N THR B 271 6.17 -21.12 24.39
CA THR B 271 4.76 -20.99 24.06
C THR B 271 4.28 -19.56 24.34
N ALA B 272 3.04 -19.25 23.92
CA ALA B 272 2.45 -17.97 24.21
C ALA B 272 2.33 -17.76 25.72
N GLY B 273 2.27 -18.89 26.46
CA GLY B 273 2.04 -18.85 27.90
C GLY B 273 3.35 -18.61 28.68
N ASN B 274 4.49 -18.89 28.05
CA ASN B 274 5.76 -18.71 28.75
C ASN B 274 6.60 -17.60 28.11
N ALA B 275 5.94 -16.70 27.37
CA ALA B 275 6.56 -15.57 26.67
C ALA B 275 5.83 -14.29 27.07
N SER B 276 6.52 -13.13 27.02
CA SER B 276 5.84 -11.85 27.11
C SER B 276 4.89 -11.68 25.93
N GLY B 277 3.98 -10.71 26.00
CA GLY B 277 3.10 -10.49 24.86
C GLY B 277 3.50 -9.25 24.05
N VAL B 278 2.56 -8.82 23.19
CA VAL B 278 2.70 -7.62 22.36
C VAL B 278 1.73 -6.59 22.95
N ASN B 279 2.21 -5.35 23.24
CA ASN B 279 1.46 -4.53 24.19
C ASN B 279 1.66 -3.02 23.98
N ASP B 280 0.76 -2.23 24.61
CA ASP B 280 0.84 -0.78 24.56
C ASP B 280 0.98 -0.20 25.96
N GLY B 281 1.75 0.90 26.09
CA GLY B 281 1.88 1.60 27.36
C GLY B 281 3.01 2.64 27.35
N ALA B 282 3.02 3.51 28.37
CA ALA B 282 4.07 4.51 28.50
C ALA B 282 4.39 4.71 29.98
N ALA B 283 5.62 5.22 30.26
CA ALA B 283 6.07 5.52 31.63
C ALA B 283 7.04 6.70 31.58
N ALA B 284 7.18 7.43 32.70
CA ALA B 284 8.15 8.51 32.81
C ALA B 284 8.52 8.75 34.28
N MET B 285 9.70 9.37 34.51
CA MET B 285 10.22 9.65 35.84
C MET B 285 11.16 10.88 35.82
N ILE B 286 11.34 11.47 36.99
CA ILE B 286 12.12 12.69 37.11
C ILE B 286 13.49 12.29 37.64
N LEU B 287 14.52 12.90 37.05
CA LEU B 287 15.87 12.75 37.59
C LEU B 287 16.43 14.14 37.83
N ALA B 288 17.22 14.29 38.90
CA ALA B 288 17.66 15.63 39.34
C ALA B 288 18.98 15.53 40.08
N SER B 289 19.82 16.56 39.94
CA SER B 289 20.94 16.79 40.86
C SER B 289 20.37 17.18 42.22
N ALA B 290 21.21 17.17 43.26
CA ALA B 290 20.70 17.58 44.57
C ALA B 290 20.22 19.04 44.55
N ALA B 291 20.88 19.87 43.75
CA ALA B 291 20.52 21.28 43.65
C ALA B 291 19.10 21.43 43.11
N ALA B 292 18.78 20.65 42.08
CA ALA B 292 17.47 20.71 41.46
C ALA B 292 16.42 20.10 42.37
N VAL B 293 16.79 19.04 43.10
CA VAL B 293 15.88 18.49 44.09
C VAL B 293 15.42 19.58 45.04
N LYS B 294 16.38 20.35 45.57
CA LYS B 294 16.10 21.38 46.56
C LYS B 294 15.26 22.49 45.94
N LYS B 295 15.68 22.96 44.76
CA LYS B 295 14.98 24.09 44.16
C LYS B 295 13.51 23.76 43.88
N HIS B 296 13.25 22.54 43.38
CA HIS B 296 11.95 22.21 42.81
C HIS B 296 11.08 21.49 43.84
N GLY B 297 11.58 21.40 45.07
CA GLY B 297 10.90 20.73 46.18
C GLY B 297 10.55 19.27 45.85
N LEU B 298 11.48 18.56 45.21
CA LEU B 298 11.24 17.18 44.80
C LEU B 298 11.53 16.21 45.96
N THR B 299 10.97 14.99 45.89
CA THR B 299 11.41 13.94 46.80
C THR B 299 12.49 13.06 46.15
N PRO B 300 13.77 13.07 46.62
CA PRO B 300 14.78 12.17 46.06
C PRO B 300 14.50 10.78 46.65
N ARG B 301 14.44 9.75 45.79
CA ARG B 301 14.02 8.42 46.22
C ARG B 301 15.17 7.40 46.07
N ALA B 302 15.98 7.55 45.01
CA ALA B 302 17.15 6.70 44.79
C ALA B 302 18.26 7.48 44.08
N ARG B 303 19.50 7.10 44.40
CA ARG B 303 20.63 7.57 43.63
C ARG B 303 20.89 6.58 42.52
N VAL B 304 21.18 7.08 41.33
CA VAL B 304 21.54 6.20 40.23
C VAL B 304 23.02 5.90 40.36
N LEU B 305 23.37 4.60 40.31
CA LEU B 305 24.75 4.15 40.48
C LEU B 305 25.45 4.02 39.12
N GLY B 306 24.77 3.44 38.12
CA GLY B 306 25.39 3.24 36.81
C GLY B 306 24.53 2.43 35.83
N MET B 307 24.99 2.44 34.57
CA MET B 307 24.39 1.61 33.54
C MET B 307 25.52 1.00 32.70
N ALA B 308 25.32 -0.26 32.27
CA ALA B 308 26.24 -0.90 31.33
C ALA B 308 25.45 -1.69 30.30
N SER B 309 26.07 -1.87 29.13
CA SER B 309 25.49 -2.57 27.99
C SER B 309 26.44 -3.67 27.56
N GLY B 310 25.87 -4.69 26.92
CA GLY B 310 26.62 -5.85 26.46
C GLY B 310 26.05 -6.38 25.16
N GLY B 311 26.91 -6.99 24.34
CA GLY B 311 26.46 -7.61 23.10
C GLY B 311 26.61 -9.12 23.17
N VAL B 312 25.71 -9.85 22.50
CA VAL B 312 25.81 -11.29 22.31
C VAL B 312 25.47 -11.63 20.85
N ALA B 313 25.51 -12.93 20.54
CA ALA B 313 25.07 -13.43 19.24
C ALA B 313 23.58 -13.14 19.08
N PRO B 314 23.14 -12.55 17.94
CA PRO B 314 21.71 -12.32 17.74
C PRO B 314 20.88 -13.57 17.97
N ARG B 315 21.35 -14.73 17.48
CA ARG B 315 20.53 -15.93 17.54
C ARG B 315 20.26 -16.40 18.98
N VAL B 316 20.98 -15.86 19.97
CA VAL B 316 20.67 -16.15 21.37
C VAL B 316 20.52 -14.86 22.17
N MET B 317 19.83 -13.87 21.58
CA MET B 317 19.70 -12.51 22.10
C MET B 317 19.27 -12.49 23.57
N GLY B 318 18.49 -13.50 24.01
CA GLY B 318 17.96 -13.59 25.37
C GLY B 318 19.03 -13.62 26.47
N ILE B 319 20.26 -14.01 26.11
CA ILE B 319 21.31 -14.14 27.11
C ILE B 319 22.04 -12.82 27.28
N GLY B 320 21.65 -11.82 26.49
CA GLY B 320 22.32 -10.52 26.47
C GLY B 320 22.53 -9.90 27.86
N PRO B 321 21.55 -9.98 28.79
CA PRO B 321 21.72 -9.41 30.14
C PRO B 321 22.98 -9.86 30.86
N VAL B 322 23.51 -11.05 30.52
CA VAL B 322 24.63 -11.60 31.28
C VAL B 322 25.85 -10.70 31.18
N PRO B 323 26.38 -10.41 29.97
CA PRO B 323 27.52 -9.50 29.86
C PRO B 323 27.25 -8.10 30.40
N ALA B 324 26.03 -7.59 30.22
CA ALA B 324 25.64 -6.27 30.73
C ALA B 324 25.79 -6.23 32.25
N VAL B 325 25.26 -7.26 32.93
CA VAL B 325 25.26 -7.28 34.39
C VAL B 325 26.71 -7.45 34.86
N ARG B 326 27.47 -8.30 34.16
CA ARG B 326 28.85 -8.51 34.57
C ARG B 326 29.64 -7.21 34.47
N LYS B 327 29.52 -6.51 33.33
CA LYS B 327 30.30 -5.30 33.11
C LYS B 327 29.94 -4.24 34.17
N LEU B 328 28.65 -4.10 34.48
CA LEU B 328 28.16 -3.12 35.45
C LEU B 328 28.66 -3.44 36.88
N THR B 329 28.47 -4.68 37.34
CA THR B 329 28.75 -5.04 38.72
C THR B 329 30.26 -5.02 38.94
N GLU B 330 31.01 -5.49 37.93
CA GLU B 330 32.46 -5.44 38.03
C GLU B 330 32.93 -4.00 38.18
N ARG B 331 32.37 -3.07 37.40
CA ARG B 331 32.86 -1.71 37.48
C ARG B 331 32.49 -1.11 38.83
N LEU B 332 31.27 -1.40 39.29
CA LEU B 332 30.83 -0.73 40.51
C LEU B 332 31.43 -1.43 41.73
N GLY B 333 31.99 -2.63 41.54
CA GLY B 333 32.43 -3.48 42.64
C GLY B 333 31.26 -3.97 43.50
N ILE B 334 30.17 -4.39 42.85
CA ILE B 334 28.99 -4.88 43.58
C ILE B 334 28.74 -6.30 43.11
N ALA B 335 28.63 -7.26 44.04
CA ALA B 335 28.21 -8.62 43.67
C ALA B 335 26.72 -8.63 43.33
N VAL B 336 26.34 -9.55 42.43
CA VAL B 336 24.93 -9.71 42.08
C VAL B 336 24.10 -9.98 43.33
N SER B 337 24.70 -10.71 44.29
CA SER B 337 23.98 -11.13 45.50
C SER B 337 23.81 -9.97 46.49
N ASP B 338 24.47 -8.83 46.23
CA ASP B 338 24.26 -7.67 47.09
C ASP B 338 22.91 -7.01 46.80
N PHE B 339 22.29 -7.31 45.64
CA PHE B 339 21.09 -6.57 45.26
C PHE B 339 19.91 -7.04 46.09
N ASP B 340 19.11 -6.07 46.59
CA ASP B 340 17.92 -6.39 47.35
C ASP B 340 16.72 -6.67 46.44
N VAL B 341 16.72 -6.08 45.23
CA VAL B 341 15.75 -6.46 44.19
C VAL B 341 16.49 -6.60 42.85
N ILE B 342 16.09 -7.64 42.09
CA ILE B 342 16.52 -7.81 40.72
C ILE B 342 15.27 -7.84 39.84
N GLU B 343 15.10 -6.78 39.00
CA GLU B 343 14.06 -6.73 38.00
C GLU B 343 14.65 -7.20 36.68
N LEU B 344 14.38 -8.47 36.38
CA LEU B 344 14.83 -9.15 35.17
C LEU B 344 13.68 -9.17 34.18
N ASN B 345 13.84 -8.50 33.03
CA ASN B 345 12.80 -8.47 32.02
C ASN B 345 12.41 -9.90 31.62
N GLU B 346 11.12 -10.19 31.58
CA GLU B 346 10.71 -11.54 31.18
C GLU B 346 10.25 -11.55 29.72
N ALA B 347 11.17 -11.33 28.78
CA ALA B 347 10.82 -11.50 27.36
C ALA B 347 10.31 -12.93 27.14
N PHE B 348 11.06 -13.89 27.68
CA PHE B 348 10.65 -15.29 27.64
C PHE B 348 11.21 -15.96 28.88
N ALA B 349 10.46 -16.94 29.40
CA ALA B 349 10.87 -17.70 30.57
C ALA B 349 12.20 -18.39 30.27
N SER B 350 12.38 -18.85 29.02
CA SER B 350 13.62 -19.54 28.69
C SER B 350 14.84 -18.66 29.00
N GLN B 351 14.82 -17.41 28.54
CA GLN B 351 16.01 -16.58 28.68
C GLN B 351 16.12 -16.03 30.09
N GLY B 352 14.97 -15.78 30.72
CA GLY B 352 15.00 -15.35 32.11
C GLY B 352 15.72 -16.39 32.96
N LEU B 353 15.31 -17.66 32.83
CA LEU B 353 15.93 -18.71 33.59
C LEU B 353 17.42 -18.84 33.25
N ALA B 354 17.75 -18.77 31.95
CA ALA B 354 19.14 -18.95 31.54
C ALA B 354 20.02 -17.84 32.11
N VAL B 355 19.48 -16.62 32.12
CA VAL B 355 20.22 -15.48 32.66
C VAL B 355 20.48 -15.68 34.16
N LEU B 356 19.45 -16.08 34.90
CA LEU B 356 19.58 -16.33 36.34
C LEU B 356 20.65 -17.39 36.63
N ARG B 357 20.65 -18.49 35.85
CA ARG B 357 21.60 -19.57 36.11
C ARG B 357 23.04 -19.15 35.82
N GLU B 358 23.25 -18.39 34.73
CA GLU B 358 24.60 -17.96 34.42
C GLU B 358 25.11 -17.00 35.50
N LEU B 359 24.19 -16.29 36.15
CA LEU B 359 24.59 -15.30 37.15
C LEU B 359 24.62 -15.90 38.57
N GLY B 360 24.33 -17.19 38.71
CA GLY B 360 24.38 -17.85 39.99
C GLY B 360 23.19 -17.52 40.90
N VAL B 361 22.03 -17.14 40.32
CA VAL B 361 20.88 -16.83 41.16
C VAL B 361 19.81 -17.87 40.91
N ALA B 362 19.12 -18.31 41.99
CA ALA B 362 18.15 -19.41 41.87
C ALA B 362 16.95 -19.02 41.01
N ASP B 363 16.35 -20.02 40.35
CA ASP B 363 15.26 -19.82 39.42
C ASP B 363 14.08 -19.13 40.11
N ASP B 364 14.02 -19.23 41.45
CA ASP B 364 12.88 -18.76 42.23
C ASP B 364 13.36 -17.85 43.37
N ALA B 365 14.58 -17.31 43.26
CA ALA B 365 15.11 -16.48 44.33
C ALA B 365 14.11 -15.39 44.70
N PRO B 366 13.86 -15.12 45.99
CA PRO B 366 12.81 -14.16 46.36
C PRO B 366 13.06 -12.70 45.94
N GLN B 367 14.34 -12.30 45.75
CA GLN B 367 14.65 -10.94 45.30
C GLN B 367 14.38 -10.73 43.80
N VAL B 368 14.12 -11.79 43.04
CA VAL B 368 13.92 -11.67 41.59
C VAL B 368 12.44 -11.52 41.29
N ASN B 369 12.06 -10.41 40.61
CA ASN B 369 10.71 -10.16 40.09
C ASN B 369 9.63 -10.47 41.14
N PRO B 370 9.67 -9.87 42.36
CA PRO B 370 8.81 -10.31 43.45
C PRO B 370 7.35 -9.92 43.21
N ASN B 371 7.10 -9.12 42.17
CA ASN B 371 5.73 -8.71 41.85
C ASN B 371 5.35 -9.25 40.48
N GLY B 372 6.15 -10.18 39.97
CA GLY B 372 5.94 -10.71 38.64
C GLY B 372 6.57 -9.81 37.60
N GLY B 373 6.42 -10.17 36.33
CA GLY B 373 7.06 -9.41 35.26
C GLY B 373 6.33 -9.55 33.94
N ALA B 374 7.08 -9.47 32.84
CA ALA B 374 6.47 -9.22 31.53
C ALA B 374 5.59 -10.37 31.07
N ILE B 375 5.77 -11.58 31.58
CA ILE B 375 4.91 -12.67 31.13
C ILE B 375 3.47 -12.38 31.54
N ALA B 376 3.29 -11.86 32.75
CA ALA B 376 1.96 -11.52 33.25
C ALA B 376 1.57 -10.13 32.76
N LEU B 377 2.53 -9.19 32.74
CA LEU B 377 2.23 -7.77 32.61
C LEU B 377 2.19 -7.31 31.15
N GLY B 378 3.00 -7.94 30.29
CA GLY B 378 3.17 -7.45 28.92
C GLY B 378 4.45 -6.64 28.76
N ALA B 379 4.84 -6.34 27.49
CA ALA B 379 6.07 -5.60 27.29
C ALA B 379 5.98 -4.66 26.07
N PRO B 380 5.43 -3.42 26.23
CA PRO B 380 5.51 -2.43 25.16
C PRO B 380 6.97 -2.00 25.10
N LEU B 381 7.64 -2.32 23.98
CA LEU B 381 9.10 -2.37 23.93
C LEU B 381 9.69 -1.12 24.59
N GLY B 382 9.37 0.06 24.03
CA GLY B 382 9.95 1.32 24.47
C GLY B 382 9.69 1.67 25.95
N MET B 383 8.58 1.18 26.50
CA MET B 383 8.19 1.46 27.87
C MET B 383 8.86 0.53 28.88
N SER B 384 9.06 -0.73 28.52
CA SER B 384 9.40 -1.78 29.50
C SER B 384 10.61 -1.45 30.37
N GLY B 385 11.69 -0.94 29.77
CA GLY B 385 12.89 -0.62 30.54
C GLY B 385 12.68 0.49 31.57
N ALA B 386 11.84 1.47 31.23
CA ALA B 386 11.48 2.55 32.17
C ALA B 386 10.65 1.97 33.30
N ARG B 387 9.74 1.05 32.95
CA ARG B 387 8.95 0.33 33.95
C ARG B 387 9.84 -0.45 34.94
N LEU B 388 10.83 -1.18 34.43
CA LEU B 388 11.66 -1.99 35.32
C LEU B 388 12.40 -1.14 36.36
N VAL B 389 12.93 0.01 35.92
CA VAL B 389 13.63 0.95 36.80
C VAL B 389 12.68 1.51 37.86
N LEU B 390 11.49 1.98 37.43
CA LEU B 390 10.59 2.59 38.39
C LEU B 390 10.02 1.56 39.36
N THR B 391 9.71 0.35 38.85
CA THR B 391 9.14 -0.67 39.71
C THR B 391 10.20 -1.20 40.67
N ALA B 392 11.46 -1.31 40.20
CA ALA B 392 12.53 -1.70 41.10
C ALA B 392 12.57 -0.77 42.31
N LEU B 393 12.53 0.54 42.07
CA LEU B 393 12.66 1.54 43.11
C LEU B 393 11.48 1.42 44.07
N HIS B 394 10.29 1.28 43.47
CA HIS B 394 9.05 1.05 44.19
C HIS B 394 9.21 -0.12 45.18
N GLN B 395 9.77 -1.24 44.71
CA GLN B 395 9.92 -2.45 45.50
C GLN B 395 10.91 -2.24 46.66
N LEU B 396 12.01 -1.51 46.38
CA LEU B 396 12.97 -1.18 47.44
C LEU B 396 12.28 -0.37 48.55
N GLU B 397 11.42 0.57 48.16
CA GLU B 397 10.74 1.40 49.15
C GLU B 397 9.85 0.53 50.01
N LYS B 398 9.16 -0.42 49.40
CA LYS B 398 8.20 -1.24 50.13
C LYS B 398 8.89 -2.19 51.10
N SER B 399 10.03 -2.75 50.68
CA SER B 399 10.68 -3.86 51.36
C SER B 399 11.77 -3.34 52.29
N GLY B 400 12.19 -2.08 52.05
CA GLY B 400 13.23 -1.46 52.84
C GLY B 400 14.63 -1.76 52.31
N GLY B 401 14.72 -2.43 51.15
CA GLY B 401 16.03 -2.77 50.59
C GLY B 401 16.80 -1.52 50.19
N ARG B 402 18.07 -1.71 49.86
CA ARG B 402 19.00 -0.64 49.53
C ARG B 402 19.26 -0.62 48.03
N LYS B 403 19.98 -1.63 47.54
CA LYS B 403 20.46 -1.60 46.16
C LYS B 403 19.53 -2.36 45.23
N GLY B 404 19.24 -1.78 44.05
CA GLY B 404 18.41 -2.47 43.09
C GLY B 404 19.09 -2.61 41.73
N LEU B 405 18.79 -3.70 41.03
CA LEU B 405 19.30 -3.96 39.67
C LEU B 405 18.15 -4.22 38.71
N ALA B 406 18.12 -3.47 37.59
CA ALA B 406 17.14 -3.72 36.55
C ALA B 406 17.91 -4.09 35.28
N THR B 407 17.44 -5.12 34.55
CA THR B 407 18.25 -5.62 33.45
C THR B 407 17.33 -6.25 32.41
N MET B 408 17.73 -6.20 31.13
CA MET B 408 16.85 -6.74 30.11
C MET B 408 17.61 -7.05 28.83
N VAL B 410 17.72 -7.56 24.48
CA VAL B 410 17.50 -6.68 23.34
C VAL B 410 17.60 -7.52 22.08
N GLY B 411 16.59 -7.38 21.20
CA GLY B 411 16.59 -7.97 19.86
C GLY B 411 17.94 -7.73 19.20
N VAL B 412 18.40 -8.73 18.43
CA VAL B 412 19.61 -8.65 17.64
C VAL B 412 20.81 -8.72 18.58
N GLY B 413 20.58 -9.17 19.83
CA GLY B 413 21.65 -9.66 20.68
C GLY B 413 22.36 -8.60 21.54
N GLN B 414 21.62 -7.92 22.43
CA GLN B 414 22.25 -7.09 23.43
C GLN B 414 21.56 -7.29 24.79
N GLY B 415 22.24 -6.79 25.85
CA GLY B 415 21.61 -6.61 27.14
C GLY B 415 21.91 -5.21 27.67
N LEU B 416 21.06 -4.75 28.59
CA LEU B 416 21.30 -3.48 29.28
C LEU B 416 21.05 -3.71 30.75
N ALA B 417 21.85 -3.06 31.61
CA ALA B 417 21.69 -3.19 33.05
C ALA B 417 21.80 -1.81 33.72
N LEU B 418 20.96 -1.59 34.74
CA LEU B 418 21.00 -0.32 35.48
C LEU B 418 20.89 -0.60 36.98
N ALA B 419 21.75 0.01 37.78
CA ALA B 419 21.74 -0.16 39.24
C ALA B 419 21.43 1.17 39.94
N ILE B 420 20.65 1.08 41.03
CA ILE B 420 20.20 2.22 41.82
C ILE B 420 20.31 1.85 43.31
N GLU B 421 20.27 2.89 44.16
CA GLU B 421 20.29 2.70 45.60
C GLU B 421 19.31 3.65 46.28
N ARG B 422 18.36 3.11 47.05
CA ARG B 422 17.37 3.90 47.78
C ARG B 422 18.08 4.83 48.77
N VAL B 423 17.62 6.09 48.88
CA VAL B 423 18.30 7.10 49.70
C VAL B 423 17.99 6.85 51.20
N MET C 24 35.98 12.78 37.02
CA MET C 24 35.44 13.28 35.69
C MET C 24 36.54 13.27 34.63
N HIS C 25 36.25 12.71 33.44
CA HIS C 25 37.30 12.37 32.48
C HIS C 25 37.22 13.25 31.24
N ASP C 26 38.40 13.68 30.76
CA ASP C 26 38.56 14.31 29.46
C ASP C 26 38.18 13.31 28.39
N VAL C 27 37.62 13.79 27.26
CA VAL C 27 37.13 12.92 26.19
C VAL C 27 37.67 13.47 24.87
N PHE C 28 38.32 12.60 24.10
CA PHE C 28 38.97 13.06 22.87
C PHE C 28 38.31 12.47 21.63
N ILE C 29 38.05 13.36 20.66
CA ILE C 29 37.67 12.87 19.34
C ILE C 29 38.96 12.45 18.67
N CYS C 30 38.93 11.29 18.02
CA CYS C 30 40.12 10.86 17.29
C CYS C 30 39.78 10.82 15.80
N ASP C 31 39.99 9.68 15.13
CA ASP C 31 39.80 9.63 13.70
C ASP C 31 38.30 9.78 13.39
N ALA C 32 38.01 10.40 12.24
CA ALA C 32 36.65 10.70 11.79
C ALA C 32 36.62 10.59 10.27
N ILE C 33 35.53 10.06 9.68
CA ILE C 33 35.40 10.01 8.24
C ILE C 33 33.92 9.93 7.90
N ARG C 34 33.63 10.10 6.61
CA ARG C 34 32.26 10.13 6.13
C ARG C 34 32.22 9.54 4.72
N THR C 35 31.01 9.12 4.33
CA THR C 35 30.70 8.90 2.92
C THR C 35 30.59 10.26 2.21
N PRO C 36 30.58 10.29 0.86
CA PRO C 36 30.13 11.48 0.16
C PRO C 36 28.63 11.64 0.47
N ILE C 37 28.09 12.82 0.16
CA ILE C 37 26.65 13.02 0.28
C ILE C 37 26.06 12.91 -1.13
N GLY C 38 25.08 12.00 -1.34
CA GLY C 38 24.38 11.87 -2.60
C GLY C 38 23.09 12.69 -2.66
N ARG C 39 22.69 13.07 -3.90
CA ARG C 39 21.39 13.68 -4.14
C ARG C 39 20.26 12.68 -3.95
N PHE C 40 19.04 13.17 -3.65
CA PHE C 40 17.87 12.31 -3.64
C PHE C 40 17.79 11.56 -4.98
N GLY C 41 17.75 10.22 -4.91
CA GLY C 41 17.63 9.43 -6.13
C GLY C 41 18.92 9.40 -6.93
N GLY C 42 20.02 9.93 -6.38
CA GLY C 42 21.28 10.01 -7.11
C GLY C 42 22.23 8.87 -6.77
N ALA C 43 23.51 9.23 -6.57
CA ALA C 43 24.62 8.28 -6.66
C ALA C 43 24.55 7.22 -5.56
N LEU C 44 23.92 7.52 -4.40
CA LEU C 44 23.87 6.52 -3.34
C LEU C 44 22.46 5.92 -3.15
N ALA C 45 21.53 6.20 -4.07
CA ALA C 45 20.12 5.86 -3.86
C ALA C 45 19.90 4.35 -3.75
N SER C 46 20.84 3.54 -4.27
CA SER C 46 20.67 2.10 -4.31
C SER C 46 21.22 1.46 -3.04
N VAL C 47 21.82 2.26 -2.15
CA VAL C 47 22.54 1.71 -1.01
C VAL C 47 21.61 1.73 0.20
N ARG C 48 21.30 0.54 0.75
CA ARG C 48 20.52 0.42 1.97
C ARG C 48 21.14 1.25 3.08
N ALA C 49 20.29 1.87 3.92
CA ALA C 49 20.74 2.72 5.02
C ALA C 49 21.66 1.96 5.97
N ASP C 50 21.32 0.69 6.23
CA ASP C 50 22.13 -0.08 7.17
C ASP C 50 23.51 -0.35 6.56
N ASP C 51 23.57 -0.74 5.28
CA ASP C 51 24.86 -0.93 4.61
C ASP C 51 25.61 0.39 4.52
N LEU C 52 24.88 1.51 4.28
CA LEU C 52 25.49 2.82 4.11
C LEU C 52 26.14 3.25 5.43
N ALA C 53 25.42 3.05 6.56
CA ALA C 53 25.96 3.29 7.89
C ALA C 53 27.24 2.49 8.14
N ALA C 54 27.30 1.25 7.62
CA ALA C 54 28.43 0.36 7.92
C ALA C 54 29.71 0.80 7.21
N VAL C 55 29.58 1.62 6.14
CA VAL C 55 30.70 2.02 5.32
C VAL C 55 31.73 2.79 6.15
N PRO C 56 31.37 3.90 6.84
CA PRO C 56 32.31 4.58 7.74
C PRO C 56 32.88 3.70 8.86
N LEU C 57 32.07 2.77 9.38
CA LEU C 57 32.53 1.90 10.45
C LEU C 57 33.67 1.02 9.95
N LYS C 58 33.49 0.39 8.77
CA LYS C 58 34.55 -0.40 8.13
C LYS C 58 35.82 0.43 7.92
N ALA C 59 35.67 1.69 7.47
CA ALA C 59 36.84 2.52 7.23
C ALA C 59 37.57 2.79 8.53
N LEU C 60 36.81 3.04 9.63
CA LEU C 60 37.49 3.27 10.90
C LEU C 60 38.34 2.04 11.29
N ILE C 61 37.82 0.84 11.01
CA ILE C 61 38.54 -0.37 11.35
C ILE C 61 39.85 -0.40 10.57
N GLU C 62 39.76 -0.24 9.25
CA GLU C 62 40.91 -0.24 8.35
C GLU C 62 41.88 0.90 8.73
N ARG C 63 41.35 2.08 9.11
CA ARG C 63 42.23 3.23 9.26
C ARG C 63 42.96 3.23 10.61
N ASN C 64 42.57 2.31 11.52
CA ASN C 64 43.04 2.41 12.90
C ASN C 64 43.46 1.03 13.41
N PRO C 65 44.59 0.49 12.88
CA PRO C 65 44.99 -0.89 13.18
C PRO C 65 45.49 -1.17 14.60
N GLY C 66 45.89 -0.14 15.34
CA GLY C 66 46.27 -0.26 16.73
C GLY C 66 45.09 -0.58 17.68
N VAL C 67 43.86 -0.35 17.21
CA VAL C 67 42.71 -0.44 18.09
C VAL C 67 42.39 -1.92 18.34
N GLN C 68 42.13 -2.30 19.60
CA GLN C 68 41.62 -3.64 19.86
C GLN C 68 40.08 -3.56 19.81
N TRP C 69 39.47 -4.08 18.72
CA TRP C 69 38.10 -3.72 18.40
C TRP C 69 37.07 -4.34 19.36
N ASP C 70 37.40 -5.43 20.05
CA ASP C 70 36.48 -5.99 21.02
C ASP C 70 36.39 -5.14 22.29
N GLN C 71 37.14 -4.03 22.35
CA GLN C 71 37.06 -3.17 23.53
C GLN C 71 36.15 -1.98 23.27
N VAL C 72 35.53 -1.88 22.08
CA VAL C 72 34.59 -0.79 21.83
C VAL C 72 33.40 -0.93 22.78
N ASP C 73 33.15 0.10 23.60
CA ASP C 73 32.12 0.05 24.63
C ASP C 73 30.73 0.24 24.02
N GLU C 74 30.63 1.00 22.91
CA GLU C 74 29.30 1.34 22.40
C GLU C 74 29.45 2.02 21.04
N VAL C 75 28.53 1.73 20.11
CA VAL C 75 28.31 2.53 18.92
C VAL C 75 27.00 3.29 19.07
N PHE C 76 27.10 4.64 19.02
CA PHE C 76 25.96 5.55 19.09
C PHE C 76 25.78 6.18 17.70
N PHE C 77 24.61 5.99 17.09
CA PHE C 77 24.34 6.54 15.77
C PHE C 77 23.05 7.35 15.78
N GLY C 78 23.09 8.51 15.08
CA GLY C 78 21.88 9.28 14.84
C GLY C 78 21.15 8.81 13.59
N CYS C 79 19.80 8.86 13.61
CA CYS C 79 19.00 8.48 12.46
C CYS C 79 17.60 9.03 12.70
N ALA C 80 17.10 9.88 11.78
CA ALA C 80 15.85 10.60 11.99
C ALA C 80 14.64 9.73 11.67
N ASN C 81 14.82 8.67 10.85
CA ASN C 81 13.67 8.00 10.21
C ASN C 81 13.32 6.69 10.92
N GLN C 82 14.08 5.64 10.61
CA GLN C 82 14.04 4.39 11.37
C GLN C 82 12.82 3.54 10.98
N ALA C 83 12.14 3.90 9.86
CA ALA C 83 11.01 3.14 9.35
C ALA C 83 11.42 2.15 8.24
N GLY C 84 12.61 2.38 7.64
CA GLY C 84 13.05 1.65 6.45
C GLY C 84 14.11 0.60 6.77
N GLU C 85 15.10 0.43 5.87
CA GLU C 85 16.21 -0.47 6.16
C GLU C 85 17.04 0.07 7.33
N ASP C 86 16.68 1.26 7.83
CA ASP C 86 17.31 1.80 9.03
C ASP C 86 16.50 1.41 10.26
N ASN C 87 15.59 0.43 10.12
CA ASN C 87 14.67 0.09 11.20
C ASN C 87 15.33 -0.80 12.27
N ARG C 88 14.80 -0.73 13.49
N ARG C 88 14.85 -0.73 13.52
CA ARG C 88 15.14 -1.61 14.60
CA ARG C 88 15.17 -1.71 14.55
C ARG C 88 16.60 -1.49 14.99
C ARG C 88 16.60 -1.50 15.08
N ASN C 89 17.01 -0.24 15.24
CA ASN C 89 18.26 0.07 15.91
C ASN C 89 19.41 -0.09 14.91
N VAL C 90 19.52 0.90 13.99
CA VAL C 90 20.46 0.84 12.88
C VAL C 90 21.91 0.82 13.38
N ALA C 91 22.18 1.41 14.55
CA ALA C 91 23.52 1.36 15.14
C ALA C 91 23.99 -0.08 15.28
N ARG C 92 23.14 -0.92 15.85
CA ARG C 92 23.46 -2.33 16.02
C ARG C 92 23.58 -3.04 14.66
N MET C 93 22.61 -2.82 13.75
CA MET C 93 22.66 -3.43 12.43
C MET C 93 23.97 -3.08 11.72
N ALA C 94 24.32 -1.79 11.74
CA ALA C 94 25.52 -1.31 11.04
C ALA C 94 26.78 -1.94 11.62
N LEU C 95 26.90 -1.95 12.96
CA LEU C 95 28.17 -2.42 13.48
C LEU C 95 28.34 -3.90 13.13
N LEU C 96 27.23 -4.67 13.12
CA LEU C 96 27.35 -6.07 12.72
C LEU C 96 27.74 -6.21 11.25
N LEU C 97 27.09 -5.42 10.37
CA LEU C 97 27.39 -5.41 8.95
C LEU C 97 28.84 -4.99 8.68
N ALA C 98 29.44 -4.15 9.55
CA ALA C 98 30.77 -3.61 9.35
C ALA C 98 31.87 -4.56 9.84
N GLY C 99 31.47 -5.68 10.46
CA GLY C 99 32.42 -6.70 10.86
C GLY C 99 32.90 -6.47 12.29
N LEU C 100 32.21 -5.61 13.07
CA LEU C 100 32.63 -5.43 14.46
C LEU C 100 32.12 -6.64 15.26
N PRO C 101 32.84 -7.12 16.31
CA PRO C 101 32.41 -8.34 17.01
C PRO C 101 30.99 -8.16 17.55
N GLU C 102 30.22 -9.25 17.58
CA GLU C 102 28.87 -9.27 18.11
C GLU C 102 28.82 -8.85 19.59
N SER C 103 29.98 -8.70 20.24
CA SER C 103 29.99 -8.31 21.65
C SER C 103 29.78 -6.80 21.81
N ILE C 104 29.84 -6.02 20.70
CA ILE C 104 29.80 -4.56 20.79
C ILE C 104 28.33 -4.11 20.73
N PRO C 105 27.82 -3.38 21.75
CA PRO C 105 26.45 -2.90 21.66
C PRO C 105 26.31 -1.63 20.81
N GLY C 106 25.07 -1.34 20.41
CA GLY C 106 24.74 -0.12 19.69
C GLY C 106 23.37 0.41 20.07
N VAL C 107 23.19 1.72 19.90
CA VAL C 107 21.99 2.45 20.27
C VAL C 107 21.81 3.58 19.26
N THR C 108 20.56 3.81 18.84
CA THR C 108 20.23 4.79 17.82
C THR C 108 19.54 6.01 18.46
N LEU C 109 19.98 7.24 18.13
CA LEU C 109 19.35 8.42 18.70
C LEU C 109 18.61 9.18 17.60
N ASN C 110 17.52 9.83 18.00
CA ASN C 110 16.64 10.57 17.10
C ASN C 110 16.33 11.93 17.71
N ARG C 111 17.04 12.95 17.22
CA ARG C 111 16.62 14.34 17.38
C ARG C 111 16.59 14.98 15.99
N LEU C 112 15.97 14.29 15.03
CA LEU C 112 15.78 14.76 13.65
C LEU C 112 17.10 15.22 13.06
N CYS C 113 17.19 16.47 12.59
CA CYS C 113 18.37 16.83 11.82
C CYS C 113 19.61 16.89 12.73
N ALA C 114 19.40 16.96 14.06
CA ALA C 114 20.49 17.08 15.01
C ALA C 114 20.96 15.71 15.52
N SER C 115 20.33 14.63 15.04
CA SER C 115 20.57 13.30 15.56
C SER C 115 22.06 12.93 15.63
N GLY C 116 22.80 13.15 14.54
CA GLY C 116 24.20 12.77 14.49
C GLY C 116 25.06 13.56 15.48
N MET C 117 24.73 14.83 15.73
CA MET C 117 25.41 15.61 16.76
C MET C 117 25.09 15.06 18.15
N ASP C 118 23.82 14.71 18.40
CA ASP C 118 23.38 14.11 19.65
C ASP C 118 24.19 12.86 19.96
N ALA C 119 24.43 12.03 18.94
CA ALA C 119 25.28 10.84 19.06
C ALA C 119 26.66 11.20 19.64
N VAL C 120 27.30 12.26 19.12
CA VAL C 120 28.64 12.62 19.56
C VAL C 120 28.56 13.09 21.02
N GLY C 121 27.54 13.92 21.30
CA GLY C 121 27.37 14.51 22.64
C GLY C 121 27.00 13.46 23.68
N THR C 122 26.23 12.45 23.28
CA THR C 122 25.87 11.37 24.19
C THR C 122 27.07 10.45 24.47
N ALA C 123 27.84 10.12 23.43
CA ALA C 123 29.10 9.40 23.57
C ALA C 123 30.03 10.13 24.56
N PHE C 124 30.18 11.45 24.37
CA PHE C 124 30.98 12.28 25.23
C PHE C 124 30.56 12.15 26.70
N ARG C 125 29.25 12.19 26.98
CA ARG C 125 28.75 12.16 28.35
C ARG C 125 29.05 10.79 28.98
N ALA C 126 28.98 9.73 28.17
CA ALA C 126 29.17 8.37 28.64
C ALA C 126 30.62 8.21 29.09
N ILE C 127 31.56 8.80 28.32
CA ILE C 127 32.97 8.70 28.70
C ILE C 127 33.29 9.66 29.85
N ALA C 128 32.75 10.89 29.80
CA ALA C 128 33.07 11.89 30.81
C ALA C 128 32.61 11.45 32.20
N SER C 129 31.54 10.65 32.27
CA SER C 129 30.98 10.21 33.54
C SER C 129 31.63 8.90 33.96
N GLY C 130 32.57 8.42 33.14
CA GLY C 130 33.39 7.26 33.49
C GLY C 130 32.71 5.91 33.29
N GLU C 131 31.60 5.86 32.54
CA GLU C 131 30.92 4.61 32.30
C GLU C 131 31.51 3.87 31.09
N MET C 132 32.36 4.55 30.30
CA MET C 132 32.95 4.01 29.08
C MET C 132 34.30 4.67 28.84
N GLU C 133 35.09 4.03 27.97
CA GLU C 133 36.46 4.42 27.68
C GLU C 133 36.62 4.69 26.17
N LEU C 134 35.96 3.87 25.34
CA LEU C 134 36.20 3.81 23.89
C LEU C 134 34.90 3.61 23.14
N VAL C 135 34.53 4.59 22.28
CA VAL C 135 33.19 4.55 21.67
C VAL C 135 33.29 5.08 20.25
N ILE C 136 32.28 4.69 19.43
CA ILE C 136 32.07 5.25 18.09
C ILE C 136 30.76 6.03 18.08
N ALA C 137 30.79 7.24 17.49
CA ALA C 137 29.60 8.06 17.32
C ALA C 137 29.50 8.48 15.85
N GLY C 138 28.27 8.42 15.34
CA GLY C 138 28.07 8.74 13.93
C GLY C 138 26.61 8.99 13.63
N GLY C 139 26.29 9.00 12.33
CA GLY C 139 24.91 9.11 11.90
C GLY C 139 24.76 8.67 10.45
N VAL C 140 23.49 8.42 10.09
CA VAL C 140 23.14 7.97 8.75
C VAL C 140 21.76 8.51 8.40
N GLU C 141 21.56 8.80 7.11
CA GLU C 141 20.20 8.87 6.59
C GLU C 141 20.25 8.41 5.12
N SER C 142 19.31 7.52 4.77
CA SER C 142 19.01 7.34 3.34
C SER C 142 17.65 7.97 3.03
N MET C 143 17.65 9.22 2.58
CA MET C 143 16.37 9.84 2.35
C MET C 143 15.76 9.34 1.03
N SER C 144 16.59 8.99 0.04
CA SER C 144 16.13 8.38 -1.20
C SER C 144 15.27 7.17 -0.87
N ARG C 145 15.74 6.39 0.13
CA ARG C 145 15.18 5.07 0.38
C ARG C 145 14.08 5.10 1.45
N ALA C 146 13.73 6.28 1.96
CA ALA C 146 12.76 6.39 3.05
C ALA C 146 11.44 5.78 2.58
N PRO C 147 10.80 4.86 3.35
CA PRO C 147 9.62 4.13 2.87
C PRO C 147 8.30 4.90 3.02
N PHE C 148 7.22 4.33 2.47
CA PHE C 148 5.89 4.83 2.75
C PHE C 148 5.38 4.11 3.98
N VAL C 149 4.44 4.73 4.70
CA VAL C 149 3.86 4.11 5.88
C VAL C 149 2.34 4.16 5.73
N MET C 150 1.69 3.14 6.30
CA MET C 150 0.24 3.04 6.28
C MET C 150 -0.21 2.59 7.67
N GLY C 151 -1.06 3.40 8.34
CA GLY C 151 -1.68 3.03 9.59
C GLY C 151 -2.47 1.72 9.46
N LYS C 152 -2.61 0.99 10.57
CA LYS C 152 -3.45 -0.22 10.57
C LYS C 152 -4.92 0.19 10.44
N ALA C 153 -5.77 -0.70 9.93
CA ALA C 153 -7.19 -0.37 9.89
C ALA C 153 -7.73 -0.33 11.31
N GLU C 154 -8.67 0.58 11.60
CA GLU C 154 -9.21 0.66 12.95
C GLU C 154 -10.57 -0.04 13.03
N SER C 155 -11.07 -0.55 11.91
CA SER C 155 -12.34 -1.27 11.88
C SER C 155 -12.33 -2.25 10.72
N ALA C 156 -13.17 -3.29 10.82
CA ALA C 156 -13.24 -4.33 9.80
C ALA C 156 -13.84 -3.70 8.55
N TYR C 157 -13.21 -3.92 7.38
CA TYR C 157 -13.64 -3.36 6.11
C TYR C 157 -13.54 -1.85 6.07
N SER C 158 -12.58 -1.29 6.82
CA SER C 158 -12.34 0.14 6.77
C SER C 158 -12.06 0.58 5.33
N ARG C 159 -12.65 1.71 4.96
CA ARG C 159 -12.45 2.35 3.66
C ARG C 159 -11.40 3.47 3.77
N ASN C 160 -10.76 3.61 4.93
CA ASN C 160 -9.90 4.77 5.17
C ASN C 160 -8.44 4.34 5.33
N MET C 161 -7.89 3.65 4.33
CA MET C 161 -6.48 3.31 4.34
C MET C 161 -5.75 4.32 3.47
N LYS C 162 -4.50 4.66 3.84
CA LYS C 162 -3.78 5.77 3.23
C LYS C 162 -2.26 5.52 3.31
N LEU C 163 -1.51 5.91 2.26
CA LEU C 163 -0.06 5.80 2.33
C LEU C 163 0.50 7.18 2.61
N GLU C 164 1.63 7.25 3.33
CA GLU C 164 2.28 8.53 3.56
C GLU C 164 3.78 8.39 3.39
N ASP C 165 4.38 9.40 2.74
CA ASP C 165 5.80 9.49 2.42
C ASP C 165 6.57 9.88 3.67
N THR C 166 7.69 9.21 3.97
CA THR C 166 8.40 9.55 5.19
C THR C 166 9.74 10.19 4.81
N THR C 167 9.89 10.57 3.53
CA THR C 167 11.15 11.14 3.08
C THR C 167 11.56 12.31 3.98
N ILE C 168 10.62 13.22 4.24
CA ILE C 168 10.87 14.33 5.14
C ILE C 168 9.55 14.96 5.57
N GLY C 169 9.48 15.39 6.83
CA GLY C 169 8.39 16.27 7.25
C GLY C 169 7.21 15.50 7.85
N TRP C 170 6.09 16.21 8.07
CA TRP C 170 4.95 15.67 8.81
C TRP C 170 4.36 14.41 8.18
N ARG C 171 4.09 13.40 9.02
CA ARG C 171 3.18 12.31 8.70
C ARG C 171 2.49 11.85 9.97
N PHE C 172 1.32 11.21 9.82
CA PHE C 172 0.43 10.93 10.94
C PHE C 172 0.26 12.17 11.83
N ILE C 173 -0.13 13.28 11.21
CA ILE C 173 -0.38 14.51 11.93
C ILE C 173 -1.41 14.30 13.03
N ASN C 174 -1.08 14.78 14.24
CA ASN C 174 -1.98 14.75 15.38
C ASN C 174 -2.81 16.03 15.36
N PRO C 175 -4.16 16.01 15.27
CA PRO C 175 -4.96 17.23 15.28
C PRO C 175 -4.68 18.16 16.47
N LEU C 176 -4.32 17.58 17.63
CA LEU C 176 -3.96 18.40 18.79
C LEU C 176 -2.64 19.12 18.55
N MET C 177 -1.71 18.53 17.77
CA MET C 177 -0.46 19.24 17.52
C MET C 177 -0.75 20.42 16.60
N LYS C 178 -1.61 20.17 15.61
CA LYS C 178 -1.93 21.16 14.58
C LYS C 178 -2.64 22.35 15.23
N SER C 179 -3.63 22.08 16.09
CA SER C 179 -4.42 23.17 16.66
C SER C 179 -3.59 23.99 17.66
N GLN C 180 -2.70 23.34 18.44
CA GLN C 180 -1.95 24.12 19.42
C GLN C 180 -0.70 24.78 18.82
N TYR C 181 0.05 24.07 17.94
CA TYR C 181 1.35 24.57 17.54
C TYR C 181 1.43 24.73 16.02
N GLY C 182 0.39 24.26 15.31
CA GLY C 182 0.43 24.13 13.85
C GLY C 182 1.37 23.03 13.37
N VAL C 183 1.31 22.72 12.06
CA VAL C 183 2.16 21.73 11.43
C VAL C 183 2.71 22.35 10.15
N ASP C 184 3.23 23.58 10.29
CA ASP C 184 3.93 24.22 9.21
C ASP C 184 4.97 23.24 8.70
N SER C 185 5.13 23.19 7.38
CA SER C 185 6.25 22.46 6.81
C SER C 185 7.52 23.16 7.24
N MET C 186 8.68 22.49 7.11
CA MET C 186 9.96 23.12 7.42
C MET C 186 10.19 24.36 6.56
N PRO C 187 9.98 24.33 5.20
CA PRO C 187 10.12 25.55 4.41
C PRO C 187 9.22 26.68 4.92
N GLU C 188 7.99 26.34 5.36
CA GLU C 188 7.08 27.34 5.89
C GLU C 188 7.65 28.00 7.13
N THR C 189 8.29 27.20 8.00
CA THR C 189 8.92 27.77 9.18
C THR C 189 10.09 28.65 8.77
N ALA C 190 10.77 28.28 7.68
CA ALA C 190 11.88 29.12 7.25
C ALA C 190 11.38 30.47 6.73
N ASP C 191 10.20 30.47 6.07
CA ASP C 191 9.54 31.72 5.70
C ASP C 191 9.17 32.52 6.95
N ASN C 192 8.66 31.82 7.98
CA ASN C 192 8.23 32.49 9.22
C ASN C 192 9.42 33.17 9.90
N VAL C 193 10.59 32.53 9.87
CA VAL C 193 11.80 33.15 10.44
C VAL C 193 12.19 34.41 9.63
N ALA C 194 12.25 34.28 8.28
CA ALA C 194 12.54 35.41 7.39
C ALA C 194 11.65 36.63 7.70
N ASP C 195 10.37 36.35 7.92
CA ASP C 195 9.38 37.37 8.28
C ASP C 195 9.63 37.96 9.66
N ASP C 196 9.65 37.10 10.69
CA ASP C 196 9.74 37.58 12.05
C ASP C 196 11.10 38.20 12.30
N TYR C 197 12.17 37.65 11.68
CA TYR C 197 13.49 38.16 11.96
C TYR C 197 13.97 39.13 10.88
N GLN C 198 13.12 39.40 9.87
CA GLN C 198 13.39 40.35 8.79
C GLN C 198 14.67 39.97 8.04
N VAL C 199 14.65 38.81 7.39
CA VAL C 199 15.80 38.39 6.62
C VAL C 199 15.38 38.40 5.15
N SER C 200 15.94 39.33 4.37
CA SER C 200 15.45 39.57 3.02
C SER C 200 15.85 38.43 2.06
N ARG C 201 15.10 38.30 0.98
CA ARG C 201 15.43 37.39 -0.12
C ARG C 201 16.86 37.61 -0.62
N ALA C 202 17.28 38.87 -0.81
CA ALA C 202 18.57 39.13 -1.45
C ALA C 202 19.72 38.65 -0.55
N ASP C 203 19.55 38.85 0.77
CA ASP C 203 20.52 38.40 1.76
C ASP C 203 20.57 36.88 1.79
N GLN C 204 19.42 36.21 1.63
CA GLN C 204 19.36 34.76 1.69
C GLN C 204 20.07 34.18 0.47
N ASP C 205 19.81 34.80 -0.70
CA ASP C 205 20.42 34.33 -1.93
C ASP C 205 21.93 34.56 -1.87
N ALA C 206 22.37 35.71 -1.33
CA ALA C 206 23.79 36.01 -1.19
C ALA C 206 24.48 34.91 -0.39
N PHE C 207 23.88 34.55 0.75
CA PHE C 207 24.46 33.55 1.64
C PHE C 207 24.56 32.18 0.95
N ALA C 208 23.51 31.85 0.19
CA ALA C 208 23.42 30.63 -0.60
C ALA C 208 24.53 30.58 -1.65
N LEU C 209 24.75 31.69 -2.36
CA LEU C 209 25.83 31.75 -3.33
C LEU C 209 27.18 31.59 -2.62
N ARG C 210 27.36 32.25 -1.46
CA ARG C 210 28.63 32.07 -0.76
C ARG C 210 28.83 30.60 -0.38
N SER C 211 27.75 29.94 0.02
CA SER C 211 27.83 28.53 0.36
C SER C 211 28.30 27.72 -0.85
N GLN C 212 27.70 27.96 -2.02
CA GLN C 212 28.13 27.23 -3.20
C GLN C 212 29.59 27.53 -3.51
N GLN C 213 29.97 28.83 -3.48
CA GLN C 213 31.30 29.22 -3.89
C GLN C 213 32.36 28.59 -2.98
N LYS C 214 32.13 28.62 -1.67
CA LYS C 214 33.06 28.11 -0.68
C LYS C 214 33.21 26.59 -0.78
N ALA C 215 32.09 25.90 -1.00
CA ALA C 215 32.12 24.44 -1.09
C ALA C 215 32.88 24.03 -2.36
N ALA C 216 32.69 24.81 -3.45
CA ALA C 216 33.34 24.50 -4.72
C ALA C 216 34.85 24.62 -4.55
N ALA C 217 35.24 25.70 -3.86
CA ALA C 217 36.65 25.97 -3.57
C ALA C 217 37.21 24.85 -2.71
N ALA C 218 36.50 24.51 -1.64
CA ALA C 218 36.94 23.44 -0.75
C ALA C 218 37.06 22.10 -1.49
N GLN C 219 36.12 21.81 -2.42
CA GLN C 219 36.15 20.58 -3.19
C GLN C 219 37.40 20.51 -4.07
N ALA C 220 37.71 21.60 -4.77
CA ALA C 220 38.85 21.60 -5.68
C ALA C 220 40.16 21.56 -4.90
N ALA C 221 40.17 22.08 -3.68
CA ALA C 221 41.37 22.04 -2.87
C ALA C 221 41.62 20.66 -2.25
N GLY C 222 40.69 19.70 -2.39
CA GLY C 222 40.87 18.40 -1.73
C GLY C 222 40.43 18.37 -0.26
N PHE C 223 39.78 19.44 0.22
CA PHE C 223 39.31 19.47 1.61
C PHE C 223 38.31 18.35 1.91
N PHE C 224 37.26 18.17 1.10
CA PHE C 224 36.30 17.09 1.32
C PHE C 224 36.96 15.71 1.12
N ALA C 225 37.86 15.59 0.13
CA ALA C 225 38.52 14.30 -0.12
C ALA C 225 39.17 13.73 1.15
N GLU C 226 39.76 14.59 1.98
CA GLU C 226 40.38 14.18 3.23
C GLU C 226 39.36 13.63 4.22
N GLU C 227 38.08 14.04 4.10
CA GLU C 227 37.03 13.55 5.00
C GLU C 227 36.36 12.28 4.46
N ILE C 228 36.53 11.99 3.15
CA ILE C 228 35.65 11.06 2.46
C ILE C 228 36.31 9.69 2.31
N VAL C 229 35.49 8.66 2.58
CA VAL C 229 35.83 7.31 2.20
C VAL C 229 34.81 6.86 1.16
N PRO C 230 35.23 6.13 0.10
CA PRO C 230 34.33 5.83 -1.02
C PRO C 230 33.29 4.77 -0.68
N VAL C 231 32.16 4.85 -1.38
CA VAL C 231 31.15 3.82 -1.25
C VAL C 231 31.27 2.95 -2.50
N ARG C 232 31.42 1.63 -2.29
CA ARG C 232 31.54 0.72 -3.41
C ARG C 232 30.18 0.09 -3.65
N ILE C 233 29.76 0.10 -4.92
CA ILE C 233 28.47 -0.49 -5.29
C ILE C 233 28.69 -1.61 -6.33
N ALA C 234 28.26 -2.83 -5.96
CA ALA C 234 28.55 -4.06 -6.70
C ALA C 234 27.67 -4.16 -7.96
N GLU C 239 31.49 -3.05 -10.77
CA GLU C 239 31.63 -2.29 -9.50
C GLU C 239 31.73 -0.79 -9.79
N ILE C 240 30.99 0.01 -9.03
CA ILE C 240 30.94 1.46 -9.19
C ILE C 240 31.36 2.10 -7.87
N ILE C 241 32.12 3.21 -7.94
CA ILE C 241 32.75 3.79 -6.76
C ILE C 241 32.25 5.22 -6.62
N VAL C 242 31.59 5.52 -5.51
CA VAL C 242 31.11 6.87 -5.29
C VAL C 242 32.06 7.53 -4.28
N GLU C 243 32.64 8.67 -4.69
N GLU C 243 32.61 8.69 -4.64
CA GLU C 243 33.70 9.31 -3.93
CA GLU C 243 33.59 9.35 -3.79
C GLU C 243 33.62 10.85 -3.94
C GLU C 243 33.39 10.86 -3.69
N ARG C 244 32.62 11.45 -4.60
CA ARG C 244 32.50 12.91 -4.55
C ARG C 244 31.10 13.33 -4.10
N ASP C 245 31.06 14.40 -3.29
CA ASP C 245 29.84 15.03 -2.84
C ASP C 245 29.15 15.51 -4.10
N GLU C 246 27.85 15.19 -4.22
CA GLU C 246 27.10 15.26 -5.47
C GLU C 246 26.15 16.46 -5.50
N HIS C 247 25.80 17.00 -4.34
CA HIS C 247 24.70 17.97 -4.27
C HIS C 247 25.13 19.35 -4.76
N LEU C 248 26.46 19.59 -4.79
CA LEU C 248 27.00 20.91 -5.07
C LEU C 248 26.52 21.38 -6.43
N ARG C 249 26.25 22.69 -6.54
CA ARG C 249 25.98 23.37 -7.79
C ARG C 249 26.95 24.55 -7.93
N PRO C 250 28.22 24.31 -8.28
CA PRO C 250 29.20 25.39 -8.38
C PRO C 250 28.81 26.38 -9.49
N GLU C 251 27.93 25.93 -10.40
CA GLU C 251 27.42 26.76 -11.48
C GLU C 251 26.49 27.87 -10.98
N THR C 252 26.11 27.83 -9.69
CA THR C 252 25.11 28.78 -9.17
C THR C 252 25.57 30.22 -9.40
N THR C 253 24.66 31.10 -9.84
CA THR C 253 24.94 32.53 -9.91
C THR C 253 23.86 33.26 -9.09
N LEU C 254 24.18 34.50 -8.68
CA LEU C 254 23.17 35.30 -8.00
C LEU C 254 21.93 35.50 -8.88
N GLU C 255 22.15 35.71 -10.20
CA GLU C 255 21.10 35.98 -11.17
C GLU C 255 20.17 34.77 -11.26
N ALA C 256 20.77 33.58 -11.33
CA ALA C 256 19.99 32.34 -11.33
C ALA C 256 19.17 32.21 -10.05
N LEU C 257 19.77 32.53 -8.89
CA LEU C 257 19.04 32.45 -7.62
C LEU C 257 17.86 33.42 -7.59
N THR C 258 18.04 34.61 -8.17
CA THR C 258 17.04 35.66 -8.19
C THR C 258 15.79 35.23 -8.97
N LYS C 259 15.97 34.44 -10.02
CA LYS C 259 14.86 34.02 -10.87
C LYS C 259 14.03 32.89 -10.26
N LEU C 260 14.52 32.21 -9.23
CA LEU C 260 13.74 31.09 -8.73
C LEU C 260 12.46 31.62 -8.06
N LYS C 261 11.38 30.81 -8.07
CA LYS C 261 10.14 31.13 -7.39
C LYS C 261 10.14 30.56 -5.97
N PRO C 262 9.72 31.36 -4.96
CA PRO C 262 9.55 30.84 -3.59
C PRO C 262 8.67 29.60 -3.52
N VAL C 263 9.09 28.61 -2.73
CA VAL C 263 8.30 27.41 -2.51
C VAL C 263 6.86 27.74 -2.13
N ASN C 264 6.61 28.78 -1.32
CA ASN C 264 5.31 28.94 -0.68
C ASN C 264 4.54 30.16 -1.17
N GLY C 265 4.95 30.76 -2.30
CA GLY C 265 4.20 31.86 -2.89
C GLY C 265 5.04 33.12 -3.09
N PRO C 266 4.57 34.06 -3.96
CA PRO C 266 5.40 35.18 -4.41
C PRO C 266 5.71 36.16 -3.28
N ASP C 267 4.81 36.23 -2.29
CA ASP C 267 5.04 37.08 -1.13
C ASP C 267 6.03 36.43 -0.15
N LYS C 268 6.60 35.26 -0.48
CA LYS C 268 7.47 34.54 0.46
C LYS C 268 8.92 34.64 -0.01
N THR C 269 9.88 34.00 0.69
CA THR C 269 11.30 34.20 0.42
C THR C 269 12.12 32.92 0.17
N VAL C 270 11.74 31.79 0.78
CA VAL C 270 12.55 30.58 0.70
C VAL C 270 12.32 29.90 -0.64
N THR C 271 13.40 29.43 -1.28
CA THR C 271 13.34 28.75 -2.56
C THR C 271 14.23 27.52 -2.50
N ALA C 272 14.12 26.63 -3.49
CA ALA C 272 14.98 25.47 -3.54
C ALA C 272 16.46 25.87 -3.54
N GLY C 273 16.77 27.06 -4.07
CA GLY C 273 18.13 27.52 -4.21
C GLY C 273 18.77 28.08 -2.94
N ASN C 274 17.97 28.56 -1.97
CA ASN C 274 18.54 29.08 -0.73
C ASN C 274 18.19 28.15 0.45
N ALA C 275 17.91 26.88 0.15
CA ALA C 275 17.58 25.85 1.13
C ALA C 275 18.50 24.63 0.96
N SER C 276 18.72 23.89 2.05
N SER C 276 18.70 23.90 2.06
CA SER C 276 19.35 22.60 1.90
CA SER C 276 19.27 22.55 2.01
C SER C 276 18.46 21.67 1.06
C SER C 276 18.43 21.64 1.11
N GLY C 277 19.02 20.54 0.64
CA GLY C 277 18.28 19.51 -0.09
C GLY C 277 17.96 18.27 0.74
N VAL C 278 17.39 17.25 0.08
CA VAL C 278 17.06 15.95 0.65
C VAL C 278 18.13 14.97 0.17
N ASN C 279 18.84 14.24 1.05
CA ASN C 279 20.13 13.68 0.68
C ASN C 279 20.41 12.34 1.39
N ASP C 280 21.48 11.64 0.95
CA ASP C 280 21.89 10.35 1.52
C ASP C 280 23.35 10.46 1.98
N GLY C 281 23.69 9.86 3.12
CA GLY C 281 25.09 9.81 3.55
C GLY C 281 25.23 9.27 4.98
N ALA C 282 26.47 8.93 5.39
CA ALA C 282 26.76 8.48 6.75
C ALA C 282 28.13 9.02 7.15
N ALA C 283 28.35 9.16 8.48
CA ALA C 283 29.64 9.56 9.02
C ALA C 283 29.85 8.86 10.36
N ALA C 284 31.12 8.68 10.75
CA ALA C 284 31.41 8.12 12.07
C ALA C 284 32.78 8.61 12.55
N MET C 285 32.93 8.66 13.88
CA MET C 285 34.19 9.01 14.52
C MET C 285 34.37 8.23 15.84
N ILE C 286 35.65 8.09 16.25
CA ILE C 286 36.06 7.51 17.53
C ILE C 286 36.13 8.61 18.59
N LEU C 287 35.61 8.29 19.78
CA LEU C 287 35.84 9.11 20.97
C LEU C 287 36.44 8.22 22.05
N ALA C 288 37.32 8.81 22.86
CA ALA C 288 38.12 7.99 23.75
C ALA C 288 38.56 8.80 24.96
N SER C 289 38.71 8.07 26.08
CA SER C 289 39.33 8.63 27.26
C SER C 289 40.85 8.73 27.06
N ALA C 290 41.55 9.46 27.92
CA ALA C 290 43.01 9.54 27.82
C ALA C 290 43.63 8.12 27.86
N ALA C 291 43.12 7.28 28.76
CA ALA C 291 43.59 5.90 28.90
C ALA C 291 43.45 5.12 27.60
N ALA C 292 42.27 5.26 26.96
CA ALA C 292 42.01 4.50 25.76
C ALA C 292 42.84 5.02 24.59
N VAL C 293 43.10 6.34 24.56
CA VAL C 293 43.93 6.91 23.51
C VAL C 293 45.28 6.19 23.45
N LYS C 294 45.85 5.98 24.65
CA LYS C 294 47.21 5.48 24.84
C LYS C 294 47.20 3.98 24.56
N LYS C 295 46.22 3.28 25.15
CA LYS C 295 46.11 1.85 24.95
C LYS C 295 45.94 1.47 23.48
N HIS C 296 45.14 2.24 22.71
CA HIS C 296 44.78 1.82 21.37
C HIS C 296 45.58 2.56 20.31
N GLY C 297 46.58 3.34 20.73
CA GLY C 297 47.43 4.08 19.81
C GLY C 297 46.68 5.08 18.94
N LEU C 298 45.63 5.72 19.51
CA LEU C 298 44.84 6.69 18.77
C LEU C 298 45.57 8.03 18.70
N THR C 299 45.16 8.84 17.72
CA THR C 299 45.64 10.22 17.68
C THR C 299 44.54 11.11 18.25
N PRO C 300 44.70 11.66 19.47
CA PRO C 300 43.71 12.59 20.01
C PRO C 300 43.75 13.88 19.17
N ARG C 301 42.59 14.31 18.65
CA ARG C 301 42.58 15.44 17.74
C ARG C 301 41.89 16.66 18.38
N ALA C 302 40.80 16.42 19.12
CA ALA C 302 40.16 17.48 19.90
C ALA C 302 39.61 16.92 21.20
N ARG C 303 39.52 17.81 22.18
CA ARG C 303 38.78 17.52 23.40
C ARG C 303 37.36 18.06 23.21
N VAL C 304 36.38 17.28 23.66
CA VAL C 304 35.00 17.73 23.65
C VAL C 304 34.76 18.59 24.89
N LEU C 305 34.26 19.80 24.70
CA LEU C 305 34.05 20.70 25.82
C LEU C 305 32.65 20.57 26.42
N GLY C 306 31.63 20.29 25.59
CA GLY C 306 30.26 20.34 26.07
C GLY C 306 29.22 20.27 24.95
N MET C 307 27.99 19.84 25.31
CA MET C 307 26.85 19.94 24.41
C MET C 307 25.67 20.57 25.16
N ALA C 308 24.84 21.38 24.48
CA ALA C 308 23.59 21.83 25.08
C ALA C 308 22.47 21.85 24.04
N SER C 309 21.23 21.72 24.53
CA SER C 309 20.05 21.80 23.69
C SER C 309 19.15 22.95 24.11
N GLY C 310 18.29 23.37 23.17
CA GLY C 310 17.18 24.23 23.55
C GLY C 310 15.94 24.00 22.69
N GLY C 311 14.81 24.53 23.18
CA GLY C 311 13.50 24.46 22.53
C GLY C 311 13.03 25.86 22.11
N VAL C 312 12.43 25.96 20.91
CA VAL C 312 11.74 27.17 20.47
C VAL C 312 10.33 26.80 19.98
N ALA C 313 9.54 27.83 19.62
CA ALA C 313 8.26 27.55 18.98
C ALA C 313 8.48 26.75 17.69
N PRO C 314 7.73 25.65 17.45
CA PRO C 314 7.91 24.87 16.22
C PRO C 314 7.80 25.71 14.95
N ARG C 315 6.91 26.71 14.95
CA ARG C 315 6.66 27.53 13.77
C ARG C 315 7.89 28.36 13.42
N VAL C 316 8.87 28.50 14.34
CA VAL C 316 10.11 29.20 14.01
C VAL C 316 11.33 28.33 14.34
N MET C 317 11.23 27.04 14.00
CA MET C 317 12.17 26.01 14.44
C MET C 317 13.62 26.41 14.10
N GLY C 318 13.77 27.23 13.04
CA GLY C 318 15.07 27.58 12.52
C GLY C 318 15.90 28.44 13.49
N ILE C 319 15.24 29.04 14.51
CA ILE C 319 15.94 29.94 15.42
C ILE C 319 16.46 29.13 16.62
N GLY C 320 16.17 27.81 16.60
CA GLY C 320 16.47 26.92 17.70
C GLY C 320 17.93 27.00 18.16
N PRO C 321 18.93 27.07 17.26
CA PRO C 321 20.33 27.20 17.68
C PRO C 321 20.60 28.25 18.74
N VAL C 322 19.83 29.35 18.73
CA VAL C 322 20.17 30.50 19.56
C VAL C 322 20.16 30.10 21.04
N PRO C 323 19.04 29.59 21.61
CA PRO C 323 19.05 29.17 23.02
C PRO C 323 20.08 28.07 23.33
N ALA C 324 20.30 27.17 22.36
CA ALA C 324 21.24 26.07 22.52
C ALA C 324 22.66 26.61 22.67
N VAL C 325 23.02 27.57 21.83
CA VAL C 325 24.36 28.15 21.85
C VAL C 325 24.55 28.98 23.11
N ARG C 326 23.53 29.78 23.44
CA ARG C 326 23.63 30.66 24.61
C ARG C 326 23.75 29.80 25.86
N LYS C 327 22.96 28.73 25.93
CA LYS C 327 23.01 27.87 27.11
C LYS C 327 24.41 27.27 27.25
N LEU C 328 24.98 26.74 26.14
CA LEU C 328 26.26 26.07 26.19
C LEU C 328 27.36 27.07 26.55
N THR C 329 27.40 28.24 25.87
CA THR C 329 28.53 29.13 26.04
C THR C 329 28.48 29.75 27.43
N GLU C 330 27.27 30.03 27.93
CA GLU C 330 27.13 30.60 29.26
C GLU C 330 27.66 29.62 30.31
N ARG C 331 27.32 28.33 30.18
CA ARG C 331 27.77 27.34 31.15
C ARG C 331 29.29 27.16 31.07
N LEU C 332 29.88 27.19 29.85
CA LEU C 332 31.30 26.95 29.70
C LEU C 332 32.08 28.23 29.99
N GLY C 333 31.41 29.38 29.96
CA GLY C 333 32.03 30.69 30.16
C GLY C 333 32.92 31.12 28.99
N ILE C 334 32.39 31.01 27.77
CA ILE C 334 33.06 31.27 26.51
C ILE C 334 32.14 32.21 25.75
N ALA C 335 32.71 33.21 25.06
CA ALA C 335 31.87 34.02 24.18
C ALA C 335 31.78 33.35 22.79
N VAL C 336 30.67 33.60 22.10
CA VAL C 336 30.57 33.16 20.70
C VAL C 336 31.80 33.61 19.91
N SER C 337 32.31 34.83 20.18
CA SER C 337 33.37 35.43 19.39
C SER C 337 34.72 34.75 19.69
N ASP C 338 34.74 33.88 20.70
CA ASP C 338 35.93 33.11 21.02
C ASP C 338 36.18 31.95 20.06
N PHE C 339 35.14 31.45 19.36
CA PHE C 339 35.34 30.30 18.50
C PHE C 339 36.13 30.66 17.24
N ASP C 340 37.10 29.80 16.88
CA ASP C 340 37.89 29.98 15.67
C ASP C 340 37.23 29.35 14.45
N VAL C 341 36.22 28.50 14.69
CA VAL C 341 35.34 28.08 13.60
C VAL C 341 33.94 27.92 14.19
N ILE C 342 32.93 28.26 13.36
CA ILE C 342 31.54 27.99 13.67
C ILE C 342 30.98 27.25 12.46
N GLU C 343 30.56 25.99 12.70
CA GLU C 343 29.83 25.20 11.73
C GLU C 343 28.35 25.26 12.09
N LEU C 344 27.64 26.15 11.37
CA LEU C 344 26.22 26.41 11.57
C LEU C 344 25.46 25.72 10.44
N ASN C 345 24.67 24.70 10.77
CA ASN C 345 23.88 23.97 9.81
C ASN C 345 23.08 24.92 8.91
N GLU C 346 23.15 24.69 7.60
CA GLU C 346 22.38 25.52 6.69
C GLU C 346 21.08 24.83 6.24
N ALA C 347 20.11 24.60 7.13
CA ALA C 347 18.82 24.06 6.66
C ALA C 347 18.21 25.03 5.65
N PHE C 348 18.26 26.32 6.00
CA PHE C 348 17.75 27.38 5.14
C PHE C 348 18.57 28.63 5.41
N ALA C 349 18.87 29.39 4.35
CA ALA C 349 19.63 30.63 4.49
C ALA C 349 18.91 31.57 5.46
N SER C 350 17.56 31.62 5.39
CA SER C 350 16.86 32.56 6.26
C SER C 350 17.18 32.32 7.73
N GLN C 351 17.16 31.03 8.15
CA GLN C 351 17.44 30.70 9.54
C GLN C 351 18.92 30.79 9.84
N GLY C 352 19.78 30.43 8.87
CA GLY C 352 21.20 30.58 9.17
C GLY C 352 21.56 32.03 9.49
N LEU C 353 20.99 32.95 8.70
CA LEU C 353 21.29 34.36 8.86
C LEU C 353 20.63 34.83 10.15
N ALA C 354 19.38 34.41 10.40
CA ALA C 354 18.68 34.84 11.59
C ALA C 354 19.52 34.52 12.82
N VAL C 355 20.06 33.29 12.84
CA VAL C 355 20.86 32.82 13.96
C VAL C 355 22.12 33.70 14.17
N LEU C 356 22.89 33.86 13.10
CA LEU C 356 24.11 34.67 13.14
C LEU C 356 23.78 36.06 13.70
N ARG C 357 22.72 36.66 13.17
CA ARG C 357 22.35 37.99 13.62
C ARG C 357 22.05 37.97 15.13
N GLU C 358 21.26 36.99 15.58
CA GLU C 358 20.87 36.93 16.98
C GLU C 358 22.12 36.79 17.84
N LEU C 359 23.15 36.13 17.31
CA LEU C 359 24.31 35.83 18.13
C LEU C 359 25.40 36.88 17.93
N GLY C 360 25.12 37.89 17.09
CA GLY C 360 26.01 39.04 16.98
C GLY C 360 27.20 38.75 16.06
N VAL C 361 27.02 37.81 15.13
CA VAL C 361 28.09 37.43 14.21
C VAL C 361 27.65 37.91 12.83
N ALA C 362 28.58 38.48 12.05
CA ALA C 362 28.22 39.03 10.74
C ALA C 362 27.74 37.92 9.79
N ASP C 363 26.94 38.32 8.80
CA ASP C 363 26.34 37.42 7.82
C ASP C 363 27.42 36.68 7.03
N ASP C 364 28.63 37.27 6.96
CA ASP C 364 29.68 36.72 6.11
C ASP C 364 30.94 36.49 6.97
N ALA C 365 30.79 36.44 8.29
CA ALA C 365 31.95 36.31 9.18
C ALA C 365 32.88 35.20 8.70
N PRO C 366 34.21 35.44 8.62
CA PRO C 366 35.10 34.49 7.95
C PRO C 366 35.16 33.13 8.65
N GLN C 367 34.87 33.06 9.96
CA GLN C 367 35.01 31.83 10.70
C GLN C 367 33.75 30.96 10.58
N VAL C 368 32.73 31.47 9.88
CA VAL C 368 31.47 30.74 9.71
C VAL C 368 31.48 29.99 8.38
N ASN C 369 31.33 28.67 8.46
CA ASN C 369 31.11 27.80 7.31
C ASN C 369 32.15 28.06 6.23
N PRO C 370 33.46 28.06 6.57
CA PRO C 370 34.49 28.48 5.61
C PRO C 370 34.59 27.61 4.37
N ASN C 371 34.02 26.41 4.43
CA ASN C 371 34.08 25.46 3.33
C ASN C 371 32.67 25.26 2.79
N GLY C 372 31.77 26.22 3.05
CA GLY C 372 30.36 26.07 2.69
C GLY C 372 29.62 25.12 3.64
N GLY C 373 28.33 24.89 3.38
CA GLY C 373 27.49 24.08 4.26
C GLY C 373 26.34 23.44 3.48
N ALA C 374 25.25 23.11 4.18
CA ALA C 374 24.23 22.20 3.65
C ALA C 374 23.59 22.69 2.35
N ILE C 375 23.51 23.99 2.09
CA ILE C 375 22.89 24.45 0.84
C ILE C 375 23.66 23.85 -0.35
N ALA C 376 25.00 23.87 -0.27
CA ALA C 376 25.84 23.27 -1.29
C ALA C 376 25.99 21.75 -1.10
N LEU C 377 26.19 21.30 0.14
CA LEU C 377 26.62 19.93 0.41
C LEU C 377 25.45 18.95 0.53
N GLY C 378 24.25 19.46 0.84
CA GLY C 378 23.14 18.57 1.17
C GLY C 378 23.10 18.22 2.66
N ALA C 379 22.00 17.58 3.10
CA ALA C 379 21.80 17.34 4.53
C ALA C 379 21.05 16.03 4.80
N PRO C 380 21.67 14.83 4.72
CA PRO C 380 20.99 13.61 5.16
C PRO C 380 20.76 13.71 6.68
N LEU C 381 19.49 13.76 7.13
CA LEU C 381 19.14 14.20 8.49
C LEU C 381 20.10 13.65 9.54
N GLY C 382 20.14 12.33 9.71
CA GLY C 382 20.87 11.70 10.81
C GLY C 382 22.39 11.83 10.71
N MET C 383 22.90 12.11 9.50
CA MET C 383 24.33 12.21 9.25
C MET C 383 24.87 13.64 9.53
N SER C 384 24.05 14.67 9.29
N SER C 384 24.04 14.66 9.27
CA SER C 384 24.52 16.04 9.15
CA SER C 384 24.50 16.05 9.16
C SER C 384 25.22 16.56 10.41
C SER C 384 25.23 16.53 10.41
N GLY C 385 24.65 16.28 11.59
CA GLY C 385 25.24 16.69 12.87
C GLY C 385 26.62 16.08 13.14
N ALA C 386 26.78 14.80 12.81
CA ALA C 386 28.09 14.17 12.90
C ALA C 386 29.04 14.77 11.87
N ARG C 387 28.54 15.09 10.67
CA ARG C 387 29.37 15.79 9.70
C ARG C 387 29.84 17.16 10.25
N LEU C 388 28.94 17.93 10.87
CA LEU C 388 29.32 19.26 11.31
C LEU C 388 30.49 19.18 12.32
N VAL C 389 30.40 18.21 13.25
CA VAL C 389 31.40 18.05 14.31
C VAL C 389 32.72 17.65 13.66
N LEU C 390 32.70 16.67 12.74
CA LEU C 390 33.98 16.23 12.19
C LEU C 390 34.60 17.30 11.31
N THR C 391 33.77 17.99 10.52
CA THR C 391 34.32 19.02 9.65
C THR C 391 34.82 20.21 10.47
N ALA C 392 34.15 20.55 11.60
CA ALA C 392 34.62 21.67 12.39
C ALA C 392 36.03 21.36 12.87
N LEU C 393 36.25 20.13 13.35
CA LEU C 393 37.54 19.67 13.81
C LEU C 393 38.57 19.78 12.68
N HIS C 394 38.24 19.24 11.50
CA HIS C 394 39.08 19.30 10.30
C HIS C 394 39.53 20.74 9.99
N GLN C 395 38.59 21.70 10.06
CA GLN C 395 38.88 23.10 9.78
C GLN C 395 39.77 23.73 10.87
N LEU C 396 39.59 23.30 12.13
CA LEU C 396 40.48 23.72 13.21
C LEU C 396 41.91 23.29 12.92
N GLU C 397 42.09 22.06 12.45
CA GLU C 397 43.42 21.58 12.11
C GLU C 397 44.01 22.41 10.95
N LYS C 398 43.25 22.54 9.85
CA LYS C 398 43.72 23.30 8.71
C LYS C 398 44.16 24.70 9.16
N SER C 399 43.41 25.32 10.07
CA SER C 399 43.57 26.72 10.31
C SER C 399 44.39 27.02 11.57
N GLY C 400 44.70 25.98 12.37
CA GLY C 400 45.41 26.17 13.62
C GLY C 400 44.55 26.81 14.70
N GLY C 401 43.23 26.88 14.50
CA GLY C 401 42.35 27.51 15.48
C GLY C 401 42.25 26.62 16.72
N ARG C 402 41.63 27.16 17.78
CA ARG C 402 41.59 26.45 19.04
C ARG C 402 40.21 25.85 19.28
N LYS C 403 39.24 26.71 19.63
CA LYS C 403 37.89 26.25 19.96
C LYS C 403 37.00 26.29 18.73
N GLY C 404 36.12 25.27 18.63
CA GLY C 404 35.16 25.23 17.53
C GLY C 404 33.76 24.94 18.04
N LEU C 405 32.78 25.52 17.33
CA LEU C 405 31.38 25.33 17.66
C LEU C 405 30.65 24.74 16.46
N ALA C 406 29.91 23.65 16.70
CA ALA C 406 28.98 23.09 15.72
C ALA C 406 27.56 23.25 16.25
N THR C 407 26.65 23.79 15.42
CA THR C 407 25.31 24.03 15.93
C THR C 407 24.28 23.85 14.82
N MET C 408 23.06 23.37 15.20
CA MET C 408 22.03 23.11 14.20
C MET C 408 20.59 23.22 14.74
N VAL C 410 16.36 22.01 14.45
CA VAL C 410 15.68 20.74 14.62
C VAL C 410 14.19 20.97 14.36
N GLY C 411 13.63 20.14 13.49
CA GLY C 411 12.20 20.17 13.23
C GLY C 411 11.41 20.14 14.53
N VAL C 412 10.26 20.86 14.53
CA VAL C 412 9.34 20.92 15.64
C VAL C 412 9.96 21.72 16.78
N GLY C 413 11.01 22.48 16.50
CA GLY C 413 11.40 23.60 17.37
C GLY C 413 12.53 23.29 18.36
N GLN C 414 13.70 22.87 17.86
CA GLN C 414 14.81 22.76 18.80
C GLN C 414 16.11 23.25 18.16
N GLY C 415 17.14 23.34 19.01
CA GLY C 415 18.49 23.56 18.55
C GLY C 415 19.44 22.71 19.38
N LEU C 416 20.59 22.35 18.79
CA LEU C 416 21.63 21.62 19.50
C LEU C 416 22.98 22.26 19.19
N ALA C 417 23.84 22.35 20.21
CA ALA C 417 25.15 22.99 20.04
C ALA C 417 26.21 22.17 20.78
N LEU C 418 27.41 22.07 20.16
CA LEU C 418 28.49 21.23 20.67
C LEU C 418 29.82 21.94 20.40
N ALA C 419 30.62 22.04 21.47
CA ALA C 419 31.90 22.75 21.42
C ALA C 419 33.04 21.78 21.64
N ILE C 420 34.14 21.98 20.89
CA ILE C 420 35.34 21.17 20.91
C ILE C 420 36.56 22.10 20.99
N GLU C 421 37.71 21.53 21.35
CA GLU C 421 38.94 22.30 21.34
C GLU C 421 40.08 21.45 20.78
N ARG C 422 40.76 21.94 19.75
CA ARG C 422 41.85 21.17 19.14
C ARG C 422 42.95 20.92 20.18
N VAL C 423 43.56 19.71 20.20
CA VAL C 423 44.53 19.36 21.22
C VAL C 423 45.91 19.87 20.78
N GLY D 22 -32.02 -19.08 -41.32
CA GLY D 22 -31.93 -17.62 -41.70
C GLY D 22 -32.63 -16.72 -40.69
N SER D 23 -33.65 -17.27 -40.00
CA SER D 23 -34.46 -16.53 -39.03
C SER D 23 -33.77 -16.51 -37.67
N MET D 24 -33.98 -15.42 -36.91
CA MET D 24 -33.61 -15.35 -35.51
C MET D 24 -34.43 -16.37 -34.72
N HIS D 25 -33.97 -16.70 -33.50
CA HIS D 25 -34.59 -17.73 -32.66
C HIS D 25 -35.19 -17.06 -31.43
N ASP D 26 -36.37 -17.52 -30.99
CA ASP D 26 -36.90 -17.10 -29.69
C ASP D 26 -35.94 -17.51 -28.57
N VAL D 27 -35.93 -16.72 -27.48
CA VAL D 27 -35.08 -16.98 -26.32
C VAL D 27 -35.94 -16.90 -25.05
N PHE D 28 -35.89 -17.96 -24.23
CA PHE D 28 -36.71 -17.99 -23.02
C PHE D 28 -35.82 -17.92 -21.79
N ILE D 29 -36.20 -17.05 -20.84
CA ILE D 29 -35.66 -17.13 -19.49
C ILE D 29 -36.33 -18.32 -18.82
N CYS D 30 -35.54 -19.19 -18.19
CA CYS D 30 -36.10 -20.28 -17.41
C CYS D 30 -35.88 -19.95 -15.92
N ASP D 31 -35.25 -20.88 -15.17
CA ASP D 31 -35.06 -20.73 -13.73
C ASP D 31 -34.20 -19.51 -13.44
N ALA D 32 -34.49 -18.83 -12.33
CA ALA D 32 -33.68 -17.71 -11.89
C ALA D 32 -33.65 -17.72 -10.36
N ILE D 33 -32.52 -17.26 -9.79
CA ILE D 33 -32.36 -17.34 -8.34
C ILE D 33 -31.23 -16.39 -7.91
N ARG D 34 -31.26 -15.96 -6.63
CA ARG D 34 -30.34 -14.93 -6.15
C ARG D 34 -29.97 -15.22 -4.70
N THR D 35 -28.80 -14.72 -4.27
CA THR D 35 -28.50 -14.66 -2.85
C THR D 35 -29.35 -13.54 -2.23
N PRO D 36 -29.48 -13.46 -0.89
CA PRO D 36 -29.97 -12.25 -0.24
C PRO D 36 -29.06 -11.05 -0.56
N ILE D 37 -29.53 -9.81 -0.34
CA ILE D 37 -28.58 -8.69 -0.43
C ILE D 37 -28.08 -8.29 0.96
N GLY D 38 -26.75 -8.26 1.13
CA GLY D 38 -26.15 -7.89 2.41
C GLY D 38 -25.72 -6.42 2.49
N ARG D 39 -25.68 -5.87 3.72
CA ARG D 39 -25.22 -4.49 3.92
C ARG D 39 -23.70 -4.46 3.83
N PHE D 40 -23.15 -3.30 3.50
CA PHE D 40 -21.71 -3.09 3.54
C PHE D 40 -21.16 -3.51 4.90
N GLY D 41 -20.17 -4.41 4.91
CA GLY D 41 -19.57 -4.87 6.16
C GLY D 41 -20.47 -5.83 6.95
N GLY D 42 -21.59 -6.27 6.34
CA GLY D 42 -22.66 -6.97 7.01
C GLY D 42 -22.63 -8.47 6.79
N ALA D 43 -23.83 -9.04 6.55
CA ALA D 43 -24.10 -10.46 6.66
C ALA D 43 -23.27 -11.26 5.65
N LEU D 44 -22.92 -10.62 4.53
CA LEU D 44 -22.19 -11.37 3.49
C LEU D 44 -20.73 -10.90 3.34
N ALA D 45 -20.25 -10.08 4.28
CA ALA D 45 -18.99 -9.38 4.06
C ALA D 45 -17.82 -10.36 4.05
N SER D 46 -18.02 -11.54 4.66
CA SER D 46 -16.95 -12.52 4.73
C SER D 46 -16.84 -13.33 3.43
N VAL D 47 -17.79 -13.14 2.49
CA VAL D 47 -17.85 -14.09 1.37
C VAL D 47 -17.14 -13.50 0.15
N ARG D 48 -16.08 -14.16 -0.31
CA ARG D 48 -15.34 -13.72 -1.48
C ARG D 48 -16.33 -13.56 -2.64
N ALA D 49 -16.14 -12.53 -3.49
CA ALA D 49 -16.98 -12.27 -4.65
C ALA D 49 -17.11 -13.51 -5.54
N ASP D 50 -15.99 -14.20 -5.80
CA ASP D 50 -16.02 -15.38 -6.68
C ASP D 50 -16.89 -16.48 -6.06
N ASP D 51 -16.71 -16.76 -4.76
CA ASP D 51 -17.50 -17.77 -4.06
C ASP D 51 -18.98 -17.38 -4.03
N LEU D 52 -19.26 -16.08 -3.80
CA LEU D 52 -20.64 -15.56 -3.75
C LEU D 52 -21.31 -15.77 -5.12
N ALA D 53 -20.54 -15.48 -6.17
CA ALA D 53 -21.05 -15.61 -7.53
C ALA D 53 -21.41 -17.06 -7.78
N ALA D 54 -20.69 -17.98 -7.12
CA ALA D 54 -20.91 -19.41 -7.36
C ALA D 54 -22.15 -19.91 -6.65
N VAL D 55 -22.61 -19.24 -5.58
CA VAL D 55 -23.77 -19.70 -4.82
C VAL D 55 -25.01 -19.87 -5.72
N PRO D 56 -25.48 -18.83 -6.48
CA PRO D 56 -26.64 -19.01 -7.35
C PRO D 56 -26.37 -20.02 -8.47
N LEU D 57 -25.09 -20.17 -8.91
CA LEU D 57 -24.79 -21.19 -9.92
C LEU D 57 -25.01 -22.61 -9.37
N LYS D 58 -24.54 -22.89 -8.14
CA LYS D 58 -24.75 -24.19 -7.51
C LYS D 58 -26.24 -24.48 -7.36
N ALA D 59 -27.02 -23.44 -7.01
CA ALA D 59 -28.46 -23.63 -6.83
C ALA D 59 -29.13 -23.93 -8.18
N LEU D 60 -28.72 -23.25 -9.25
CA LEU D 60 -29.25 -23.57 -10.56
C LEU D 60 -29.03 -25.04 -10.88
N ILE D 61 -27.83 -25.54 -10.56
CA ILE D 61 -27.49 -26.93 -10.84
C ILE D 61 -28.46 -27.84 -10.06
N GLU D 62 -28.62 -27.58 -8.76
CA GLU D 62 -29.46 -28.44 -7.93
C GLU D 62 -30.93 -28.36 -8.36
N ARG D 63 -31.36 -27.20 -8.90
CA ARG D 63 -32.76 -26.93 -9.14
C ARG D 63 -33.18 -27.36 -10.55
N ASN D 64 -32.22 -27.70 -11.44
CA ASN D 64 -32.53 -28.03 -12.83
C ASN D 64 -31.84 -29.36 -13.19
N PRO D 65 -32.30 -30.50 -12.61
CA PRO D 65 -31.56 -31.76 -12.73
C PRO D 65 -31.69 -32.46 -14.08
N GLY D 66 -32.45 -31.90 -15.02
CA GLY D 66 -32.55 -32.54 -16.31
C GLY D 66 -31.54 -31.99 -17.30
N VAL D 67 -30.85 -30.93 -16.91
CA VAL D 67 -29.90 -30.29 -17.78
C VAL D 67 -28.67 -31.19 -17.97
N GLN D 68 -28.22 -31.33 -19.22
CA GLN D 68 -26.90 -31.91 -19.44
C GLN D 68 -25.87 -30.78 -19.33
N TRP D 69 -25.25 -30.65 -18.16
CA TRP D 69 -24.45 -29.47 -17.81
C TRP D 69 -23.29 -29.20 -18.77
N ASP D 70 -22.74 -30.24 -19.36
CA ASP D 70 -21.65 -30.06 -20.31
C ASP D 70 -22.15 -29.44 -21.62
N GLN D 71 -23.45 -29.17 -21.74
CA GLN D 71 -24.01 -28.53 -22.93
C GLN D 71 -24.23 -27.02 -22.74
N VAL D 72 -23.92 -26.47 -21.56
CA VAL D 72 -23.98 -25.02 -21.34
C VAL D 72 -22.96 -24.31 -22.24
N ASP D 73 -23.44 -23.45 -23.15
CA ASP D 73 -22.61 -22.76 -24.14
C ASP D 73 -21.73 -21.65 -23.53
N GLU D 74 -22.22 -21.01 -22.45
CA GLU D 74 -21.53 -19.85 -21.91
C GLU D 74 -22.18 -19.45 -20.58
N VAL D 75 -21.34 -18.97 -19.66
CA VAL D 75 -21.78 -18.20 -18.50
C VAL D 75 -21.35 -16.75 -18.74
N PHE D 76 -22.34 -15.84 -18.79
CA PHE D 76 -22.11 -14.40 -18.85
C PHE D 76 -22.44 -13.80 -17.48
N PHE D 77 -21.48 -13.06 -16.89
CA PHE D 77 -21.73 -12.47 -15.58
C PHE D 77 -21.34 -10.99 -15.61
N GLY D 78 -22.15 -10.15 -14.93
CA GLY D 78 -21.87 -8.75 -14.78
C GLY D 78 -21.05 -8.51 -13.50
N CYS D 79 -20.12 -7.57 -13.56
CA CYS D 79 -19.31 -7.25 -12.39
C CYS D 79 -18.66 -5.90 -12.64
N ALA D 80 -18.93 -4.93 -11.77
CA ALA D 80 -18.46 -3.56 -12.05
C ALA D 80 -17.00 -3.39 -11.64
N ASN D 81 -16.49 -4.21 -10.70
CA ASN D 81 -15.21 -3.89 -10.07
C ASN D 81 -14.06 -4.61 -10.77
N GLN D 82 -13.94 -5.92 -10.48
CA GLN D 82 -12.96 -6.80 -11.12
C GLN D 82 -11.53 -6.53 -10.66
N ALA D 83 -11.36 -5.78 -9.55
CA ALA D 83 -10.02 -5.51 -9.00
C ALA D 83 -9.69 -6.49 -7.85
N GLY D 84 -10.73 -7.05 -7.24
CA GLY D 84 -10.65 -7.85 -6.01
C GLY D 84 -10.66 -9.37 -6.27
N GLU D 85 -11.33 -10.09 -5.38
CA GLU D 85 -11.44 -11.55 -5.55
C GLU D 85 -12.32 -11.85 -6.77
N ASP D 86 -12.82 -10.78 -7.40
CA ASP D 86 -13.60 -10.87 -8.63
C ASP D 86 -12.73 -10.59 -9.85
N ASN D 87 -11.39 -10.67 -9.69
CA ASN D 87 -10.50 -10.32 -10.77
C ASN D 87 -10.32 -11.48 -11.74
N ARG D 88 -9.96 -11.14 -12.98
N ARG D 88 -9.96 -11.14 -12.98
CA ARG D 88 -9.47 -12.10 -13.97
CA ARG D 88 -9.49 -12.11 -13.95
C ARG D 88 -10.63 -12.98 -14.47
C ARG D 88 -10.64 -12.99 -14.44
N ASN D 89 -11.78 -12.35 -14.75
CA ASN D 89 -12.94 -12.96 -15.41
C ASN D 89 -13.70 -13.80 -14.39
N VAL D 90 -14.41 -13.13 -13.48
CA VAL D 90 -15.11 -13.79 -12.39
C VAL D 90 -16.14 -14.79 -12.90
N ALA D 91 -16.65 -14.61 -14.12
CA ALA D 91 -17.63 -15.55 -14.64
C ALA D 91 -17.03 -16.96 -14.68
N ARG D 92 -15.79 -17.05 -15.18
CA ARG D 92 -15.14 -18.34 -15.35
C ARG D 92 -14.68 -18.86 -13.97
N MET D 93 -14.15 -17.98 -13.12
CA MET D 93 -13.84 -18.39 -11.76
C MET D 93 -15.08 -19.02 -11.11
N ALA D 94 -16.22 -18.33 -11.27
CA ALA D 94 -17.41 -18.73 -10.56
C ALA D 94 -17.91 -20.09 -11.02
N LEU D 95 -17.86 -20.34 -12.34
CA LEU D 95 -18.49 -21.54 -12.84
C LEU D 95 -17.68 -22.76 -12.39
N LEU D 96 -16.33 -22.61 -12.36
CA LEU D 96 -15.44 -23.66 -11.85
C LEU D 96 -15.70 -23.88 -10.36
N LEU D 97 -15.79 -22.81 -9.58
CA LEU D 97 -16.05 -22.96 -8.15
C LEU D 97 -17.40 -23.62 -7.91
N ALA D 98 -18.35 -23.43 -8.83
CA ALA D 98 -19.72 -23.90 -8.64
C ALA D 98 -19.85 -25.38 -9.00
N GLY D 99 -18.78 -25.95 -9.58
CA GLY D 99 -18.78 -27.36 -9.92
C GLY D 99 -19.25 -27.61 -11.35
N LEU D 100 -19.37 -26.57 -12.19
CA LEU D 100 -19.66 -26.78 -13.59
C LEU D 100 -18.43 -27.36 -14.29
N PRO D 101 -18.59 -28.20 -15.33
CA PRO D 101 -17.45 -28.73 -16.09
C PRO D 101 -16.49 -27.67 -16.66
N GLU D 102 -15.19 -28.00 -16.66
CA GLU D 102 -14.15 -27.10 -17.13
C GLU D 102 -14.32 -26.83 -18.63
N SER D 103 -15.17 -27.61 -19.30
CA SER D 103 -15.40 -27.37 -20.72
C SER D 103 -16.32 -26.17 -20.98
N ILE D 104 -16.92 -25.57 -19.93
CA ILE D 104 -17.87 -24.47 -20.14
C ILE D 104 -17.11 -23.15 -20.12
N PRO D 105 -17.23 -22.31 -21.19
CA PRO D 105 -16.66 -20.97 -21.20
C PRO D 105 -17.41 -19.97 -20.32
N GLY D 106 -16.74 -18.87 -19.95
CA GLY D 106 -17.36 -17.74 -19.26
C GLY D 106 -16.73 -16.40 -19.64
N VAL D 107 -17.51 -15.33 -19.48
CA VAL D 107 -17.07 -13.99 -19.85
C VAL D 107 -17.75 -13.01 -18.91
N THR D 108 -17.02 -11.94 -18.54
CA THR D 108 -17.48 -10.95 -17.58
C THR D 108 -17.76 -9.63 -18.32
N LEU D 109 -18.94 -9.03 -18.05
CA LEU D 109 -19.33 -7.76 -18.64
C LEU D 109 -19.33 -6.66 -17.59
N ASN D 110 -18.96 -5.45 -18.03
CA ASN D 110 -18.91 -4.31 -17.13
C ASN D 110 -19.62 -3.14 -17.81
N ARG D 111 -20.85 -2.86 -17.35
CA ARG D 111 -21.45 -1.57 -17.59
C ARG D 111 -21.89 -1.04 -16.23
N LEU D 112 -20.96 -1.05 -15.26
CA LEU D 112 -21.19 -0.55 -13.92
C LEU D 112 -22.52 -1.10 -13.40
N CYS D 113 -23.40 -0.21 -12.90
CA CYS D 113 -24.57 -0.73 -12.21
C CYS D 113 -25.51 -1.47 -13.18
N ALA D 114 -25.31 -1.36 -14.50
CA ALA D 114 -26.14 -2.11 -15.43
C ALA D 114 -25.55 -3.47 -15.84
N SER D 115 -24.36 -3.84 -15.34
CA SER D 115 -23.62 -4.99 -15.82
C SER D 115 -24.45 -6.28 -15.86
N GLY D 116 -25.19 -6.56 -14.79
CA GLY D 116 -25.95 -7.79 -14.73
C GLY D 116 -27.10 -7.85 -15.75
N MET D 117 -27.73 -6.72 -16.06
CA MET D 117 -28.73 -6.64 -17.14
C MET D 117 -28.07 -6.86 -18.52
N ASP D 118 -26.87 -6.28 -18.69
CA ASP D 118 -26.07 -6.47 -19.89
C ASP D 118 -25.76 -7.95 -20.09
N ALA D 119 -25.41 -8.67 -19.01
CA ALA D 119 -25.25 -10.11 -19.08
C ALA D 119 -26.46 -10.80 -19.71
N VAL D 120 -27.68 -10.45 -19.25
CA VAL D 120 -28.91 -11.08 -19.70
C VAL D 120 -29.12 -10.80 -21.18
N GLY D 121 -29.01 -9.51 -21.58
CA GLY D 121 -29.24 -9.07 -22.96
C GLY D 121 -28.16 -9.60 -23.91
N THR D 122 -26.92 -9.70 -23.44
CA THR D 122 -25.84 -10.29 -24.22
C THR D 122 -26.09 -11.79 -24.46
N ALA D 123 -26.47 -12.51 -23.39
CA ALA D 123 -26.84 -13.91 -23.47
C ALA D 123 -27.96 -14.09 -24.49
N PHE D 124 -28.97 -13.20 -24.42
CA PHE D 124 -30.12 -13.24 -25.31
C PHE D 124 -29.67 -13.08 -26.77
N ARG D 125 -28.84 -12.07 -27.04
CA ARG D 125 -28.37 -11.83 -28.41
C ARG D 125 -27.57 -13.04 -28.95
N ALA D 126 -26.82 -13.73 -28.08
CA ALA D 126 -26.07 -14.90 -28.50
C ALA D 126 -27.02 -16.01 -28.97
N ILE D 127 -28.16 -16.18 -28.27
CA ILE D 127 -29.09 -17.25 -28.67
C ILE D 127 -29.94 -16.78 -29.86
N ALA D 128 -30.42 -15.54 -29.83
CA ALA D 128 -31.28 -15.06 -30.91
C ALA D 128 -30.56 -15.18 -32.24
N SER D 129 -29.23 -14.99 -32.26
CA SER D 129 -28.44 -14.98 -33.49
C SER D 129 -28.03 -16.38 -33.88
N GLY D 130 -28.48 -17.39 -33.11
CA GLY D 130 -28.21 -18.79 -33.40
C GLY D 130 -26.79 -19.27 -33.04
N GLU D 131 -26.01 -18.50 -32.28
CA GLU D 131 -24.63 -18.90 -32.01
C GLU D 131 -24.57 -19.83 -30.80
N MET D 132 -25.64 -19.88 -29.98
CA MET D 132 -25.70 -20.68 -28.76
C MET D 132 -27.13 -21.16 -28.52
N GLU D 133 -27.29 -22.19 -27.66
CA GLU D 133 -28.58 -22.83 -27.38
C GLU D 133 -28.96 -22.69 -25.90
N LEU D 134 -27.96 -22.80 -25.01
CA LEU D 134 -28.15 -22.91 -23.56
C LEU D 134 -27.07 -22.11 -22.83
N VAL D 135 -27.49 -21.14 -22.00
CA VAL D 135 -26.54 -20.22 -21.39
C VAL D 135 -27.00 -19.86 -19.99
N ILE D 136 -26.06 -19.36 -19.16
CA ILE D 136 -26.41 -18.76 -17.88
C ILE D 136 -26.04 -17.29 -17.93
N ALA D 137 -26.92 -16.42 -17.39
CA ALA D 137 -26.56 -15.03 -17.24
C ALA D 137 -26.73 -14.65 -15.78
N GLY D 138 -25.82 -13.82 -15.26
CA GLY D 138 -26.00 -13.32 -13.91
C GLY D 138 -25.07 -12.16 -13.62
N GLY D 139 -24.94 -11.83 -12.32
CA GLY D 139 -24.17 -10.68 -11.88
C GLY D 139 -23.73 -10.90 -10.44
N VAL D 140 -22.58 -10.32 -10.07
CA VAL D 140 -22.07 -10.36 -8.71
C VAL D 140 -21.45 -9.00 -8.35
N GLU D 141 -21.58 -8.61 -7.07
CA GLU D 141 -20.69 -7.58 -6.58
C GLU D 141 -20.49 -7.81 -5.09
N SER D 142 -19.25 -7.69 -4.65
CA SER D 142 -18.99 -7.61 -3.22
C SER D 142 -18.33 -6.29 -2.94
N MET D 143 -19.15 -5.30 -2.62
CA MET D 143 -18.66 -3.96 -2.32
C MET D 143 -17.97 -3.95 -0.95
N SER D 144 -18.35 -4.87 -0.04
CA SER D 144 -17.65 -4.93 1.25
C SER D 144 -16.17 -5.16 1.03
N ARG D 145 -15.88 -6.05 0.08
CA ARG D 145 -14.55 -6.59 -0.11
C ARG D 145 -13.81 -5.88 -1.24
N ALA D 146 -14.39 -4.83 -1.84
CA ALA D 146 -13.67 -4.10 -2.87
C ALA D 146 -12.30 -3.64 -2.33
N PRO D 147 -11.19 -3.91 -3.06
CA PRO D 147 -9.84 -3.61 -2.56
C PRO D 147 -9.44 -2.15 -2.72
N PHE D 148 -8.28 -1.81 -2.15
CA PHE D 148 -7.61 -0.57 -2.48
C PHE D 148 -6.72 -0.82 -3.69
N VAL D 149 -6.51 0.24 -4.50
CA VAL D 149 -5.60 0.16 -5.63
C VAL D 149 -4.51 1.22 -5.48
N MET D 150 -3.33 0.90 -6.00
CA MET D 150 -2.19 1.80 -5.99
C MET D 150 -1.47 1.75 -7.34
N GLY D 151 -1.36 2.90 -8.02
CA GLY D 151 -0.68 2.86 -9.31
C GLY D 151 0.81 2.61 -9.11
N LYS D 152 1.48 2.11 -10.15
CA LYS D 152 2.92 1.90 -10.14
C LYS D 152 3.63 3.25 -10.04
N ALA D 153 4.84 3.22 -9.48
CA ALA D 153 5.71 4.39 -9.54
C ALA D 153 6.07 4.65 -11.00
N GLU D 154 6.08 5.92 -11.43
N GLU D 154 6.05 5.95 -11.38
CA GLU D 154 6.42 6.24 -12.81
CA GLU D 154 6.34 6.46 -12.71
C GLU D 154 7.92 6.54 -12.92
C GLU D 154 7.80 6.88 -12.82
N SER D 155 8.59 6.62 -11.77
CA SER D 155 10.03 6.88 -11.75
C SER D 155 10.68 6.15 -10.57
N ALA D 156 11.99 5.90 -10.65
CA ALA D 156 12.75 5.38 -9.52
C ALA D 156 12.60 6.31 -8.32
N TYR D 157 12.37 5.74 -7.15
CA TYR D 157 12.32 6.50 -5.91
C TYR D 157 11.19 7.51 -5.86
N SER D 158 10.09 7.20 -6.57
CA SER D 158 8.98 8.14 -6.64
C SER D 158 8.42 8.43 -5.26
N ARG D 159 8.18 9.71 -4.97
CA ARG D 159 7.54 10.08 -3.70
C ARG D 159 6.01 10.15 -3.81
N ASN D 160 5.45 9.93 -5.00
N ASN D 160 5.45 9.66 -4.92
CA ASN D 160 4.00 10.04 -5.14
CA ASN D 160 4.10 10.00 -5.35
C ASN D 160 3.37 8.67 -5.36
C ASN D 160 3.05 8.91 -5.07
N MET D 161 3.38 7.86 -4.30
CA MET D 161 2.57 6.66 -4.25
C MET D 161 1.31 6.93 -3.42
N LYS D 162 0.16 6.38 -3.82
CA LYS D 162 -1.06 6.61 -3.06
C LYS D 162 -2.07 5.46 -3.23
N LEU D 163 -2.90 5.23 -2.21
CA LEU D 163 -3.96 4.22 -2.21
C LEU D 163 -5.29 4.85 -2.56
N GLU D 164 -6.12 4.12 -3.32
CA GLU D 164 -7.47 4.60 -3.58
C GLU D 164 -8.45 3.47 -3.31
N ASP D 165 -9.60 3.82 -2.74
CA ASP D 165 -10.68 2.91 -2.41
C ASP D 165 -11.46 2.56 -3.68
N THR D 166 -11.71 1.27 -3.97
CA THR D 166 -12.49 0.93 -5.17
C THR D 166 -13.94 0.55 -4.84
N THR D 167 -14.36 0.72 -3.59
CA THR D 167 -15.70 0.38 -3.11
C THR D 167 -16.80 0.89 -4.04
N ILE D 168 -16.76 2.20 -4.36
CA ILE D 168 -17.69 2.81 -5.30
C ILE D 168 -17.06 4.13 -5.78
N GLY D 169 -17.36 4.53 -7.00
CA GLY D 169 -17.06 5.90 -7.40
C GLY D 169 -15.67 6.07 -8.05
N TRP D 170 -15.31 7.33 -8.29
CA TRP D 170 -14.16 7.65 -9.10
C TRP D 170 -12.87 7.21 -8.43
N ARG D 171 -11.95 6.69 -9.25
CA ARG D 171 -10.56 6.54 -8.85
C ARG D 171 -9.69 6.59 -10.11
N PHE D 172 -8.40 6.93 -9.93
CA PHE D 172 -7.50 7.24 -11.04
C PHE D 172 -8.14 8.26 -11.99
N ILE D 173 -8.60 9.39 -11.45
CA ILE D 173 -9.33 10.39 -12.21
C ILE D 173 -8.44 10.94 -13.33
N ASN D 174 -8.96 10.92 -14.58
CA ASN D 174 -8.30 11.52 -15.73
C ASN D 174 -8.58 13.02 -15.73
N PRO D 175 -7.57 13.91 -15.68
CA PRO D 175 -7.81 15.35 -15.72
C PRO D 175 -8.61 15.83 -16.93
N LEU D 176 -8.48 15.16 -18.09
CA LEU D 176 -9.29 15.46 -19.26
C LEU D 176 -10.77 15.10 -19.04
N MET D 177 -11.07 14.01 -18.31
CA MET D 177 -12.46 13.70 -18.00
C MET D 177 -13.04 14.77 -17.07
N LYS D 178 -12.28 15.15 -16.03
CA LYS D 178 -12.79 16.13 -15.09
C LYS D 178 -13.01 17.49 -15.79
N SER D 179 -12.10 17.88 -16.68
CA SER D 179 -12.25 19.21 -17.26
C SER D 179 -13.43 19.28 -18.24
N GLN D 180 -13.66 18.21 -19.00
CA GLN D 180 -14.72 18.24 -20.01
C GLN D 180 -16.08 17.88 -19.38
N TYR D 181 -16.12 16.85 -18.54
CA TYR D 181 -17.40 16.27 -18.18
C TYR D 181 -17.67 16.41 -16.67
N GLY D 182 -16.63 16.76 -15.88
CA GLY D 182 -16.67 16.66 -14.43
C GLY D 182 -16.49 15.23 -13.93
N VAL D 183 -16.27 15.10 -12.62
CA VAL D 183 -16.20 13.82 -11.94
C VAL D 183 -17.11 13.89 -10.71
N ASP D 184 -18.36 14.31 -10.93
CA ASP D 184 -19.35 14.32 -9.88
C ASP D 184 -19.50 12.93 -9.30
N SER D 185 -19.60 12.84 -7.97
CA SER D 185 -19.91 11.57 -7.32
C SER D 185 -21.33 11.16 -7.75
N MET D 186 -21.70 9.88 -7.57
CA MET D 186 -23.06 9.48 -7.94
C MET D 186 -24.08 10.29 -7.15
N PRO D 187 -23.98 10.48 -5.81
CA PRO D 187 -24.94 11.32 -5.11
C PRO D 187 -25.00 12.74 -5.65
N GLU D 188 -23.85 13.26 -6.11
CA GLU D 188 -23.79 14.60 -6.69
C GLU D 188 -24.63 14.65 -7.98
N THR D 189 -24.48 13.63 -8.83
CA THR D 189 -25.27 13.56 -10.06
C THR D 189 -26.76 13.54 -9.73
N ALA D 190 -27.13 12.90 -8.60
CA ALA D 190 -28.54 12.78 -8.22
C ALA D 190 -29.08 14.12 -7.73
N ASP D 191 -28.23 14.89 -7.04
CA ASP D 191 -28.54 16.28 -6.70
C ASP D 191 -28.72 17.11 -7.97
N ASN D 192 -27.86 16.88 -8.97
CA ASN D 192 -27.94 17.61 -10.23
C ASN D 192 -29.25 17.27 -10.93
N VAL D 193 -29.66 15.99 -10.85
CA VAL D 193 -30.94 15.60 -11.41
C VAL D 193 -32.08 16.27 -10.66
N ALA D 194 -32.05 16.26 -9.32
CA ALA D 194 -33.06 16.94 -8.52
C ALA D 194 -33.19 18.42 -8.92
N ASP D 195 -32.05 19.08 -9.21
CA ASP D 195 -32.00 20.50 -9.54
C ASP D 195 -32.62 20.75 -10.91
N ASP D 196 -32.09 20.04 -11.91
CA ASP D 196 -32.43 20.29 -13.31
C ASP D 196 -33.86 19.86 -13.61
N TYR D 197 -34.31 18.78 -12.97
CA TYR D 197 -35.62 18.26 -13.29
C TYR D 197 -36.64 18.69 -12.24
N GLN D 198 -36.20 19.45 -11.23
CA GLN D 198 -37.11 20.01 -10.24
C GLN D 198 -37.87 18.89 -9.51
N VAL D 199 -37.09 18.05 -8.82
CA VAL D 199 -37.61 16.95 -8.01
C VAL D 199 -37.34 17.28 -6.54
N SER D 200 -38.42 17.54 -5.81
CA SER D 200 -38.30 18.09 -4.47
C SER D 200 -37.81 17.01 -3.50
N ARG D 201 -37.19 17.49 -2.42
CA ARG D 201 -36.89 16.68 -1.27
C ARG D 201 -38.13 15.91 -0.79
N ALA D 202 -39.26 16.61 -0.63
CA ALA D 202 -40.49 15.98 -0.14
C ALA D 202 -40.90 14.80 -1.03
N ASP D 203 -40.83 15.02 -2.35
CA ASP D 203 -41.23 13.97 -3.30
C ASP D 203 -40.27 12.78 -3.22
N GLN D 204 -38.96 13.08 -3.08
CA GLN D 204 -37.97 12.04 -3.00
C GLN D 204 -38.20 11.18 -1.77
N ASP D 205 -38.54 11.82 -0.63
CA ASP D 205 -38.72 11.10 0.62
C ASP D 205 -39.98 10.24 0.54
N ALA D 206 -41.03 10.77 -0.11
CA ALA D 206 -42.25 9.98 -0.24
C ALA D 206 -42.00 8.70 -1.06
N PHE D 207 -41.27 8.85 -2.18
CA PHE D 207 -40.89 7.72 -3.02
C PHE D 207 -40.11 6.68 -2.20
N ALA D 208 -39.14 7.16 -1.42
CA ALA D 208 -38.31 6.27 -0.63
C ALA D 208 -39.17 5.53 0.38
N LEU D 209 -40.11 6.24 1.03
CA LEU D 209 -40.99 5.65 2.02
C LEU D 209 -41.80 4.51 1.38
N ARG D 210 -42.34 4.78 0.19
CA ARG D 210 -43.13 3.79 -0.51
C ARG D 210 -42.23 2.63 -0.90
N SER D 211 -40.95 2.91 -1.21
CA SER D 211 -40.06 1.80 -1.54
C SER D 211 -39.93 0.88 -0.32
N GLN D 212 -39.63 1.46 0.86
CA GLN D 212 -39.53 0.73 2.11
C GLN D 212 -40.84 0.00 2.47
N GLN D 213 -42.00 0.63 2.31
CA GLN D 213 -43.26 -0.05 2.66
C GLN D 213 -43.51 -1.27 1.79
N LYS D 214 -43.36 -1.07 0.48
CA LYS D 214 -43.62 -2.14 -0.49
C LYS D 214 -42.70 -3.32 -0.27
N ALA D 215 -41.42 -3.04 0.08
CA ALA D 215 -40.47 -4.12 0.29
C ALA D 215 -40.80 -4.84 1.59
N ALA D 216 -41.22 -4.08 2.62
CA ALA D 216 -41.55 -4.72 3.89
C ALA D 216 -42.73 -5.66 3.68
N ALA D 217 -43.72 -5.24 2.86
CA ALA D 217 -44.88 -6.04 2.51
C ALA D 217 -44.49 -7.29 1.71
N ALA D 218 -43.59 -7.14 0.73
CA ALA D 218 -43.15 -8.28 -0.07
C ALA D 218 -42.41 -9.30 0.79
N GLN D 219 -41.59 -8.82 1.74
N GLN D 219 -41.56 -8.79 1.71
CA GLN D 219 -40.81 -9.69 2.62
CA GLN D 219 -40.82 -9.63 2.64
C GLN D 219 -41.72 -10.47 3.56
C GLN D 219 -41.79 -10.48 3.46
N ALA D 220 -42.79 -9.82 4.07
CA ALA D 220 -43.76 -10.47 4.93
C ALA D 220 -44.58 -11.48 4.11
N ALA D 221 -44.80 -11.18 2.81
CA ALA D 221 -45.56 -12.09 1.95
C ALA D 221 -44.73 -13.31 1.54
N GLY D 222 -43.40 -13.31 1.73
CA GLY D 222 -42.57 -14.43 1.27
C GLY D 222 -42.15 -14.31 -0.20
N PHE D 223 -42.42 -13.15 -0.80
CA PHE D 223 -42.05 -12.91 -2.19
C PHE D 223 -40.52 -13.01 -2.40
N PHE D 224 -39.73 -12.31 -1.57
CA PHE D 224 -38.29 -12.36 -1.73
C PHE D 224 -37.81 -13.78 -1.44
N ALA D 225 -38.43 -14.47 -0.46
CA ALA D 225 -38.03 -15.84 -0.13
C ALA D 225 -38.06 -16.73 -1.37
N GLU D 226 -39.05 -16.52 -2.26
CA GLU D 226 -39.21 -17.34 -3.46
C GLU D 226 -38.05 -17.15 -4.43
N GLU D 227 -37.36 -16.02 -4.33
CA GLU D 227 -36.27 -15.72 -5.24
C GLU D 227 -34.92 -16.15 -4.65
N ILE D 228 -34.84 -16.42 -3.35
CA ILE D 228 -33.58 -16.43 -2.64
C ILE D 228 -33.07 -17.86 -2.41
N VAL D 229 -31.76 -18.05 -2.60
CA VAL D 229 -31.10 -19.22 -2.04
C VAL D 229 -30.20 -18.76 -0.91
N PRO D 230 -30.12 -19.53 0.20
CA PRO D 230 -29.36 -19.12 1.38
C PRO D 230 -27.84 -19.16 1.19
N VAL D 231 -27.13 -18.36 2.01
CA VAL D 231 -25.68 -18.44 2.04
C VAL D 231 -25.24 -18.88 3.44
N ARG D 232 -24.36 -19.88 3.50
CA ARG D 232 -23.96 -20.48 4.77
C ARG D 232 -22.63 -19.86 5.23
N ILE D 233 -22.58 -19.43 6.51
CA ILE D 233 -21.45 -18.68 7.09
C ILE D 233 -20.98 -19.39 8.35
N ALA D 234 -19.66 -19.54 8.49
CA ALA D 234 -19.05 -20.16 9.67
C ALA D 234 -18.88 -19.12 10.79
N HIS D 235 -19.36 -19.45 11.99
CA HIS D 235 -19.03 -18.71 13.19
C HIS D 235 -18.15 -19.62 14.04
N LYS D 236 -17.63 -19.08 15.17
CA LYS D 236 -16.74 -19.84 16.03
C LYS D 236 -17.46 -21.09 16.53
N LYS D 237 -18.75 -20.96 16.91
CA LYS D 237 -19.36 -22.08 17.61
C LYS D 237 -20.26 -22.90 16.70
N GLY D 238 -20.31 -22.54 15.40
CA GLY D 238 -21.16 -23.25 14.46
C GLY D 238 -21.49 -22.39 13.25
N GLU D 239 -22.39 -22.90 12.39
CA GLU D 239 -22.79 -22.22 11.17
C GLU D 239 -24.13 -21.52 11.33
N ILE D 240 -24.32 -20.42 10.58
CA ILE D 240 -25.63 -19.80 10.43
C ILE D 240 -25.92 -19.71 8.94
N ILE D 241 -27.19 -19.38 8.63
CA ILE D 241 -27.69 -19.22 7.28
C ILE D 241 -28.10 -17.76 7.10
N VAL D 242 -27.59 -17.12 6.03
CA VAL D 242 -28.12 -15.84 5.62
C VAL D 242 -29.19 -16.05 4.55
N GLU D 243 -30.39 -15.56 4.86
N GLU D 243 -30.45 -15.71 4.86
CA GLU D 243 -31.66 -16.04 4.37
CA GLU D 243 -31.59 -16.01 3.99
C GLU D 243 -32.47 -14.85 3.88
C GLU D 243 -32.41 -14.76 3.71
N ARG D 244 -32.18 -13.68 4.46
CA ARG D 244 -33.04 -12.50 4.34
C ARG D 244 -32.27 -11.30 3.83
N ASP D 245 -32.89 -10.51 2.94
CA ASP D 245 -32.34 -9.22 2.53
C ASP D 245 -32.11 -8.32 3.75
N GLU D 246 -30.87 -7.83 3.92
CA GLU D 246 -30.43 -7.21 5.15
C GLU D 246 -30.69 -5.70 5.12
N HIS D 247 -30.76 -5.10 3.92
CA HIS D 247 -30.70 -3.64 3.82
C HIS D 247 -32.02 -2.94 4.23
N LEU D 248 -33.14 -3.68 4.25
CA LEU D 248 -34.47 -3.08 4.41
C LEU D 248 -34.55 -2.30 5.72
N ARG D 249 -35.26 -1.16 5.70
CA ARG D 249 -35.57 -0.42 6.92
C ARG D 249 -37.08 -0.29 7.07
N PRO D 250 -37.75 -1.35 7.55
CA PRO D 250 -39.19 -1.46 7.42
C PRO D 250 -39.91 -0.48 8.33
N GLU D 251 -39.19 0.02 9.34
CA GLU D 251 -39.72 0.98 10.30
C GLU D 251 -39.67 2.40 9.73
N THR D 252 -39.08 2.57 8.54
CA THR D 252 -38.97 3.90 7.94
C THR D 252 -40.30 4.64 7.99
N THR D 253 -40.26 5.91 8.40
CA THR D 253 -41.41 6.80 8.25
C THR D 253 -40.99 8.12 7.59
N LEU D 254 -42.00 8.91 7.21
CA LEU D 254 -41.74 10.22 6.60
C LEU D 254 -40.99 11.12 7.57
N GLU D 255 -41.42 11.11 8.86
CA GLU D 255 -40.74 11.89 9.88
C GLU D 255 -39.26 11.49 9.93
N ALA D 256 -38.98 10.17 9.98
CA ALA D 256 -37.60 9.69 9.98
C ALA D 256 -36.83 10.22 8.75
N LEU D 257 -37.42 10.13 7.57
CA LEU D 257 -36.71 10.61 6.39
C LEU D 257 -36.45 12.11 6.42
N THR D 258 -37.46 12.90 6.83
CA THR D 258 -37.35 14.35 6.86
C THR D 258 -36.21 14.81 7.78
N LYS D 259 -35.89 14.06 8.84
CA LYS D 259 -34.83 14.48 9.77
C LYS D 259 -33.43 14.36 9.16
N LEU D 260 -33.26 13.55 8.09
CA LEU D 260 -31.91 13.22 7.63
C LEU D 260 -31.31 14.43 6.93
N LYS D 261 -29.97 14.52 7.03
CA LYS D 261 -29.16 15.55 6.40
C LYS D 261 -28.75 15.11 5.00
N PRO D 262 -28.78 16.01 3.98
CA PRO D 262 -28.26 15.68 2.66
C PRO D 262 -26.78 15.30 2.73
N VAL D 263 -26.39 14.40 1.83
CA VAL D 263 -25.02 13.93 1.71
C VAL D 263 -24.10 15.11 1.41
N ASN D 264 -24.58 16.05 0.58
CA ASN D 264 -23.67 17.00 -0.02
C ASN D 264 -23.84 18.42 0.51
N GLY D 265 -24.67 18.64 1.52
CA GLY D 265 -24.75 19.94 2.15
C GLY D 265 -26.20 20.38 2.33
N PRO D 266 -26.46 21.37 3.24
CA PRO D 266 -27.83 21.73 3.61
C PRO D 266 -28.74 22.24 2.49
N ASP D 267 -28.18 22.66 1.36
CA ASP D 267 -28.98 23.19 0.27
C ASP D 267 -29.27 22.13 -0.81
N LYS D 268 -29.01 20.85 -0.51
CA LYS D 268 -29.17 19.76 -1.47
C LYS D 268 -30.28 18.83 -0.98
N THR D 269 -30.56 17.73 -1.71
CA THR D 269 -31.80 17.00 -1.48
C THR D 269 -31.58 15.50 -1.25
N VAL D 270 -30.50 14.94 -1.81
CA VAL D 270 -30.20 13.52 -1.68
C VAL D 270 -29.64 13.21 -0.29
N THR D 271 -30.16 12.14 0.34
CA THR D 271 -29.80 11.72 1.68
C THR D 271 -29.54 10.22 1.61
N ALA D 272 -28.96 9.62 2.66
CA ALA D 272 -28.77 8.19 2.71
C ALA D 272 -30.12 7.48 2.72
N GLY D 273 -31.19 8.15 3.20
CA GLY D 273 -32.51 7.55 3.26
C GLY D 273 -33.29 7.56 1.93
N ASN D 274 -32.93 8.45 0.99
CA ASN D 274 -33.58 8.46 -0.33
C ASN D 274 -32.66 7.99 -1.46
N ALA D 275 -31.62 7.25 -1.10
CA ALA D 275 -30.58 6.73 -2.00
C ALA D 275 -30.43 5.24 -1.77
N SER D 276 -30.04 4.50 -2.82
CA SER D 276 -29.60 3.12 -2.62
C SER D 276 -28.36 3.09 -1.73
N GLY D 277 -28.03 1.89 -1.25
CA GLY D 277 -26.83 1.70 -0.45
C GLY D 277 -25.70 1.03 -1.23
N VAL D 278 -24.60 0.75 -0.55
N VAL D 278 -24.70 0.60 -0.47
CA VAL D 278 -23.55 -0.09 -1.10
CA VAL D 278 -23.51 -0.09 -0.90
C VAL D 278 -23.68 -1.45 -0.41
C VAL D 278 -23.60 -1.50 -0.34
N ASN D 279 -23.62 -2.52 -1.22
CA ASN D 279 -24.15 -3.83 -0.81
C ASN D 279 -23.44 -4.99 -1.50
N ASP D 280 -23.71 -6.21 -1.03
CA ASP D 280 -23.12 -7.43 -1.57
C ASP D 280 -24.24 -8.38 -1.99
N GLY D 281 -24.05 -9.13 -3.10
CA GLY D 281 -25.02 -10.12 -3.52
C GLY D 281 -24.69 -10.65 -4.92
N ALA D 282 -25.37 -11.74 -5.32
CA ALA D 282 -25.19 -12.39 -6.62
C ALA D 282 -26.51 -13.00 -7.10
N ALA D 283 -26.68 -13.10 -8.42
CA ALA D 283 -27.89 -13.67 -9.01
C ALA D 283 -27.53 -14.36 -10.31
N ALA D 284 -28.33 -15.36 -10.70
CA ALA D 284 -28.14 -15.98 -12.01
C ALA D 284 -29.44 -16.62 -12.51
N MET D 285 -29.50 -16.86 -13.84
CA MET D 285 -30.68 -17.40 -14.50
C MET D 285 -30.25 -18.15 -15.77
N ILE D 286 -31.11 -19.08 -16.21
CA ILE D 286 -30.86 -19.82 -17.43
C ILE D 286 -31.64 -19.15 -18.56
N LEU D 287 -30.99 -19.06 -19.73
CA LEU D 287 -31.65 -18.70 -20.96
C LEU D 287 -31.47 -19.82 -21.97
N ALA D 288 -32.46 -20.03 -22.84
CA ALA D 288 -32.42 -21.18 -23.74
C ALA D 288 -33.29 -20.98 -24.97
N SER D 289 -32.87 -21.57 -26.06
CA SER D 289 -33.68 -21.75 -27.25
C SER D 289 -34.83 -22.73 -26.95
N ALA D 290 -35.84 -22.74 -27.82
CA ALA D 290 -36.96 -23.67 -27.66
C ALA D 290 -36.44 -25.11 -27.61
N ALA D 291 -35.51 -25.46 -28.53
CA ALA D 291 -34.91 -26.79 -28.58
C ALA D 291 -34.19 -27.12 -27.26
N ALA D 292 -33.46 -26.14 -26.70
CA ALA D 292 -32.73 -26.35 -25.45
C ALA D 292 -33.70 -26.58 -24.29
N VAL D 293 -34.78 -25.79 -24.23
CA VAL D 293 -35.77 -25.96 -23.18
C VAL D 293 -36.26 -27.41 -23.16
N LYS D 294 -36.65 -27.92 -24.34
CA LYS D 294 -37.21 -29.26 -24.47
C LYS D 294 -36.14 -30.31 -24.15
N LYS D 295 -34.94 -30.14 -24.70
CA LYS D 295 -33.89 -31.13 -24.54
C LYS D 295 -33.50 -31.26 -23.06
N HIS D 296 -33.48 -30.14 -22.33
CA HIS D 296 -32.90 -30.16 -20.99
C HIS D 296 -33.98 -30.16 -19.92
N GLY D 297 -35.24 -30.26 -20.32
CA GLY D 297 -36.33 -30.45 -19.37
C GLY D 297 -36.55 -29.17 -18.56
N LEU D 298 -36.34 -28.02 -19.23
CA LEU D 298 -36.43 -26.73 -18.56
C LEU D 298 -37.89 -26.31 -18.55
N THR D 299 -38.24 -25.44 -17.60
CA THR D 299 -39.56 -24.82 -17.62
C THR D 299 -39.38 -23.40 -18.16
N PRO D 300 -39.87 -23.07 -19.37
CA PRO D 300 -39.70 -21.72 -19.93
C PRO D 300 -40.68 -20.82 -19.19
N ARG D 301 -40.23 -19.60 -18.85
CA ARG D 301 -41.03 -18.70 -18.04
C ARG D 301 -41.34 -17.40 -18.76
N ALA D 302 -40.41 -16.89 -19.56
CA ALA D 302 -40.68 -15.66 -20.31
C ALA D 302 -39.88 -15.66 -21.61
N ARG D 303 -40.32 -14.90 -22.61
CA ARG D 303 -39.51 -14.74 -23.80
C ARG D 303 -38.81 -13.37 -23.67
N VAL D 304 -37.53 -13.27 -24.05
CA VAL D 304 -36.87 -11.97 -24.06
C VAL D 304 -37.26 -11.23 -25.36
N LEU D 305 -37.70 -9.96 -25.23
CA LEU D 305 -38.14 -9.18 -26.38
C LEU D 305 -36.96 -8.40 -26.97
N GLY D 306 -36.14 -7.80 -26.10
CA GLY D 306 -34.99 -7.05 -26.56
C GLY D 306 -34.31 -6.28 -25.43
N MET D 307 -33.17 -5.63 -25.77
CA MET D 307 -32.47 -4.71 -24.87
C MET D 307 -31.99 -3.49 -25.68
N ALA D 308 -32.04 -2.29 -25.07
CA ALA D 308 -31.41 -1.15 -25.74
C ALA D 308 -30.59 -0.38 -24.72
N SER D 309 -29.54 0.30 -25.22
CA SER D 309 -28.74 1.17 -24.36
C SER D 309 -28.84 2.61 -24.86
N GLY D 310 -28.55 3.55 -23.93
CA GLY D 310 -28.61 4.99 -24.18
C GLY D 310 -27.52 5.69 -23.39
N GLY D 311 -27.11 6.86 -23.88
CA GLY D 311 -26.09 7.68 -23.24
C GLY D 311 -26.62 9.09 -22.92
N VAL D 312 -26.15 9.66 -21.80
CA VAL D 312 -26.50 11.02 -21.40
C VAL D 312 -25.26 11.69 -20.82
N ALA D 313 -25.44 12.96 -20.40
CA ALA D 313 -24.31 13.64 -19.80
C ALA D 313 -23.97 12.93 -18.48
N PRO D 314 -22.67 12.64 -18.22
CA PRO D 314 -22.27 12.09 -16.93
C PRO D 314 -22.86 12.80 -15.72
N ARG D 315 -22.88 14.14 -15.73
CA ARG D 315 -23.28 14.91 -14.55
C ARG D 315 -24.75 14.70 -14.17
N VAL D 316 -25.57 14.13 -15.07
CA VAL D 316 -26.96 13.79 -14.78
C VAL D 316 -27.24 12.33 -15.16
N MET D 317 -26.25 11.47 -14.86
CA MET D 317 -26.25 10.05 -15.22
C MET D 317 -27.60 9.39 -14.92
N GLY D 318 -28.35 9.88 -13.92
CA GLY D 318 -29.57 9.25 -13.42
C GLY D 318 -30.72 9.21 -14.44
N ILE D 319 -30.66 10.10 -15.46
CA ILE D 319 -31.73 10.25 -16.43
C ILE D 319 -31.50 9.28 -17.59
N GLY D 320 -30.34 8.61 -17.56
CA GLY D 320 -29.90 7.69 -18.59
C GLY D 320 -30.98 6.71 -19.07
N PRO D 321 -31.83 6.15 -18.16
CA PRO D 321 -32.92 5.24 -18.58
C PRO D 321 -33.84 5.81 -19.66
N VAL D 322 -33.96 7.14 -19.71
CA VAL D 322 -34.93 7.75 -20.62
C VAL D 322 -34.61 7.41 -22.09
N PRO D 323 -33.43 7.78 -22.67
CA PRO D 323 -33.12 7.36 -24.04
C PRO D 323 -33.09 5.85 -24.25
N ALA D 324 -32.58 5.09 -23.27
CA ALA D 324 -32.61 3.63 -23.32
C ALA D 324 -34.03 3.08 -23.50
N VAL D 325 -34.98 3.47 -22.64
CA VAL D 325 -36.36 2.98 -22.72
C VAL D 325 -37.00 3.43 -24.01
N ARG D 326 -36.78 4.71 -24.34
CA ARG D 326 -37.30 5.26 -25.58
C ARG D 326 -36.81 4.46 -26.76
N LYS D 327 -35.50 4.21 -26.85
CA LYS D 327 -34.95 3.46 -27.99
C LYS D 327 -35.58 2.08 -28.09
N LEU D 328 -35.64 1.33 -26.98
CA LEU D 328 -36.19 -0.02 -27.00
C LEU D 328 -37.66 -0.07 -27.44
N THR D 329 -38.51 0.73 -26.77
CA THR D 329 -39.95 0.70 -27.01
C THR D 329 -40.28 1.19 -28.42
N GLU D 330 -39.54 2.18 -28.92
CA GLU D 330 -39.70 2.61 -30.32
C GLU D 330 -39.45 1.42 -31.26
N ARG D 331 -38.33 0.72 -31.05
CA ARG D 331 -37.98 -0.36 -31.95
C ARG D 331 -38.97 -1.52 -31.83
N LEU D 332 -39.46 -1.84 -30.61
CA LEU D 332 -40.31 -3.01 -30.50
C LEU D 332 -41.75 -2.66 -30.88
N GLY D 333 -42.04 -1.36 -30.93
CA GLY D 333 -43.39 -0.84 -31.15
C GLY D 333 -44.33 -1.12 -29.98
N ILE D 334 -43.88 -0.87 -28.74
CA ILE D 334 -44.68 -1.08 -27.55
C ILE D 334 -44.69 0.23 -26.76
N ALA D 335 -45.87 0.67 -26.30
CA ALA D 335 -45.93 1.83 -25.43
C ALA D 335 -45.38 1.51 -24.03
N VAL D 336 -44.72 2.48 -23.40
CA VAL D 336 -44.32 2.37 -22.00
C VAL D 336 -45.51 1.93 -21.15
N SER D 337 -46.70 2.47 -21.47
CA SER D 337 -47.90 2.18 -20.67
C SER D 337 -48.44 0.77 -20.92
N ASP D 338 -47.89 0.06 -21.92
CA ASP D 338 -48.31 -1.31 -22.22
C ASP D 338 -47.73 -2.32 -21.21
N PHE D 339 -46.66 -1.94 -20.48
CA PHE D 339 -46.02 -2.91 -19.60
C PHE D 339 -46.86 -3.14 -18.34
N ASP D 340 -46.99 -4.40 -17.92
CA ASP D 340 -47.69 -4.76 -16.69
C ASP D 340 -46.79 -4.64 -15.45
N VAL D 341 -45.46 -4.66 -15.63
CA VAL D 341 -44.57 -4.29 -14.54
C VAL D 341 -43.41 -3.45 -15.09
N ILE D 342 -43.01 -2.43 -14.32
CA ILE D 342 -41.79 -1.70 -14.60
C ILE D 342 -40.88 -1.79 -13.38
N GLU D 343 -39.74 -2.47 -13.54
CA GLU D 343 -38.70 -2.49 -12.54
C GLU D 343 -37.71 -1.38 -12.91
N LEU D 344 -37.85 -0.26 -12.19
CA LEU D 344 -36.97 0.88 -12.42
C LEU D 344 -35.99 0.93 -11.25
N ASN D 345 -34.72 0.83 -11.59
CA ASN D 345 -33.65 0.82 -10.61
C ASN D 345 -33.74 2.09 -9.75
N GLU D 346 -33.61 1.92 -8.43
CA GLU D 346 -33.68 3.05 -7.51
C GLU D 346 -32.29 3.41 -6.99
N ALA D 347 -31.39 3.82 -7.90
CA ALA D 347 -30.10 4.35 -7.46
C ALA D 347 -30.32 5.55 -6.51
N PHE D 348 -31.24 6.45 -6.89
CA PHE D 348 -31.68 7.55 -6.03
C PHE D 348 -33.13 7.90 -6.37
N ALA D 349 -33.90 8.27 -5.35
CA ALA D 349 -35.28 8.70 -5.52
C ALA D 349 -35.35 9.83 -6.55
N SER D 350 -34.38 10.77 -6.50
CA SER D 350 -34.39 11.93 -7.39
C SER D 350 -34.46 11.54 -8.86
N GLN D 351 -33.57 10.61 -9.28
CA GLN D 351 -33.52 10.16 -10.66
C GLN D 351 -34.65 9.17 -10.98
N GLY D 352 -35.02 8.30 -10.02
CA GLY D 352 -36.18 7.47 -10.25
C GLY D 352 -37.41 8.28 -10.65
N LEU D 353 -37.71 9.30 -9.83
CA LEU D 353 -38.83 10.19 -10.07
C LEU D 353 -38.65 10.92 -11.40
N ALA D 354 -37.44 11.40 -11.68
CA ALA D 354 -37.20 12.20 -12.88
C ALA D 354 -37.42 11.35 -14.16
N VAL D 355 -36.99 10.09 -14.13
CA VAL D 355 -37.23 9.16 -15.23
C VAL D 355 -38.75 8.97 -15.44
N LEU D 356 -39.47 8.63 -14.35
CA LEU D 356 -40.90 8.37 -14.46
C LEU D 356 -41.60 9.57 -15.11
N ARG D 357 -41.20 10.78 -14.71
CA ARG D 357 -41.89 11.99 -15.16
C ARG D 357 -41.60 12.23 -16.64
N GLU D 358 -40.32 12.09 -17.05
CA GLU D 358 -39.96 12.15 -18.46
C GLU D 358 -40.77 11.16 -19.31
N LEU D 359 -41.04 9.96 -18.76
CA LEU D 359 -41.69 8.89 -19.51
C LEU D 359 -43.22 8.98 -19.42
N GLY D 360 -43.76 9.93 -18.64
CA GLY D 360 -45.19 10.14 -18.52
C GLY D 360 -45.86 9.08 -17.64
N VAL D 361 -45.08 8.46 -16.74
CA VAL D 361 -45.62 7.53 -15.75
C VAL D 361 -45.74 8.22 -14.39
N ALA D 362 -46.89 8.04 -13.71
CA ALA D 362 -47.11 8.66 -12.40
C ALA D 362 -46.03 8.26 -11.37
N ASP D 363 -45.68 9.18 -10.49
CA ASP D 363 -44.66 8.94 -9.47
C ASP D 363 -44.93 7.68 -8.63
N ASP D 364 -46.20 7.31 -8.50
CA ASP D 364 -46.64 6.22 -7.62
C ASP D 364 -47.39 5.17 -8.44
N ALA D 365 -47.17 5.13 -9.77
CA ALA D 365 -48.00 4.28 -10.60
C ALA D 365 -47.96 2.84 -10.07
N PRO D 366 -49.07 2.08 -10.08
CA PRO D 366 -49.10 0.79 -9.38
C PRO D 366 -48.16 -0.26 -9.98
N GLN D 367 -47.80 -0.13 -11.26
CA GLN D 367 -47.00 -1.14 -11.93
C GLN D 367 -45.50 -0.91 -11.73
N VAL D 368 -45.09 0.19 -11.08
CA VAL D 368 -43.67 0.48 -10.94
C VAL D 368 -43.23 -0.06 -9.59
N ASN D 369 -42.16 -0.86 -9.59
CA ASN D 369 -41.53 -1.28 -8.33
C ASN D 369 -42.60 -1.70 -7.30
N PRO D 370 -43.52 -2.64 -7.65
CA PRO D 370 -44.62 -3.04 -6.77
C PRO D 370 -44.18 -3.72 -5.47
N ASN D 371 -42.93 -4.20 -5.46
CA ASN D 371 -42.37 -4.85 -4.28
C ASN D 371 -41.21 -4.03 -3.72
N GLY D 372 -41.15 -2.75 -4.07
CA GLY D 372 -40.04 -1.91 -3.65
C GLY D 372 -38.79 -2.12 -4.52
N GLY D 373 -37.72 -1.40 -4.17
CA GLY D 373 -36.51 -1.43 -4.97
C GLY D 373 -35.27 -1.12 -4.15
N ALA D 374 -34.23 -0.67 -4.85
CA ALA D 374 -32.89 -0.61 -4.30
C ALA D 374 -32.80 0.34 -3.11
N ILE D 375 -33.73 1.28 -2.96
CA ILE D 375 -33.68 2.07 -1.72
C ILE D 375 -33.84 1.15 -0.51
N ALA D 376 -34.74 0.18 -0.61
CA ALA D 376 -34.97 -0.78 0.47
C ALA D 376 -33.98 -1.94 0.42
N LEU D 377 -33.74 -2.43 -0.80
CA LEU D 377 -33.12 -3.72 -0.97
C LEU D 377 -31.60 -3.58 -1.06
N GLY D 378 -31.09 -2.40 -1.42
CA GLY D 378 -29.66 -2.28 -1.68
C GLY D 378 -29.33 -2.60 -3.14
N ALA D 379 -28.09 -2.38 -3.57
CA ALA D 379 -27.75 -2.50 -4.98
C ALA D 379 -26.27 -2.84 -5.19
N PRO D 380 -25.86 -4.12 -5.02
CA PRO D 380 -24.52 -4.55 -5.42
C PRO D 380 -24.41 -4.41 -6.94
N LEU D 381 -23.57 -3.47 -7.40
CA LEU D 381 -23.67 -2.96 -8.77
C LEU D 381 -23.88 -4.11 -9.77
N GLY D 382 -22.96 -5.07 -9.78
CA GLY D 382 -22.94 -6.17 -10.73
C GLY D 382 -24.16 -7.09 -10.68
N MET D 383 -24.80 -7.16 -9.51
CA MET D 383 -25.95 -8.03 -9.30
C MET D 383 -27.28 -7.36 -9.72
N SER D 384 -27.41 -6.05 -9.46
N SER D 384 -27.42 -6.07 -9.42
CA SER D 384 -28.70 -5.36 -9.49
CA SER D 384 -28.69 -5.36 -9.51
C SER D 384 -29.45 -5.53 -10.82
C SER D 384 -29.43 -5.64 -10.82
N GLY D 385 -28.70 -5.54 -11.94
CA GLY D 385 -29.30 -5.66 -13.26
C GLY D 385 -29.89 -7.06 -13.51
N ALA D 386 -29.19 -8.09 -13.02
CA ALA D 386 -29.75 -9.44 -13.10
C ALA D 386 -30.96 -9.55 -12.15
N ARG D 387 -30.87 -8.94 -10.96
CA ARG D 387 -32.01 -8.98 -10.03
C ARG D 387 -33.27 -8.35 -10.64
N LEU D 388 -33.14 -7.18 -11.29
CA LEU D 388 -34.29 -6.48 -11.82
C LEU D 388 -35.02 -7.36 -12.84
N VAL D 389 -34.26 -8.06 -13.71
CA VAL D 389 -34.84 -8.89 -14.74
C VAL D 389 -35.60 -10.06 -14.08
N LEU D 390 -34.96 -10.68 -13.08
CA LEU D 390 -35.60 -11.87 -12.54
C LEU D 390 -36.84 -11.52 -11.73
N THR D 391 -36.82 -10.40 -11.02
CA THR D 391 -37.92 -10.01 -10.15
C THR D 391 -39.11 -9.50 -10.97
N ALA D 392 -38.83 -8.82 -12.09
CA ALA D 392 -39.86 -8.44 -13.04
C ALA D 392 -40.61 -9.70 -13.46
N LEU D 393 -39.87 -10.72 -13.89
CA LEU D 393 -40.48 -11.98 -14.32
C LEU D 393 -41.32 -12.59 -13.19
N HIS D 394 -40.73 -12.69 -11.99
CA HIS D 394 -41.41 -13.19 -10.81
C HIS D 394 -42.73 -12.42 -10.57
N GLN D 395 -42.64 -11.08 -10.61
CA GLN D 395 -43.83 -10.25 -10.41
C GLN D 395 -44.91 -10.56 -11.47
N LEU D 396 -44.51 -10.78 -12.73
CA LEU D 396 -45.48 -11.03 -13.80
C LEU D 396 -46.21 -12.34 -13.52
N GLU D 397 -45.45 -13.33 -13.02
CA GLU D 397 -46.05 -14.63 -12.68
C GLU D 397 -47.07 -14.50 -11.56
N LYS D 398 -46.72 -13.83 -10.46
CA LYS D 398 -47.62 -13.71 -9.33
C LYS D 398 -48.89 -12.92 -9.69
N SER D 399 -48.74 -11.85 -10.49
CA SER D 399 -49.82 -10.93 -10.81
C SER D 399 -50.59 -11.36 -12.06
N GLY D 400 -50.05 -12.29 -12.86
CA GLY D 400 -50.68 -12.68 -14.12
C GLY D 400 -50.54 -11.62 -15.23
N GLY D 401 -49.60 -10.67 -15.07
CA GLY D 401 -49.24 -9.71 -16.10
C GLY D 401 -48.52 -10.37 -17.27
N ARG D 402 -48.42 -9.64 -18.39
CA ARG D 402 -47.93 -10.15 -19.64
C ARG D 402 -46.52 -9.61 -19.94
N LYS D 403 -46.40 -8.28 -20.18
CA LYS D 403 -45.11 -7.72 -20.54
C LYS D 403 -44.45 -6.99 -19.36
N GLY D 404 -43.10 -7.11 -19.30
CA GLY D 404 -42.36 -6.48 -18.22
C GLY D 404 -41.18 -5.70 -18.78
N LEU D 405 -40.90 -4.55 -18.15
CA LEU D 405 -39.78 -3.71 -18.54
C LEU D 405 -38.88 -3.55 -17.32
N ALA D 406 -37.57 -3.84 -17.50
CA ALA D 406 -36.57 -3.53 -16.47
C ALA D 406 -35.59 -2.53 -17.03
N THR D 407 -35.25 -1.50 -16.23
CA THR D 407 -34.39 -0.44 -16.72
C THR D 407 -33.57 0.16 -15.58
N MET D 408 -32.32 0.52 -15.90
CA MET D 408 -31.51 1.17 -14.87
C MET D 408 -30.55 2.20 -15.43
N VAL D 410 -26.65 4.33 -15.10
CA VAL D 410 -25.27 3.88 -15.21
C VAL D 410 -24.37 5.09 -14.93
N GLY D 411 -23.42 4.89 -14.01
CA GLY D 411 -22.37 5.86 -13.76
C GLY D 411 -21.75 6.32 -15.08
N VAL D 412 -21.39 7.61 -15.10
CA VAL D 412 -20.72 8.26 -16.21
C VAL D 412 -21.69 8.37 -17.38
N GLY D 413 -23.00 8.29 -17.07
CA GLY D 413 -24.04 8.76 -17.98
C GLY D 413 -24.52 7.73 -19.02
N GLN D 414 -25.14 6.64 -18.54
CA GLN D 414 -25.84 5.74 -19.45
C GLN D 414 -27.13 5.20 -18.84
N GLY D 415 -27.96 4.58 -19.71
CA GLY D 415 -29.10 3.78 -19.31
C GLY D 415 -29.14 2.46 -20.09
N LEU D 416 -29.75 1.46 -19.46
CA LEU D 416 -29.98 0.18 -20.12
C LEU D 416 -31.43 -0.23 -19.89
N ALA D 417 -32.05 -0.83 -20.90
CA ALA D 417 -33.45 -1.26 -20.77
C ALA D 417 -33.63 -2.65 -21.39
N LEU D 418 -34.42 -3.51 -20.75
CA LEU D 418 -34.67 -4.87 -21.24
C LEU D 418 -36.14 -5.26 -21.00
N ALA D 419 -36.76 -5.79 -22.06
CA ALA D 419 -38.19 -6.10 -22.03
C ALA D 419 -38.34 -7.62 -22.17
N ILE D 420 -39.34 -8.17 -21.46
CA ILE D 420 -39.62 -9.61 -21.47
C ILE D 420 -41.13 -9.79 -21.62
N GLU D 421 -41.55 -11.02 -21.92
CA GLU D 421 -42.97 -11.30 -21.98
C GLU D 421 -43.20 -12.69 -21.42
N ARG D 422 -44.06 -12.79 -20.41
CA ARG D 422 -44.32 -14.07 -19.76
C ARG D 422 -44.96 -15.00 -20.80
N VAL D 423 -44.55 -16.28 -20.81
CA VAL D 423 -45.03 -17.30 -21.75
C VAL D 423 -46.54 -17.59 -21.54
#